data_3EB7
#
_entry.id   3EB7
#
_cell.length_a   407.282
_cell.length_b   47.956
_cell.length_c   103.121
_cell.angle_alpha   90.00
_cell.angle_beta   91.12
_cell.angle_gamma   90.00
#
_symmetry.space_group_name_H-M   'C 1 2 1'
#
loop_
_entity.id
_entity.type
_entity.pdbx_description
1 polymer 'Insecticidal Delta-Endotoxin Cry8Ea1'
2 non-polymer 'SULFATE ION'
3 non-polymer 'ACETATE ION'
4 water water
#
_entity_poly.entity_id   1
_entity_poly.type   'polypeptide(L)'
_entity_poly.pdbx_seq_one_letter_code
;ISERDAVKTAISLVGTILGKLGVPLVGPIVSLYSTLIDVLWPGGKSQWEIFMEQVEALINQKIAEYARAKALAELEGLGN
NYQLYLTALEEWQENPSSTRVLRDVRNRFEILDSLFTQYMPSFRVTGYEVPLLSVYAQAANLHLLLLKDASIFGEEWGFS
TTAINNYYNRQMSLIAQYSDHCVQWYRTGLDRLKGSNAKQWVEYNRFRREMTLSVLDIMTLFPMYDMRTYPMETKAQLTR
EVYTDPIGAIGAQGSWYDSAPSFNTLESTFIRGKHLFDFITRLSIYTGRSSFSASNYLKKWIGHQISSQPIGGSIQTQTY
GTTSGSSVIATQQIGFTGFDVYKTLSTAGVLFAYTSKYYGVSKVVFDAIYPDNKYKTTFTYNPGSEGIGAQEKDSEVELP
PETLDQPNYEAYSHRLNYVTFIRNPDVPVFSWTHRSADRTNTVYSDKITQIPVVKASDGPKPSANEVGHYLGGDPISFNS
SGSTGVIRLNINSPLSQKYRVRIRYCSSVDFDLDVVRGGTTVNNGRFNKSAPNVGWQSLKYENFKFASFSTPFTFNQAQD
TLKISVRNFSSIVGGSVVYIDRIELIPVN
;
_entity_poly.pdbx_strand_id   A,B,C
#
# COMPACT_ATOMS: atom_id res chain seq x y z
N ILE A 1 5.22 -3.06 -19.80
CA ILE A 1 5.63 -1.69 -19.30
C ILE A 1 7.16 -1.54 -19.37
N SER A 2 7.55 -0.37 -19.82
CA SER A 2 8.93 -0.02 -20.04
C SER A 2 9.81 -0.08 -18.78
N GLU A 3 9.23 0.26 -17.63
CA GLU A 3 9.93 0.24 -16.33
C GLU A 3 10.48 -1.15 -16.02
N ARG A 4 9.61 -2.17 -16.03
CA ARG A 4 9.98 -3.60 -15.82
C ARG A 4 11.07 -4.04 -16.74
N ASP A 5 10.89 -3.74 -18.02
CA ASP A 5 11.88 -4.02 -19.09
C ASP A 5 13.24 -3.36 -18.84
N ALA A 6 13.22 -2.05 -18.54
CA ALA A 6 14.45 -1.26 -18.28
C ALA A 6 15.23 -1.79 -17.07
N VAL A 7 14.50 -2.14 -16.04
CA VAL A 7 15.07 -2.62 -14.79
C VAL A 7 15.62 -4.02 -14.99
N LYS A 8 14.90 -4.78 -15.83
CA LYS A 8 15.35 -6.09 -16.22
C LYS A 8 16.69 -5.96 -16.94
N THR A 9 16.79 -5.02 -17.86
CA THR A 9 18.01 -4.79 -18.64
C THR A 9 19.18 -4.37 -17.76
N ALA A 10 18.94 -3.38 -16.92
CA ALA A 10 19.93 -2.81 -16.05
C ALA A 10 20.45 -3.83 -15.04
N ILE A 11 19.55 -4.65 -14.49
CA ILE A 11 19.99 -5.68 -13.51
C ILE A 11 20.85 -6.73 -14.17
N SER A 12 20.44 -7.13 -15.38
CA SER A 12 21.16 -8.12 -16.16
C SER A 12 22.58 -7.63 -16.52
N LEU A 13 22.67 -6.35 -16.91
CA LEU A 13 23.92 -5.73 -17.28
C LEU A 13 24.84 -5.66 -16.11
N VAL A 14 24.38 -5.22 -14.93
CA VAL A 14 25.29 -5.20 -13.77
C VAL A 14 25.73 -6.60 -13.34
N GLY A 15 24.84 -7.57 -13.47
CA GLY A 15 25.22 -8.95 -13.20
C GLY A 15 26.28 -9.50 -14.13
N THR A 16 26.21 -9.14 -15.40
CA THR A 16 27.19 -9.62 -16.36
C THR A 16 28.57 -9.02 -16.10
N ILE A 17 28.60 -7.70 -15.96
CA ILE A 17 29.84 -6.98 -15.68
C ILE A 17 30.48 -7.41 -14.33
N LEU A 18 29.66 -7.62 -13.31
CA LEU A 18 30.16 -8.03 -12.02
C LEU A 18 30.93 -9.35 -12.15
N GLY A 19 30.52 -10.21 -13.08
CA GLY A 19 31.17 -11.51 -13.32
C GLY A 19 32.50 -11.42 -14.06
N LYS A 20 32.73 -10.29 -14.75
CA LYS A 20 33.99 -10.05 -15.47
C LYS A 20 34.89 -8.96 -14.86
N LEU A 21 34.55 -8.46 -13.68
CA LEU A 21 35.25 -7.32 -13.10
C LEU A 21 36.76 -7.59 -12.96
N GLY A 22 37.57 -6.69 -13.53
CA GLY A 22 39.04 -6.78 -13.46
C GLY A 22 39.73 -7.81 -14.35
N VAL A 23 38.96 -8.54 -15.15
CA VAL A 23 39.59 -9.56 -16.02
C VAL A 23 40.34 -8.90 -17.18
N PRO A 24 41.64 -9.23 -17.36
CA PRO A 24 42.42 -8.60 -18.45
C PRO A 24 42.51 -9.38 -19.76
N LEU A 25 42.04 -10.63 -19.78
CA LEU A 25 42.16 -11.55 -20.94
C LEU A 25 41.16 -11.21 -22.08
N VAL A 26 41.64 -11.27 -23.34
CA VAL A 26 40.83 -10.94 -24.53
C VAL A 26 39.58 -11.82 -24.73
N GLY A 27 39.67 -13.10 -24.38
CA GLY A 27 38.54 -14.04 -24.56
C GLY A 27 37.28 -13.61 -23.81
N PRO A 28 37.38 -13.44 -22.47
CA PRO A 28 36.31 -12.88 -21.63
C PRO A 28 35.75 -11.53 -22.11
N ILE A 29 36.64 -10.63 -22.58
CA ILE A 29 36.26 -9.31 -23.04
C ILE A 29 35.44 -9.37 -24.33
N VAL A 30 35.78 -10.30 -25.22
CA VAL A 30 35.02 -10.46 -26.47
C VAL A 30 33.63 -11.02 -26.18
N SER A 31 33.60 -12.02 -25.30
CA SER A 31 32.41 -12.63 -24.79
C SER A 31 31.46 -11.63 -24.07
N LEU A 32 32.04 -10.73 -23.29
CA LEU A 32 31.33 -9.66 -22.60
C LEU A 32 30.67 -8.69 -23.57
N TYR A 33 31.42 -8.16 -24.53
CA TYR A 33 30.90 -7.29 -25.60
C TYR A 33 29.80 -7.95 -26.41
N SER A 34 29.98 -9.24 -26.67
CA SER A 34 28.93 -10.02 -27.33
C SER A 34 27.58 -9.99 -26.54
N THR A 35 27.65 -10.23 -25.25
CA THR A 35 26.50 -10.13 -24.35
C THR A 35 25.97 -8.70 -24.30
N LEU A 36 26.84 -7.71 -24.06
CA LEU A 36 26.42 -6.30 -23.96
C LEU A 36 25.69 -5.80 -25.21
N ILE A 37 26.28 -6.08 -26.38
CA ILE A 37 25.67 -5.75 -27.67
C ILE A 37 24.32 -6.43 -27.92
N ASP A 38 24.18 -7.70 -27.51
CA ASP A 38 22.89 -8.40 -27.59
C ASP A 38 21.80 -7.75 -26.77
N VAL A 39 22.16 -7.28 -25.58
CA VAL A 39 21.20 -6.72 -24.65
C VAL A 39 20.83 -5.31 -25.11
N LEU A 40 21.83 -4.51 -25.46
CA LEU A 40 21.61 -3.10 -25.78
C LEU A 40 21.15 -2.85 -27.22
N TRP A 41 21.48 -3.75 -28.12
CA TRP A 41 21.03 -3.63 -29.51
C TRP A 41 20.44 -4.97 -29.97
N PRO A 42 19.22 -5.29 -29.48
CA PRO A 42 18.59 -6.55 -29.89
C PRO A 42 18.04 -6.51 -31.34
N GLY A 43 17.94 -5.32 -31.93
CA GLY A 43 17.45 -5.18 -33.31
C GLY A 43 15.94 -5.05 -33.45
N GLY A 44 15.50 -4.34 -34.49
CA GLY A 44 14.08 -4.12 -34.77
C GLY A 44 13.32 -3.16 -33.86
N LYS A 45 14.02 -2.61 -32.87
CA LYS A 45 13.40 -1.85 -31.74
C LYS A 45 14.54 -1.21 -30.92
N SER A 46 14.33 0.04 -30.48
CA SER A 46 15.36 0.70 -29.70
C SER A 46 15.26 0.31 -28.25
N GLN A 47 16.30 -0.36 -27.76
CA GLN A 47 16.35 -0.68 -26.32
C GLN A 47 16.60 0.61 -25.50
N TRP A 48 17.24 1.61 -26.11
CA TRP A 48 17.44 2.91 -25.44
C TRP A 48 16.16 3.75 -25.23
N GLU A 49 15.19 3.60 -26.14
CA GLU A 49 13.88 4.25 -26.01
C GLU A 49 13.19 3.74 -24.75
N ILE A 50 13.33 2.44 -24.45
CA ILE A 50 12.85 1.88 -23.18
C ILE A 50 13.43 2.54 -21.89
N PHE A 51 14.71 2.88 -21.89
CA PHE A 51 15.34 3.66 -20.82
C PHE A 51 14.74 5.05 -20.64
N MET A 52 14.38 5.68 -21.77
CA MET A 52 13.76 6.99 -21.73
C MET A 52 12.34 6.90 -21.20
N GLU A 53 11.58 5.96 -21.72
CA GLU A 53 10.21 5.72 -21.25
C GLU A 53 10.15 5.42 -19.76
N GLN A 54 11.10 4.65 -19.27
CA GLN A 54 11.20 4.37 -17.84
C GLN A 54 11.22 5.65 -16.99
N VAL A 55 12.20 6.52 -17.21
CA VAL A 55 12.40 7.65 -16.31
C VAL A 55 11.29 8.69 -16.56
N GLU A 56 10.83 8.83 -17.81
CA GLU A 56 9.66 9.68 -18.11
C GLU A 56 8.42 9.24 -17.32
N ALA A 57 8.17 7.94 -17.27
CA ALA A 57 7.09 7.39 -16.43
C ALA A 57 7.32 7.66 -14.90
N LEU A 58 8.55 7.57 -14.41
CA LEU A 58 8.86 7.70 -12.97
C LEU A 58 8.66 9.14 -12.48
N ILE A 59 8.98 10.09 -13.34
CA ILE A 59 8.93 11.50 -13.00
C ILE A 59 7.76 12.27 -13.62
N ASN A 60 7.07 11.66 -14.58
CA ASN A 60 5.94 12.28 -15.24
C ASN A 60 6.35 13.53 -16.00
N GLN A 61 7.49 13.46 -16.68
CA GLN A 61 7.91 14.50 -17.63
C GLN A 61 8.14 13.85 -18.99
N LYS A 62 8.04 14.66 -20.05
CA LYS A 62 8.14 14.19 -21.42
C LYS A 62 9.41 14.79 -21.98
N ILE A 63 10.25 13.98 -22.62
CA ILE A 63 11.45 14.49 -23.29
C ILE A 63 10.95 15.14 -24.58
N ALA A 64 11.47 16.33 -24.91
CA ALA A 64 11.11 17.00 -26.16
C ALA A 64 11.49 16.09 -27.33
N GLU A 65 10.64 16.11 -28.36
CA GLU A 65 10.77 15.28 -29.57
C GLU A 65 12.13 15.39 -30.25
N TYR A 66 12.62 16.62 -30.35
CA TYR A 66 13.87 16.87 -30.98
C TYR A 66 14.96 16.14 -30.24
N ALA A 67 15.00 16.30 -28.90
CA ALA A 67 16.00 15.65 -28.04
C ALA A 67 15.87 14.11 -28.07
N ARG A 68 14.65 13.59 -28.07
CA ARG A 68 14.45 12.15 -28.18
C ARG A 68 14.97 11.60 -29.52
N ALA A 69 14.50 12.22 -30.61
CA ALA A 69 14.84 11.79 -31.99
C ALA A 69 16.35 11.70 -32.21
N LYS A 70 17.06 12.74 -31.79
CA LYS A 70 18.52 12.80 -31.95
C LYS A 70 19.28 11.75 -31.15
N ALA A 71 19.02 11.65 -29.85
CA ALA A 71 19.64 10.61 -29.00
C ALA A 71 19.39 9.20 -29.58
N LEU A 72 18.16 8.92 -29.99
CA LEU A 72 17.82 7.63 -30.60
C LEU A 72 18.60 7.32 -31.87
N ALA A 73 18.78 8.33 -32.71
CA ALA A 73 19.58 8.17 -33.94
C ALA A 73 21.05 7.94 -33.67
N GLU A 74 21.59 8.74 -32.75
CA GLU A 74 22.98 8.60 -32.29
C GLU A 74 23.24 7.26 -31.62
N LEU A 75 22.31 6.81 -30.79
CA LEU A 75 22.47 5.50 -30.11
C LEU A 75 22.35 4.31 -31.06
N GLU A 76 21.54 4.46 -32.11
CA GLU A 76 21.38 3.36 -33.07
C GLU A 76 22.64 3.24 -33.90
N GLY A 77 23.16 4.37 -34.40
CA GLY A 77 24.47 4.43 -35.08
C GLY A 77 25.68 3.98 -34.28
N LEU A 78 25.66 4.18 -32.97
CA LEU A 78 26.72 3.72 -32.07
C LEU A 78 26.66 2.19 -31.98
N GLY A 79 25.44 1.66 -32.05
CA GLY A 79 25.21 0.24 -32.09
C GLY A 79 25.76 -0.42 -33.32
N ASN A 80 25.52 0.19 -34.48
CA ASN A 80 26.08 -0.32 -35.74
C ASN A 80 27.60 -0.32 -35.70
N ASN A 81 28.17 0.75 -35.15
CA ASN A 81 29.63 0.86 -34.98
C ASN A 81 30.21 -0.09 -33.94
N TYR A 82 29.42 -0.45 -32.94
CA TYR A 82 29.78 -1.48 -31.99
C TYR A 82 29.84 -2.90 -32.57
N GLN A 83 28.95 -3.24 -33.52
CA GLN A 83 29.02 -4.53 -34.21
C GLN A 83 30.34 -4.70 -34.98
N LEU A 84 30.73 -3.63 -35.67
CA LEU A 84 31.96 -3.57 -36.44
C LEU A 84 33.20 -3.65 -35.54
N TYR A 85 33.16 -3.01 -34.38
CA TYR A 85 34.22 -3.13 -33.38
C TYR A 85 34.27 -4.55 -32.83
N LEU A 86 33.13 -5.13 -32.50
CA LEU A 86 33.13 -6.55 -32.10
C LEU A 86 33.71 -7.48 -33.19
N THR A 87 33.31 -7.27 -34.44
CA THR A 87 33.81 -8.12 -35.52
C THR A 87 35.33 -7.92 -35.72
N ALA A 88 35.80 -6.68 -35.58
CA ALA A 88 37.23 -6.36 -35.64
C ALA A 88 38.05 -6.96 -34.46
N LEU A 89 37.45 -7.03 -33.26
CA LEU A 89 38.04 -7.75 -32.13
C LEU A 89 38.09 -9.26 -32.37
N GLU A 90 37.09 -9.81 -33.05
CA GLU A 90 37.05 -11.25 -33.27
C GLU A 90 38.08 -11.63 -34.30
N GLU A 91 38.22 -10.79 -35.34
CA GLU A 91 39.22 -11.02 -36.37
C GLU A 91 40.64 -10.67 -35.93
N TRP A 92 40.79 -9.83 -34.91
CA TRP A 92 42.08 -9.62 -34.26
C TRP A 92 42.47 -10.83 -33.43
N GLN A 93 41.54 -11.33 -32.61
CA GLN A 93 41.79 -12.42 -31.67
C GLN A 93 42.30 -13.68 -32.36
N GLU A 94 42.04 -13.82 -33.67
CA GLU A 94 42.48 -15.03 -34.36
C GLU A 94 43.46 -14.82 -35.53
N ASN A 95 43.85 -13.56 -35.74
CA ASN A 95 44.93 -13.18 -36.68
C ASN A 95 45.67 -11.95 -36.12
N PRO A 96 46.37 -12.15 -34.97
CA PRO A 96 46.85 -11.01 -34.16
C PRO A 96 48.05 -10.28 -34.75
N SER A 97 48.79 -10.96 -35.63
CA SER A 97 50.03 -10.43 -36.18
C SER A 97 49.79 -9.65 -37.48
N SER A 98 48.65 -9.88 -38.12
CA SER A 98 48.26 -9.16 -39.34
C SER A 98 48.19 -7.66 -39.10
N THR A 99 48.76 -6.87 -39.99
CA THR A 99 48.79 -5.44 -39.84
C THR A 99 47.46 -4.78 -40.24
N ARG A 100 46.79 -5.39 -41.23
CA ARG A 100 45.48 -4.96 -41.74
C ARG A 100 44.47 -5.04 -40.61
N VAL A 101 44.50 -6.17 -39.91
CA VAL A 101 43.66 -6.47 -38.76
C VAL A 101 43.89 -5.52 -37.57
N LEU A 102 45.15 -5.18 -37.26
CA LEU A 102 45.45 -4.31 -36.12
C LEU A 102 44.98 -2.91 -36.39
N ARG A 103 45.15 -2.47 -37.64
CA ARG A 103 44.71 -1.17 -38.09
C ARG A 103 43.19 -1.09 -38.00
N ASP A 104 42.52 -2.22 -38.29
CA ASP A 104 41.07 -2.29 -38.30
C ASP A 104 40.46 -2.14 -36.93
N VAL A 105 40.96 -2.91 -35.96
CA VAL A 105 40.51 -2.87 -34.57
C VAL A 105 40.82 -1.51 -33.93
N ARG A 106 42.01 -0.99 -34.17
CA ARG A 106 42.40 0.30 -33.65
C ARG A 106 41.47 1.39 -34.21
N ASN A 107 41.25 1.34 -35.52
CA ASN A 107 40.37 2.27 -36.23
C ASN A 107 38.91 2.22 -35.74
N ARG A 108 38.39 1.04 -35.43
CA ARG A 108 37.01 0.91 -34.98
C ARG A 108 36.83 1.51 -33.57
N PHE A 109 37.86 1.32 -32.75
CA PHE A 109 37.94 1.76 -31.38
C PHE A 109 37.97 3.29 -31.34
N GLU A 110 38.76 3.88 -32.24
CA GLU A 110 38.90 5.33 -32.30
C GLU A 110 37.63 5.95 -32.81
N ILE A 111 36.95 5.25 -33.70
CA ILE A 111 35.64 5.72 -34.17
C ILE A 111 34.62 5.71 -33.02
N LEU A 112 34.65 4.67 -32.19
CA LEU A 112 33.72 4.64 -31.04
C LEU A 112 34.02 5.76 -30.07
N ASP A 113 35.28 5.92 -29.70
CA ASP A 113 35.69 6.90 -28.71
C ASP A 113 35.26 8.29 -29.21
N SER A 114 35.52 8.53 -30.46
CA SER A 114 35.15 9.80 -31.07
C SER A 114 33.65 10.09 -31.03
N LEU A 115 32.84 9.06 -31.26
CA LEU A 115 31.38 9.15 -31.22
C LEU A 115 30.86 9.39 -29.78
N PHE A 116 31.44 8.67 -28.83
CA PHE A 116 31.14 8.89 -27.43
C PHE A 116 31.38 10.32 -27.04
N THR A 117 32.56 10.84 -27.35
CA THR A 117 32.87 12.25 -27.10
C THR A 117 31.83 13.22 -27.71
N GLN A 118 31.39 12.96 -28.94
CA GLN A 118 30.42 13.83 -29.60
C GLN A 118 29.02 13.66 -29.05
N TYR A 119 28.66 12.45 -28.64
CA TYR A 119 27.25 12.14 -28.32
C TYR A 119 26.85 12.31 -26.84
N MET A 120 27.78 12.12 -25.91
CA MET A 120 27.44 12.23 -24.48
C MET A 120 26.59 13.46 -24.10
N PRO A 121 26.85 14.64 -24.72
CA PRO A 121 26.02 15.82 -24.39
C PRO A 121 24.55 15.68 -24.74
N SER A 122 24.24 14.81 -25.71
CA SER A 122 22.85 14.50 -26.09
C SER A 122 22.08 13.73 -25.02
N PHE A 123 22.79 13.09 -24.09
CA PHE A 123 22.19 12.32 -23.01
C PHE A 123 22.05 13.13 -21.69
N ARG A 124 22.28 14.44 -21.78
CA ARG A 124 22.11 15.31 -20.62
C ARG A 124 21.71 16.69 -21.10
N VAL A 125 20.81 16.70 -22.09
CA VAL A 125 20.25 17.95 -22.62
C VAL A 125 19.63 18.75 -21.46
N THR A 126 19.96 20.05 -21.43
CA THR A 126 19.52 20.99 -20.39
C THR A 126 18.01 20.97 -20.28
N GLY A 127 17.49 20.75 -19.07
CA GLY A 127 16.04 20.58 -18.83
C GLY A 127 15.57 19.13 -18.84
N TYR A 128 16.45 18.19 -19.24
CA TYR A 128 16.11 16.76 -19.46
C TYR A 128 17.14 15.82 -18.89
N GLU A 129 18.02 16.33 -18.04
CA GLU A 129 19.08 15.53 -17.48
C GLU A 129 18.55 14.31 -16.73
N VAL A 130 17.44 14.48 -16.01
CA VAL A 130 16.78 13.40 -15.28
C VAL A 130 16.08 12.36 -16.21
N PRO A 131 15.10 12.81 -17.02
CA PRO A 131 14.48 11.75 -17.84
C PRO A 131 15.49 10.97 -18.73
N LEU A 132 16.65 11.59 -19.02
CA LEU A 132 17.70 10.95 -19.83
C LEU A 132 18.80 10.26 -19.01
N LEU A 133 18.63 10.20 -17.69
CA LEU A 133 19.68 9.69 -16.77
C LEU A 133 20.01 8.21 -16.94
N SER A 134 19.00 7.35 -17.06
CA SER A 134 19.32 5.92 -17.31
C SER A 134 20.01 5.66 -18.68
N VAL A 135 19.60 6.38 -19.75
CA VAL A 135 20.37 6.39 -21.00
C VAL A 135 21.82 6.83 -20.70
N TYR A 136 21.95 7.99 -20.05
CA TYR A 136 23.27 8.53 -19.74
C TYR A 136 24.17 7.53 -19.00
N ALA A 137 23.65 6.94 -17.93
CA ALA A 137 24.38 5.89 -17.15
C ALA A 137 24.85 4.67 -17.98
N GLN A 138 23.98 4.18 -18.84
CA GLN A 138 24.33 3.04 -19.67
C GLN A 138 25.32 3.42 -20.76
N ALA A 139 25.18 4.62 -21.35
CA ALA A 139 26.16 5.08 -22.35
C ALA A 139 27.55 5.38 -21.75
N ALA A 140 27.53 6.06 -20.60
CA ALA A 140 28.75 6.37 -19.83
C ALA A 140 29.48 5.06 -19.56
N ASN A 141 28.73 4.08 -19.03
CA ASN A 141 29.28 2.74 -18.74
C ASN A 141 30.04 2.17 -19.95
N LEU A 142 29.38 2.12 -21.10
CA LEU A 142 30.00 1.64 -22.32
C LEU A 142 31.30 2.37 -22.67
N HIS A 143 31.27 3.70 -22.53
CA HIS A 143 32.41 4.55 -22.87
C HIS A 143 33.63 4.26 -22.00
N LEU A 144 33.44 4.09 -20.70
CA LEU A 144 34.51 3.72 -19.79
C LEU A 144 35.05 2.29 -19.97
N LEU A 145 34.20 1.36 -20.41
CA LEU A 145 34.69 0.03 -20.72
C LEU A 145 35.56 0.03 -21.99
N LEU A 146 35.25 0.96 -22.89
CA LEU A 146 35.96 1.09 -24.16
C LEU A 146 37.37 1.60 -23.86
N LEU A 147 37.43 2.68 -23.10
CA LEU A 147 38.70 3.25 -22.66
C LEU A 147 39.57 2.23 -21.90
N LYS A 148 38.96 1.26 -21.24
CA LYS A 148 39.73 0.20 -20.59
C LYS A 148 40.40 -0.78 -21.59
N ASP A 149 39.79 -1.01 -22.73
CA ASP A 149 40.42 -1.79 -23.79
C ASP A 149 41.72 -1.15 -24.30
N ALA A 150 41.69 0.17 -24.43
CA ALA A 150 42.90 0.95 -24.70
C ALA A 150 44.01 0.64 -23.71
N SER A 151 43.67 0.43 -22.44
CA SER A 151 44.64 0.05 -21.41
C SER A 151 45.17 -1.36 -21.52
N ILE A 152 44.33 -2.30 -21.91
CA ILE A 152 44.74 -3.69 -22.03
C ILE A 152 45.36 -4.03 -23.39
N PHE A 153 44.93 -3.37 -24.45
CA PHE A 153 45.26 -3.78 -25.81
C PHE A 153 46.01 -2.71 -26.61
N GLY A 154 46.07 -1.50 -26.08
CA GLY A 154 46.64 -0.38 -26.80
C GLY A 154 48.04 -0.60 -27.33
N GLU A 155 48.94 -1.03 -26.48
CA GLU A 155 50.30 -1.27 -26.90
C GLU A 155 50.36 -2.33 -28.02
N GLU A 156 49.67 -3.45 -27.81
CA GLU A 156 49.44 -4.49 -28.83
C GLU A 156 48.98 -3.97 -30.20
N TRP A 157 48.11 -2.97 -30.21
CA TRP A 157 47.62 -2.35 -31.44
C TRP A 157 48.53 -1.26 -31.93
N GLY A 158 49.64 -1.03 -31.24
CA GLY A 158 50.62 -0.03 -31.68
C GLY A 158 50.34 1.43 -31.33
N PHE A 159 49.56 1.66 -30.28
CA PHE A 159 49.46 3.01 -29.75
C PHE A 159 50.78 3.37 -29.10
N SER A 160 51.14 4.65 -29.16
CA SER A 160 52.30 5.13 -28.45
C SER A 160 51.97 5.22 -26.96
N THR A 161 53.03 5.30 -26.18
CA THR A 161 52.91 5.53 -24.75
C THR A 161 52.13 6.83 -24.48
N THR A 162 52.38 7.88 -25.24
CA THR A 162 51.59 9.10 -25.13
C THR A 162 50.07 8.91 -25.33
N ALA A 163 49.64 8.29 -26.44
CA ALA A 163 48.23 7.96 -26.70
C ALA A 163 47.60 7.15 -25.56
N ILE A 164 48.29 6.10 -25.13
CA ILE A 164 47.85 5.20 -24.06
C ILE A 164 47.67 5.94 -22.74
N ASN A 165 48.66 6.77 -22.38
CA ASN A 165 48.52 7.61 -21.19
C ASN A 165 47.39 8.62 -21.30
N ASN A 166 47.22 9.22 -22.48
CA ASN A 166 46.11 10.15 -22.70
C ASN A 166 44.75 9.47 -22.48
N TYR A 167 44.61 8.24 -23.02
CA TYR A 167 43.40 7.44 -22.88
C TYR A 167 43.15 7.11 -21.41
N TYR A 168 44.22 6.74 -20.71
CA TYR A 168 44.13 6.46 -19.29
C TYR A 168 43.79 7.71 -18.46
N ASN A 169 44.40 8.85 -18.77
CA ASN A 169 44.07 10.06 -18.07
C ASN A 169 42.66 10.51 -18.37
N ARG A 170 42.21 10.33 -19.60
CA ARG A 170 40.82 10.67 -19.89
C ARG A 170 39.86 9.73 -19.17
N GLN A 171 40.19 8.44 -19.10
CA GLN A 171 39.34 7.49 -18.40
C GLN A 171 39.20 7.91 -16.94
N MET A 172 40.29 8.33 -16.29
CA MET A 172 40.21 8.80 -14.88
CA MET A 172 40.21 8.79 -14.87
C MET A 172 39.37 10.05 -14.75
N SER A 173 39.55 10.97 -15.69
CA SER A 173 38.77 12.17 -15.66
C SER A 173 37.27 11.85 -15.87
N LEU A 174 37.00 10.83 -16.66
CA LEU A 174 35.63 10.54 -17.07
C LEU A 174 34.90 9.69 -16.03
N ILE A 175 35.62 8.78 -15.38
CA ILE A 175 35.06 8.09 -14.21
C ILE A 175 34.49 9.12 -13.24
N ALA A 176 35.31 10.10 -12.88
CA ALA A 176 34.90 11.21 -11.98
C ALA A 176 33.69 11.94 -12.51
N GLN A 177 33.78 12.43 -13.73
CA GLN A 177 32.71 13.25 -14.31
C GLN A 177 31.37 12.49 -14.46
N TYR A 178 31.40 11.27 -15.01
CA TYR A 178 30.22 10.43 -15.16
C TYR A 178 29.65 10.01 -13.80
N SER A 179 30.50 9.71 -12.82
CA SER A 179 30.00 9.36 -11.50
C SER A 179 29.24 10.57 -10.92
N ASP A 180 29.85 11.74 -11.02
CA ASP A 180 29.29 12.97 -10.41
C ASP A 180 27.95 13.34 -11.03
N HIS A 181 27.86 13.28 -12.35
CA HIS A 181 26.62 13.56 -13.06
C HIS A 181 25.47 12.63 -12.60
N CYS A 182 25.74 11.33 -12.55
CA CYS A 182 24.81 10.31 -12.05
C CYS A 182 24.28 10.58 -10.62
N VAL A 183 25.18 10.73 -9.67
CA VAL A 183 24.81 10.94 -8.28
C VAL A 183 23.99 12.24 -8.17
N GLN A 184 24.50 13.31 -8.76
CA GLN A 184 23.83 14.61 -8.74
C GLN A 184 22.39 14.61 -9.24
N TRP A 185 22.19 14.14 -10.48
CA TRP A 185 20.86 14.06 -11.09
C TRP A 185 19.99 12.98 -10.50
N TYR A 186 20.60 11.92 -9.95
CA TYR A 186 19.84 10.99 -9.11
C TYR A 186 19.24 11.72 -7.90
N ARG A 187 20.04 12.52 -7.19
CA ARG A 187 19.56 13.28 -6.03
C ARG A 187 18.50 14.31 -6.39
N THR A 188 18.75 15.14 -7.39
CA THR A 188 17.77 16.11 -7.91
C THR A 188 16.48 15.40 -8.34
N GLY A 189 16.58 14.34 -9.15
CA GLY A 189 15.40 13.59 -9.56
C GLY A 189 14.54 13.14 -8.40
N LEU A 190 15.17 12.59 -7.39
CA LEU A 190 14.45 12.06 -6.24
C LEU A 190 13.87 13.22 -5.42
N ASP A 191 14.63 14.28 -5.24
CA ASP A 191 14.15 15.43 -4.45
C ASP A 191 12.93 16.11 -5.04
N ARG A 192 12.89 16.23 -6.37
CA ARG A 192 11.70 16.74 -7.08
C ARG A 192 10.45 15.91 -6.87
N LEU A 193 10.62 14.68 -6.37
CA LEU A 193 9.49 13.81 -6.10
C LEU A 193 9.03 13.85 -4.63
N LYS A 194 9.74 14.55 -3.75
CA LYS A 194 9.35 14.64 -2.33
C LYS A 194 7.99 15.34 -2.22
N GLY A 195 7.05 14.73 -1.52
CA GLY A 195 5.70 15.25 -1.43
C GLY A 195 5.20 15.30 -0.01
N SER A 196 3.89 15.24 0.16
CA SER A 196 3.29 15.31 1.46
C SER A 196 2.37 14.10 1.76
N ASN A 197 1.89 13.39 0.73
CA ASN A 197 0.97 12.28 0.99
C ASN A 197 1.55 10.90 0.67
N ALA A 198 0.80 9.85 1.00
CA ALA A 198 1.29 8.47 0.86
C ALA A 198 1.46 8.03 -0.61
N LYS A 199 0.64 8.54 -1.51
CA LYS A 199 0.71 8.22 -2.92
C LYS A 199 2.01 8.78 -3.45
N GLN A 200 2.31 10.04 -3.14
CA GLN A 200 3.59 10.63 -3.49
C GLN A 200 4.75 9.84 -2.90
N TRP A 201 4.63 9.35 -1.66
CA TRP A 201 5.70 8.53 -1.13
C TRP A 201 5.98 7.27 -2.01
N VAL A 202 4.91 6.57 -2.42
CA VAL A 202 5.06 5.40 -3.34
C VAL A 202 5.86 5.75 -4.61
N GLU A 203 5.57 6.91 -5.18
CA GLU A 203 6.24 7.40 -6.39
C GLU A 203 7.71 7.72 -6.14
N TYR A 204 7.94 8.38 -5.02
CA TYR A 204 9.28 8.80 -4.64
C TYR A 204 10.16 7.56 -4.40
N ASN A 205 9.63 6.62 -3.61
CA ASN A 205 10.33 5.39 -3.35
C ASN A 205 10.53 4.48 -4.59
N ARG A 206 9.60 4.50 -5.53
N ARG A 206 9.59 4.52 -5.53
CA ARG A 206 9.74 3.77 -6.80
CA ARG A 206 9.71 3.80 -6.79
C ARG A 206 10.91 4.34 -7.63
C ARG A 206 10.88 4.34 -7.63
N PHE A 207 11.06 5.67 -7.66
CA PHE A 207 12.18 6.32 -8.40
C PHE A 207 13.48 5.92 -7.71
N ARG A 208 13.54 6.09 -6.37
CA ARG A 208 14.64 5.62 -5.57
C ARG A 208 15.08 4.19 -5.85
N ARG A 209 14.15 3.24 -5.78
CA ARG A 209 14.52 1.84 -6.09
C ARG A 209 14.99 1.67 -7.56
N GLU A 210 14.18 2.13 -8.50
CA GLU A 210 14.47 1.88 -9.90
C GLU A 210 15.78 2.51 -10.35
N MET A 211 16.06 3.72 -9.88
CA MET A 211 17.29 4.42 -10.28
C MET A 211 18.53 4.00 -9.54
N THR A 212 18.39 3.44 -8.34
CA THR A 212 19.48 2.77 -7.70
C THR A 212 19.92 1.61 -8.59
N LEU A 213 18.93 0.80 -9.00
CA LEU A 213 19.14 -0.33 -9.91
C LEU A 213 19.69 0.08 -11.28
N SER A 214 19.11 1.12 -11.89
CA SER A 214 19.41 1.51 -13.29
C SER A 214 20.55 2.52 -13.47
N VAL A 215 20.99 3.15 -12.38
CA VAL A 215 21.91 4.25 -12.51
C VAL A 215 23.02 4.04 -11.50
N LEU A 216 22.68 4.12 -10.21
CA LEU A 216 23.65 3.98 -9.14
C LEU A 216 24.46 2.70 -9.15
N ASP A 217 23.80 1.55 -9.33
CA ASP A 217 24.49 0.24 -9.27
C ASP A 217 25.55 0.10 -10.35
N ILE A 218 25.28 0.53 -11.59
CA ILE A 218 26.33 0.41 -12.62
C ILE A 218 27.47 1.44 -12.41
N MET A 219 27.10 2.64 -11.99
CA MET A 219 28.06 3.69 -11.71
C MET A 219 29.03 3.25 -10.61
N THR A 220 28.54 2.53 -9.60
CA THR A 220 29.36 2.02 -8.50
C THR A 220 30.55 1.20 -9.03
N LEU A 221 30.37 0.55 -10.18
CA LEU A 221 31.41 -0.34 -10.70
C LEU A 221 32.47 0.39 -11.54
N PHE A 222 32.19 1.67 -11.90
CA PHE A 222 33.07 2.47 -12.78
C PHE A 222 34.55 2.47 -12.37
N PRO A 223 34.86 2.59 -11.05
CA PRO A 223 36.29 2.60 -10.65
C PRO A 223 37.04 1.33 -10.95
N MET A 224 36.34 0.21 -11.02
CA MET A 224 37.01 -1.06 -11.28
C MET A 224 37.31 -1.27 -12.76
N TYR A 225 36.96 -0.28 -13.59
CA TYR A 225 37.40 -0.31 -15.01
C TYR A 225 38.78 0.28 -15.19
N ASP A 226 39.35 0.80 -14.10
CA ASP A 226 40.73 1.23 -14.03
C ASP A 226 41.63 -0.01 -13.86
N MET A 227 42.34 -0.34 -14.93
CA MET A 227 43.14 -1.56 -14.92
C MET A 227 44.52 -1.41 -14.28
N ARG A 228 44.95 -0.18 -14.01
CA ARG A 228 46.13 0.03 -13.19
C ARG A 228 45.80 -0.19 -11.71
N THR A 229 44.62 0.28 -11.26
CA THR A 229 44.19 0.09 -9.88
C THR A 229 43.64 -1.32 -9.62
N TYR A 230 43.00 -1.89 -10.62
CA TYR A 230 42.47 -3.25 -10.56
C TYR A 230 43.02 -4.13 -11.71
N PRO A 231 44.30 -4.54 -11.60
CA PRO A 231 44.97 -5.26 -12.68
C PRO A 231 44.59 -6.76 -12.75
N MET A 232 43.73 -7.20 -11.86
CA MET A 232 43.31 -8.58 -11.83
C MET A 232 41.85 -8.66 -11.38
N GLU A 233 41.27 -9.83 -11.62
CA GLU A 233 39.92 -10.16 -11.17
C GLU A 233 39.59 -9.58 -9.78
N THR A 234 38.45 -8.89 -9.70
CA THR A 234 37.98 -8.22 -8.47
C THR A 234 36.57 -8.65 -8.05
N LYS A 235 36.40 -8.93 -6.75
CA LYS A 235 35.09 -9.25 -6.17
C LYS A 235 34.43 -8.02 -5.53
N ALA A 236 33.54 -7.34 -6.26
CA ALA A 236 32.76 -6.21 -5.72
C ALA A 236 31.42 -6.62 -5.07
N GLN A 237 30.99 -5.85 -4.06
CA GLN A 237 29.74 -6.11 -3.35
C GLN A 237 28.90 -4.85 -3.31
N LEU A 238 27.61 -4.96 -3.62
CA LEU A 238 26.67 -3.83 -3.44
C LEU A 238 25.89 -4.10 -2.19
N THR A 239 26.07 -3.25 -1.16
CA THR A 239 25.49 -3.52 0.15
C THR A 239 24.24 -2.75 0.47
N ARG A 240 23.91 -1.76 -0.35
CA ARG A 240 22.65 -0.98 -0.18
C ARG A 240 21.42 -1.90 -0.17
N GLU A 241 20.44 -1.50 0.64
CA GLU A 241 19.11 -2.10 0.65
C GLU A 241 18.24 -1.31 -0.31
N VAL A 242 17.39 -2.02 -1.08
CA VAL A 242 16.32 -1.41 -1.88
C VAL A 242 14.98 -1.88 -1.31
N TYR A 243 13.95 -1.06 -1.47
CA TYR A 243 12.64 -1.39 -0.96
C TYR A 243 11.65 -1.53 -2.09
N THR A 244 10.90 -2.64 -2.09
CA THR A 244 9.83 -2.84 -3.09
C THR A 244 8.62 -1.98 -2.75
N ASP A 245 7.62 -1.90 -3.66
CA ASP A 245 6.46 -1.04 -3.39
C ASP A 245 5.69 -1.60 -2.17
N PRO A 246 5.04 -0.72 -1.38
CA PRO A 246 4.24 -1.23 -0.29
C PRO A 246 3.17 -2.29 -0.73
N ILE A 247 2.95 -3.31 0.11
CA ILE A 247 2.05 -4.42 -0.25
C ILE A 247 0.64 -4.09 0.20
N GLY A 248 0.02 -3.22 -0.59
CA GLY A 248 -1.34 -2.74 -0.37
C GLY A 248 -2.02 -2.64 -1.74
N ALA A 249 -3.33 -2.82 -1.75
CA ALA A 249 -4.07 -2.84 -2.98
C ALA A 249 -4.15 -1.43 -3.57
N ILE A 250 -4.09 -1.33 -4.90
CA ILE A 250 -4.17 -0.04 -5.61
C ILE A 250 -5.08 -0.19 -6.80
N GLY A 251 -6.00 0.76 -6.95
CA GLY A 251 -6.86 0.81 -8.09
C GLY A 251 -7.99 1.82 -7.94
N ALA A 252 -8.85 1.82 -8.95
CA ALA A 252 -10.01 2.71 -9.05
C ALA A 252 -11.13 2.46 -8.00
N GLN A 253 -11.29 1.22 -7.54
CA GLN A 253 -12.20 0.86 -6.43
C GLN A 253 -11.65 1.20 -5.03
N GLY A 254 -10.38 1.62 -4.93
CA GLY A 254 -9.84 2.09 -3.66
C GLY A 254 -8.38 1.71 -3.49
N SER A 255 -7.56 2.69 -3.10
CA SER A 255 -6.15 2.40 -2.82
C SER A 255 -5.84 2.54 -1.34
N TRP A 256 -4.87 1.75 -0.88
CA TRP A 256 -4.51 1.75 0.53
C TRP A 256 -4.14 3.16 1.01
N TYR A 257 -3.54 3.93 0.10
CA TYR A 257 -3.00 5.26 0.39
C TYR A 257 -4.01 6.39 0.28
N ASP A 258 -5.27 6.03 0.07
CA ASP A 258 -6.37 6.99 0.06
C ASP A 258 -6.55 7.57 1.45
N SER A 259 -6.32 6.75 2.47
CA SER A 259 -6.40 7.27 3.83
C SER A 259 -5.28 6.69 4.68
N ALA A 260 -4.14 7.38 4.68
CA ALA A 260 -2.91 6.84 5.23
C ALA A 260 -2.06 7.99 5.77
N PRO A 261 -0.98 7.71 6.54
CA PRO A 261 -0.11 8.77 7.08
C PRO A 261 0.62 9.62 5.99
N SER A 262 1.14 10.75 6.40
CA SER A 262 1.88 11.64 5.53
C SER A 262 3.10 10.94 4.96
N PHE A 263 3.63 11.55 3.89
CA PHE A 263 4.94 11.27 3.34
C PHE A 263 6.04 11.04 4.40
N ASN A 264 6.24 12.06 5.25
CA ASN A 264 7.30 12.00 6.28
C ASN A 264 7.08 10.87 7.25
N THR A 265 5.83 10.60 7.60
CA THR A 265 5.54 9.47 8.50
C THR A 265 5.94 8.14 7.82
N LEU A 266 5.63 7.96 6.54
CA LEU A 266 6.04 6.76 5.80
C LEU A 266 7.56 6.61 5.65
N GLU A 267 8.23 7.70 5.31
CA GLU A 267 9.68 7.66 5.13
C GLU A 267 10.38 7.28 6.44
N SER A 268 9.90 7.80 7.56
CA SER A 268 10.52 7.46 8.84
C SER A 268 10.03 6.10 9.44
N THR A 269 8.99 5.50 8.87
CA THR A 269 8.48 4.22 9.36
C THR A 269 8.77 3.02 8.42
N PHE A 270 8.59 3.20 7.10
CA PHE A 270 8.84 2.13 6.14
C PHE A 270 10.33 1.81 5.93
N ILE A 271 11.17 2.84 6.08
CA ILE A 271 12.60 2.78 5.85
C ILE A 271 13.29 2.61 7.21
N ARG A 272 14.21 1.65 7.26
CA ARG A 272 14.92 1.31 8.45
C ARG A 272 15.89 2.43 8.77
N GLY A 273 16.00 2.76 10.05
CA GLY A 273 17.23 3.40 10.52
C GLY A 273 18.50 2.77 9.91
N LYS A 274 19.53 3.60 9.78
CA LYS A 274 20.84 3.12 9.36
C LYS A 274 21.32 1.93 10.25
N HIS A 275 21.97 0.93 9.65
CA HIS A 275 22.28 -0.32 10.37
C HIS A 275 23.43 -0.96 9.62
N LEU A 276 24.09 -1.89 10.28
CA LEU A 276 25.14 -2.69 9.67
C LEU A 276 24.50 -3.70 8.74
N PHE A 277 25.19 -4.07 7.68
CA PHE A 277 24.66 -5.01 6.71
C PHE A 277 24.14 -6.26 7.44
N ASP A 278 22.91 -6.67 7.21
CA ASP A 278 22.36 -7.82 7.98
C ASP A 278 21.52 -8.83 7.17
N PHE A 279 21.21 -9.95 7.81
CA PHE A 279 20.42 -11.03 7.17
C PHE A 279 19.28 -11.40 8.08
N ILE A 280 18.09 -11.55 7.50
CA ILE A 280 16.94 -12.05 8.22
C ILE A 280 17.19 -13.46 8.74
N THR A 281 16.82 -13.70 10.01
CA THR A 281 16.92 -15.03 10.64
C THR A 281 15.58 -15.66 11.08
N ARG A 282 14.59 -14.83 11.37
CA ARG A 282 13.30 -15.35 11.79
C ARG A 282 12.23 -14.31 11.56
N LEU A 283 11.03 -14.75 11.17
CA LEU A 283 9.86 -13.83 11.10
C LEU A 283 8.65 -14.48 11.75
N SER A 284 7.96 -13.79 12.64
CA SER A 284 6.65 -14.26 13.13
C SER A 284 5.59 -13.33 12.63
N ILE A 285 4.53 -13.86 12.03
CA ILE A 285 3.45 -13.00 11.48
C ILE A 285 2.20 -13.21 12.34
N TYR A 286 1.59 -12.13 12.79
CA TYR A 286 0.40 -12.18 13.62
C TYR A 286 -0.81 -11.80 12.72
N THR A 287 -1.85 -12.62 12.83
CA THR A 287 -3.03 -12.52 11.97
C THR A 287 -4.28 -12.07 12.74
N GLY A 288 -5.05 -11.18 12.10
CA GLY A 288 -6.35 -10.79 12.57
C GLY A 288 -7.41 -11.17 11.55
N ARG A 289 -8.65 -11.20 12.00
CA ARG A 289 -9.80 -11.51 11.19
C ARG A 289 -10.69 -10.27 11.14
N SER A 290 -10.95 -9.77 9.93
CA SER A 290 -11.99 -8.76 9.69
C SER A 290 -13.09 -9.44 8.91
N SER A 291 -14.32 -9.21 9.30
CA SER A 291 -15.42 -9.88 8.63
C SER A 291 -16.53 -8.95 8.26
N PHE A 292 -17.18 -9.30 7.20
CA PHE A 292 -18.32 -8.58 6.71
C PHE A 292 -19.36 -9.59 6.29
N SER A 293 -20.57 -9.50 6.81
CA SER A 293 -21.56 -10.48 6.40
C SER A 293 -21.08 -11.89 6.66
N ALA A 294 -21.82 -12.85 6.16
CA ALA A 294 -21.74 -14.20 6.65
C ALA A 294 -20.59 -14.97 6.04
N SER A 295 -20.27 -14.67 4.80
CA SER A 295 -19.28 -15.48 4.07
C SER A 295 -18.10 -14.69 3.53
N ASN A 296 -18.01 -13.42 3.88
CA ASN A 296 -16.91 -12.62 3.43
C ASN A 296 -16.01 -12.29 4.60
N TYR A 297 -14.75 -12.67 4.49
CA TYR A 297 -13.82 -12.34 5.57
C TYR A 297 -12.40 -12.28 5.06
N LEU A 298 -11.65 -11.40 5.72
CA LEU A 298 -10.23 -11.22 5.47
C LEU A 298 -9.41 -11.58 6.72
N LYS A 299 -8.59 -12.60 6.59
CA LYS A 299 -7.58 -12.86 7.61
C LYS A 299 -6.24 -12.32 7.11
N LYS A 300 -5.70 -11.36 7.86
CA LYS A 300 -4.62 -10.54 7.31
C LYS A 300 -3.49 -10.34 8.32
N TRP A 301 -2.33 -9.97 7.80
CA TRP A 301 -1.13 -9.66 8.54
C TRP A 301 -1.36 -8.33 9.25
N ILE A 302 -1.52 -8.39 10.58
CA ILE A 302 -1.73 -7.21 11.43
C ILE A 302 -0.50 -6.80 12.28
N GLY A 303 0.56 -7.58 12.25
CA GLY A 303 1.80 -7.28 12.96
C GLY A 303 2.79 -8.40 12.75
N HIS A 304 4.05 -8.15 13.06
CA HIS A 304 5.10 -9.17 12.95
C HIS A 304 6.25 -8.89 13.89
N GLN A 305 7.03 -9.92 14.11
CA GLN A 305 8.24 -9.87 14.90
C GLN A 305 9.33 -10.35 13.98
N ILE A 306 10.39 -9.60 13.85
CA ILE A 306 11.41 -9.94 12.88
C ILE A 306 12.78 -9.94 13.53
N SER A 307 13.58 -10.96 13.22
CA SER A 307 14.95 -11.05 13.72
C SER A 307 15.89 -11.01 12.56
N SER A 308 16.97 -10.26 12.74
CA SER A 308 18.11 -10.22 11.80
C SER A 308 19.45 -10.21 12.52
N GLN A 309 20.49 -10.36 11.72
CA GLN A 309 21.82 -10.58 12.21
C GLN A 309 22.86 -10.11 11.20
N PRO A 310 23.78 -9.21 11.64
CA PRO A 310 25.03 -8.87 10.91
C PRO A 310 25.91 -10.13 10.78
N ILE A 311 26.84 -10.13 9.83
CA ILE A 311 27.71 -11.31 9.66
C ILE A 311 28.51 -11.61 10.93
N GLY A 312 28.18 -12.72 11.58
CA GLY A 312 28.91 -13.12 12.77
C GLY A 312 28.57 -12.25 13.97
N GLY A 313 27.46 -11.50 13.95
CA GLY A 313 27.10 -10.71 15.09
C GLY A 313 25.92 -11.23 15.90
N SER A 314 25.42 -10.37 16.80
CA SER A 314 24.27 -10.70 17.63
C SER A 314 22.98 -10.60 16.81
N ILE A 315 21.97 -11.36 17.20
CA ILE A 315 20.65 -11.25 16.60
C ILE A 315 19.77 -10.17 17.26
N GLN A 316 19.24 -9.25 16.49
CA GLN A 316 18.34 -8.23 17.05
C GLN A 316 16.91 -8.54 16.60
N THR A 317 15.95 -8.22 17.46
CA THR A 317 14.58 -8.50 17.20
C THR A 317 13.75 -7.25 17.39
N GLN A 318 12.99 -6.89 16.36
CA GLN A 318 12.04 -5.78 16.49
C GLN A 318 10.62 -6.28 16.21
N THR A 319 9.67 -5.49 16.66
CA THR A 319 8.26 -5.78 16.59
C THR A 319 7.62 -4.68 15.78
N TYR A 320 6.59 -5.04 15.00
CA TYR A 320 5.78 -4.08 14.24
C TYR A 320 4.33 -4.45 14.30
N GLY A 321 3.48 -3.43 14.40
CA GLY A 321 2.04 -3.62 14.33
C GLY A 321 1.45 -4.18 15.61
N THR A 322 0.39 -4.96 15.46
CA THR A 322 -0.24 -5.60 16.59
C THR A 322 0.29 -7.02 16.72
N THR A 323 0.84 -7.33 17.90
CA THR A 323 1.39 -8.65 18.14
C THR A 323 0.88 -9.26 19.43
N SER A 324 -0.20 -8.74 20.00
CA SER A 324 -0.81 -9.34 21.19
C SER A 324 -2.26 -8.83 21.28
N GLY A 325 -3.05 -9.52 22.10
CA GLY A 325 -4.37 -9.05 22.46
C GLY A 325 -5.43 -9.81 21.71
N SER A 326 -6.67 -9.35 21.87
CA SER A 326 -7.84 -10.02 21.34
C SER A 326 -7.89 -10.05 19.82
N SER A 327 -7.19 -9.13 19.14
CA SER A 327 -7.25 -9.10 17.66
C SER A 327 -6.45 -10.22 17.03
N VAL A 328 -5.45 -10.76 17.75
CA VAL A 328 -4.53 -11.75 17.20
C VAL A 328 -5.19 -13.10 17.25
N ILE A 329 -5.53 -13.66 16.09
CA ILE A 329 -6.24 -14.95 16.15
C ILE A 329 -5.36 -16.11 15.76
N ALA A 330 -4.23 -15.78 15.14
CA ALA A 330 -3.27 -16.80 14.73
C ALA A 330 -1.88 -16.18 14.68
N THR A 331 -0.86 -17.02 14.84
CA THR A 331 0.54 -16.63 14.63
C THR A 331 1.16 -17.66 13.69
N GLN A 332 2.22 -17.29 13.01
CA GLN A 332 2.98 -18.25 12.27
C GLN A 332 4.42 -17.83 12.44
N GLN A 333 5.30 -18.78 12.78
CA GLN A 333 6.75 -18.56 12.88
C GLN A 333 7.46 -19.13 11.66
N ILE A 334 8.35 -18.34 11.04
CA ILE A 334 9.11 -18.78 9.88
C ILE A 334 10.60 -18.66 10.17
N GLY A 335 11.32 -19.78 10.18
CA GLY A 335 12.79 -19.76 10.37
C GLY A 335 13.49 -19.48 9.04
N PHE A 336 14.32 -18.42 8.97
CA PHE A 336 14.88 -17.95 7.69
C PHE A 336 16.43 -18.01 7.69
N THR A 337 17.02 -18.44 8.81
CA THR A 337 18.48 -18.51 8.96
C THR A 337 19.15 -19.24 7.82
N GLY A 338 20.10 -18.53 7.18
CA GLY A 338 20.85 -19.01 6.04
C GLY A 338 20.13 -19.02 4.71
N PHE A 339 18.83 -18.72 4.72
CA PHE A 339 18.01 -18.72 3.50
C PHE A 339 17.99 -17.38 2.75
N ASP A 340 18.31 -17.47 1.47
CA ASP A 340 18.03 -16.45 0.48
C ASP A 340 16.60 -16.63 -0.02
N VAL A 341 15.70 -15.74 0.40
CA VAL A 341 14.39 -15.63 -0.20
C VAL A 341 14.50 -14.83 -1.52
N TYR A 342 14.44 -15.50 -2.66
CA TYR A 342 14.63 -14.85 -3.95
C TYR A 342 13.35 -14.34 -4.62
N LYS A 343 12.19 -14.72 -4.10
CA LYS A 343 10.93 -14.27 -4.69
C LYS A 343 9.84 -14.31 -3.65
N THR A 344 9.02 -13.28 -3.64
CA THR A 344 7.86 -13.24 -2.81
C THR A 344 6.73 -13.00 -3.77
N LEU A 345 5.61 -13.67 -3.53
CA LEU A 345 4.39 -13.42 -4.27
C LEU A 345 3.35 -13.13 -3.22
N SER A 346 2.83 -11.89 -3.19
CA SER A 346 1.95 -11.48 -2.09
C SER A 346 0.58 -11.12 -2.60
N THR A 347 -0.43 -11.39 -1.78
CA THR A 347 -1.76 -10.96 -2.10
C THR A 347 -2.16 -9.78 -1.20
N ALA A 348 -2.20 -8.60 -1.78
CA ALA A 348 -2.74 -7.47 -1.10
C ALA A 348 -4.28 -7.49 -1.23
N GLY A 349 -4.96 -7.68 -0.09
CA GLY A 349 -6.40 -7.92 -0.03
C GLY A 349 -7.15 -6.66 0.34
N VAL A 350 -8.40 -6.61 -0.11
CA VAL A 350 -9.39 -5.59 0.32
C VAL A 350 -10.69 -6.30 0.64
N LEU A 351 -11.21 -6.06 1.82
CA LEU A 351 -12.55 -6.53 2.17
C LEU A 351 -13.51 -5.34 2.06
N PHE A 352 -14.50 -5.46 1.16
CA PHE A 352 -15.55 -4.42 1.00
C PHE A 352 -16.76 -4.63 1.92
N ALA A 353 -16.97 -3.66 2.81
CA ALA A 353 -18.07 -3.68 3.76
C ALA A 353 -19.02 -2.52 3.38
N TYR A 354 -20.20 -2.46 4.00
CA TYR A 354 -21.26 -1.53 3.55
C TYR A 354 -20.79 -0.10 3.45
N THR A 355 -20.00 0.33 4.44
CA THR A 355 -19.58 1.73 4.58
C THR A 355 -18.05 1.94 4.69
N SER A 356 -17.26 0.87 4.72
CA SER A 356 -15.81 0.99 4.79
C SER A 356 -15.06 -0.09 3.98
N LYS A 357 -13.77 0.13 3.77
CA LYS A 357 -12.89 -0.87 3.19
C LYS A 357 -11.80 -1.22 4.20
N TYR A 358 -11.41 -2.48 4.24
CA TYR A 358 -10.29 -2.94 5.06
C TYR A 358 -9.21 -3.47 4.13
N TYR A 359 -8.01 -2.92 4.26
CA TYR A 359 -6.88 -3.36 3.48
C TYR A 359 -6.01 -4.26 4.31
N GLY A 360 -5.35 -5.23 3.67
CA GLY A 360 -4.36 -6.06 4.36
C GLY A 360 -3.88 -7.22 3.53
N VAL A 361 -2.71 -7.77 3.88
CA VAL A 361 -2.11 -8.86 3.10
C VAL A 361 -2.74 -10.20 3.57
N SER A 362 -3.32 -10.94 2.63
CA SER A 362 -3.98 -12.24 2.95
C SER A 362 -3.09 -13.46 2.70
N LYS A 363 -2.02 -13.26 1.97
CA LYS A 363 -1.20 -14.36 1.54
C LYS A 363 0.18 -13.89 1.08
N VAL A 364 1.21 -14.59 1.52
CA VAL A 364 2.58 -14.38 0.97
C VAL A 364 3.28 -15.72 0.73
N VAL A 365 3.73 -15.96 -0.49
CA VAL A 365 4.60 -17.11 -0.80
C VAL A 365 6.08 -16.66 -0.88
N PHE A 366 6.93 -17.18 0.00
CA PHE A 366 8.36 -16.90 -0.03
C PHE A 366 9.13 -18.08 -0.67
N ASP A 367 9.74 -17.85 -1.83
CA ASP A 367 10.56 -18.90 -2.44
C ASP A 367 11.98 -18.72 -1.96
N ALA A 368 12.53 -19.77 -1.37
CA ALA A 368 13.81 -19.67 -0.70
C ALA A 368 14.77 -20.77 -1.14
N ILE A 369 16.05 -20.41 -1.11
CA ILE A 369 17.14 -21.35 -1.30
C ILE A 369 18.25 -21.08 -0.27
N TYR A 370 18.93 -22.14 0.12
CA TYR A 370 20.10 -22.12 0.97
C TYR A 370 21.34 -22.05 0.08
N PRO A 371 22.02 -20.88 0.01
CA PRO A 371 23.11 -20.86 -0.99
C PRO A 371 24.27 -21.80 -0.70
N ASP A 372 24.41 -22.27 0.54
CA ASP A 372 25.42 -23.30 0.87
C ASP A 372 25.30 -24.58 0.03
N ASN A 373 24.23 -25.32 0.29
CA ASN A 373 23.97 -26.61 -0.32
C ASN A 373 22.90 -26.59 -1.42
N LYS A 374 22.41 -25.39 -1.79
CA LYS A 374 21.39 -25.25 -2.85
C LYS A 374 20.03 -25.96 -2.56
N TYR A 375 19.76 -26.22 -1.30
CA TYR A 375 18.50 -26.77 -0.89
C TYR A 375 17.38 -25.69 -0.99
N LYS A 376 16.31 -26.02 -1.72
CA LYS A 376 15.17 -25.12 -1.98
C LYS A 376 13.93 -25.49 -1.19
N THR A 377 13.21 -24.48 -0.75
CA THR A 377 11.92 -24.67 -0.07
C THR A 377 11.00 -23.46 -0.27
N THR A 378 9.70 -23.66 -0.03
CA THR A 378 8.71 -22.59 -0.02
C THR A 378 8.20 -22.37 1.39
N PHE A 379 7.99 -21.11 1.75
CA PHE A 379 7.30 -20.77 3.00
C PHE A 379 6.04 -20.05 2.60
N THR A 380 4.91 -20.50 3.12
CA THR A 380 3.66 -19.87 2.79
C THR A 380 2.93 -19.42 4.03
N TYR A 381 2.64 -18.12 4.00
CA TYR A 381 1.66 -17.50 4.85
C TYR A 381 0.29 -17.44 4.10
N ASN A 382 -0.66 -18.27 4.54
CA ASN A 382 -2.05 -18.13 4.06
C ASN A 382 -3.12 -18.53 5.09
N PRO A 383 -3.47 -17.63 6.01
CA PRO A 383 -4.47 -18.06 7.02
C PRO A 383 -5.86 -18.36 6.45
N GLY A 384 -6.21 -17.77 5.30
CA GLY A 384 -7.44 -18.11 4.57
C GLY A 384 -8.45 -16.99 4.52
N SER A 385 -8.71 -16.46 3.33
CA SER A 385 -9.68 -15.41 3.14
C SER A 385 -10.70 -15.83 2.09
N GLU A 386 -11.81 -15.13 2.05
CA GLU A 386 -12.92 -15.46 1.15
C GLU A 386 -13.73 -14.21 0.80
N GLY A 387 -14.16 -14.13 -0.47
CA GLY A 387 -14.97 -13.01 -0.97
C GLY A 387 -14.28 -11.65 -0.97
N ILE A 388 -12.96 -11.62 -1.14
CA ILE A 388 -12.23 -10.38 -1.06
C ILE A 388 -11.77 -9.90 -2.46
N GLY A 389 -11.53 -8.59 -2.59
CA GLY A 389 -10.64 -8.07 -3.65
C GLY A 389 -9.19 -8.41 -3.34
N ALA A 390 -8.39 -8.65 -4.36
CA ALA A 390 -7.00 -8.99 -4.15
C ALA A 390 -6.17 -8.49 -5.33
N GLN A 391 -4.91 -8.13 -5.06
CA GLN A 391 -3.87 -7.87 -6.08
C GLN A 391 -2.64 -8.70 -5.81
N GLU A 392 -2.09 -9.33 -6.84
CA GLU A 392 -0.89 -10.14 -6.69
C GLU A 392 0.33 -9.25 -6.90
N LYS A 393 1.20 -9.17 -5.89
CA LYS A 393 2.45 -8.44 -6.04
C LYS A 393 3.59 -9.47 -6.14
N ASP A 394 4.32 -9.42 -7.24
CA ASP A 394 5.32 -10.40 -7.59
C ASP A 394 6.59 -9.61 -7.57
N SER A 395 7.49 -9.98 -6.66
CA SER A 395 8.70 -9.19 -6.44
C SER A 395 9.62 -9.17 -7.66
N GLU A 396 9.54 -10.21 -8.48
CA GLU A 396 10.40 -10.32 -9.68
C GLU A 396 10.06 -9.32 -10.75
N VAL A 397 8.94 -8.64 -10.62
CA VAL A 397 8.62 -7.52 -11.51
C VAL A 397 9.55 -6.31 -11.19
N GLU A 398 9.77 -6.07 -9.90
CA GLU A 398 10.60 -4.93 -9.43
C GLU A 398 12.07 -5.34 -9.29
N LEU A 399 12.28 -6.57 -8.82
CA LEU A 399 13.61 -7.19 -8.65
C LEU A 399 13.83 -8.50 -9.46
N PRO A 400 13.90 -8.38 -10.82
CA PRO A 400 13.97 -9.58 -11.67
C PRO A 400 15.26 -10.34 -11.52
N PRO A 401 15.29 -11.60 -11.96
CA PRO A 401 16.57 -12.33 -12.07
C PRO A 401 17.50 -11.68 -13.10
N GLU A 402 18.78 -12.05 -13.05
CA GLU A 402 19.81 -11.46 -13.87
C GLU A 402 19.76 -12.02 -15.30
N THR A 403 18.99 -13.08 -15.48
CA THR A 403 18.79 -13.75 -16.77
C THR A 403 17.50 -14.58 -16.71
N LEU A 404 16.96 -14.90 -17.89
CA LEU A 404 15.92 -15.92 -18.01
C LEU A 404 16.49 -17.25 -18.59
N ASP A 405 17.77 -17.28 -18.93
CA ASP A 405 18.43 -18.50 -19.42
C ASP A 405 18.71 -19.57 -18.36
N GLN A 406 18.26 -19.30 -17.13
CA GLN A 406 18.37 -20.26 -16.04
C GLN A 406 17.22 -20.08 -15.09
N PRO A 407 16.95 -21.10 -14.28
CA PRO A 407 15.92 -20.89 -13.28
C PRO A 407 16.25 -19.71 -12.36
N ASN A 408 15.20 -19.06 -11.88
CA ASN A 408 15.34 -17.91 -11.00
C ASN A 408 16.12 -18.22 -9.72
N TYR A 409 16.05 -19.47 -9.21
CA TYR A 409 16.82 -19.89 -8.02
C TYR A 409 18.34 -19.99 -8.25
N GLU A 410 18.76 -19.94 -9.52
CA GLU A 410 20.17 -19.76 -9.88
C GLU A 410 20.54 -18.31 -10.21
N ALA A 411 19.65 -17.54 -10.87
CA ALA A 411 20.01 -16.22 -11.36
C ALA A 411 19.40 -15.01 -10.62
N TYR A 412 18.81 -15.23 -9.45
CA TYR A 412 18.17 -14.16 -8.71
C TYR A 412 19.15 -13.02 -8.38
N SER A 413 18.68 -11.79 -8.41
CA SER A 413 19.57 -10.64 -8.21
C SER A 413 19.57 -10.12 -6.77
N HIS A 414 18.51 -10.42 -6.01
CA HIS A 414 18.29 -9.92 -4.65
C HIS A 414 17.69 -10.98 -3.78
N ARG A 415 17.81 -10.75 -2.46
CA ARG A 415 17.25 -11.63 -1.44
C ARG A 415 16.47 -10.76 -0.47
N LEU A 416 15.44 -11.32 0.18
CA LEU A 416 14.65 -10.59 1.18
C LEU A 416 15.54 -10.30 2.40
N ASN A 417 15.52 -9.04 2.85
CA ASN A 417 16.36 -8.63 3.95
C ASN A 417 15.54 -8.26 5.19
N TYR A 418 14.40 -7.61 5.01
CA TYR A 418 13.67 -7.09 6.13
C TYR A 418 12.21 -6.79 5.73
N VAL A 419 11.36 -6.61 6.74
CA VAL A 419 9.97 -6.20 6.61
C VAL A 419 9.63 -5.11 7.65
N THR A 420 9.15 -3.95 7.14
CA THR A 420 8.58 -2.90 7.96
C THR A 420 7.07 -2.83 7.71
N PHE A 421 6.35 -2.02 8.49
CA PHE A 421 4.91 -2.16 8.51
C PHE A 421 4.29 -0.88 9.05
N ILE A 422 3.09 -0.54 8.55
CA ILE A 422 2.20 0.42 9.20
C ILE A 422 0.85 -0.26 9.41
N ARG A 423 0.05 0.27 10.33
CA ARG A 423 -1.32 -0.17 10.65
C ARG A 423 -2.33 0.81 10.07
N ASN A 424 -3.56 0.33 9.82
CA ASN A 424 -4.69 1.16 9.34
C ASN A 424 -4.28 2.25 8.40
N PRO A 425 -4.00 1.90 7.13
CA PRO A 425 -4.13 0.54 6.57
C PRO A 425 -2.94 -0.40 6.93
N ASP A 426 -3.20 -1.71 7.02
CA ASP A 426 -2.18 -2.70 7.43
C ASP A 426 -1.34 -3.05 6.21
N VAL A 427 -0.20 -2.36 6.10
CA VAL A 427 0.63 -2.46 4.92
C VAL A 427 2.12 -2.70 5.24
N PRO A 428 2.65 -3.88 4.87
CA PRO A 428 4.09 -4.18 4.95
C PRO A 428 4.91 -3.66 3.76
N VAL A 429 6.19 -3.41 4.00
CA VAL A 429 7.13 -3.10 2.93
C VAL A 429 8.27 -4.12 3.05
N PHE A 430 8.70 -4.68 1.93
CA PHE A 430 9.84 -5.61 1.91
C PHE A 430 11.09 -4.84 1.47
N SER A 431 12.19 -5.05 2.17
CA SER A 431 13.52 -4.59 1.73
C SER A 431 14.41 -5.75 1.34
N TRP A 432 15.37 -5.46 0.47
CA TRP A 432 16.14 -6.50 -0.18
C TRP A 432 17.59 -6.10 -0.32
N THR A 433 18.48 -7.09 -0.28
CA THR A 433 19.91 -6.88 -0.52
C THR A 433 20.32 -7.57 -1.79
N HIS A 434 21.36 -7.04 -2.44
CA HIS A 434 21.91 -7.56 -3.70
C HIS A 434 22.68 -8.89 -3.55
N ARG A 435 22.52 -9.75 -4.55
CA ARG A 435 23.22 -11.03 -4.63
C ARG A 435 24.74 -10.89 -4.45
N SER A 436 25.36 -9.82 -4.97
CA SER A 436 26.85 -9.67 -4.87
C SER A 436 27.39 -9.58 -3.45
N ALA A 437 26.51 -9.28 -2.49
CA ALA A 437 26.88 -9.08 -1.12
C ALA A 437 26.78 -10.42 -0.37
N ASP A 438 27.92 -11.06 -0.13
CA ASP A 438 27.92 -12.42 0.34
C ASP A 438 27.60 -12.52 1.83
N ARG A 439 27.37 -13.74 2.27
CA ARG A 439 27.01 -14.08 3.64
C ARG A 439 28.18 -14.35 4.57
N THR A 440 29.37 -14.50 3.99
CA THR A 440 30.51 -15.11 4.67
C THR A 440 31.74 -14.22 4.75
N ASN A 441 31.71 -13.07 4.07
CA ASN A 441 32.94 -12.26 3.91
C ASN A 441 34.17 -13.13 3.51
N THR A 442 34.04 -13.81 2.39
CA THR A 442 35.06 -14.69 1.85
C THR A 442 36.21 -13.86 1.33
N VAL A 443 37.43 -14.29 1.64
CA VAL A 443 38.67 -13.69 1.12
C VAL A 443 39.29 -14.70 0.16
N TYR A 444 39.45 -14.26 -1.10
CA TYR A 444 40.03 -15.05 -2.18
C TYR A 444 41.55 -14.92 -2.28
N SER A 445 42.23 -16.04 -2.56
CA SER A 445 43.69 -16.04 -2.68
C SER A 445 44.11 -15.44 -4.00
N ASP A 446 43.21 -15.46 -4.97
CA ASP A 446 43.58 -15.17 -6.33
C ASP A 446 42.81 -13.98 -6.94
N LYS A 447 42.12 -13.22 -6.09
CA LYS A 447 41.35 -12.06 -6.50
C LYS A 447 41.62 -10.91 -5.51
N ILE A 448 41.36 -9.69 -5.95
CA ILE A 448 41.21 -8.53 -5.09
C ILE A 448 39.82 -8.65 -4.42
N THR A 449 39.79 -8.74 -3.08
CA THR A 449 38.52 -8.85 -2.38
C THR A 449 38.10 -7.47 -1.86
N GLN A 450 36.90 -7.02 -2.23
CA GLN A 450 36.36 -5.77 -1.64
C GLN A 450 35.42 -6.08 -0.51
N ILE A 451 35.64 -5.46 0.64
CA ILE A 451 34.87 -5.70 1.84
C ILE A 451 34.48 -4.37 2.41
N PRO A 452 33.23 -3.94 2.13
CA PRO A 452 32.65 -2.74 2.71
C PRO A 452 32.65 -2.89 4.23
N VAL A 453 33.08 -1.87 4.96
CA VAL A 453 33.18 -2.02 6.43
C VAL A 453 31.83 -2.12 7.15
N VAL A 454 30.76 -1.77 6.43
CA VAL A 454 29.39 -1.90 6.91
C VAL A 454 29.01 -3.40 7.10
N LYS A 455 29.85 -4.29 6.60
CA LYS A 455 29.69 -5.74 6.82
C LYS A 455 30.38 -6.25 8.08
N ALA A 456 30.59 -5.37 9.06
CA ALA A 456 31.11 -5.77 10.38
C ALA A 456 30.07 -6.46 11.23
N SER A 457 30.54 -7.27 12.17
CA SER A 457 29.66 -8.04 13.04
C SER A 457 29.04 -7.19 14.12
N ASP A 458 29.57 -5.99 14.31
CA ASP A 458 29.13 -5.08 15.40
C ASP A 458 29.90 -3.72 15.32
N GLY A 459 29.67 -2.85 16.28
CA GLY A 459 30.37 -1.57 16.34
C GLY A 459 29.44 -0.50 15.80
N PRO A 460 30.02 0.65 15.39
CA PRO A 460 29.24 1.82 14.97
C PRO A 460 28.37 1.57 13.70
N LYS A 461 27.18 2.13 13.71
CA LYS A 461 26.28 2.09 12.59
C LYS A 461 26.63 3.23 11.69
N PRO A 462 26.21 3.16 10.39
CA PRO A 462 26.38 4.32 9.49
C PRO A 462 25.64 5.55 10.01
N SER A 463 26.14 6.74 9.69
CA SER A 463 25.48 7.96 10.12
C SER A 463 24.45 8.37 9.09
N ALA A 464 23.53 9.25 9.47
CA ALA A 464 22.45 9.62 8.58
C ALA A 464 22.98 10.62 7.54
N ASN A 465 23.50 10.07 6.44
CA ASN A 465 23.97 10.81 5.27
C ASN A 465 23.81 9.85 4.07
N GLU A 466 23.89 10.34 2.84
CA GLU A 466 23.80 9.49 1.63
C GLU A 466 25.10 9.50 0.82
N VAL A 467 26.23 9.51 1.51
CA VAL A 467 27.54 9.41 0.90
C VAL A 467 27.69 8.09 0.12
N GLY A 468 26.95 7.08 0.55
CA GLY A 468 26.95 5.79 -0.09
C GLY A 468 26.33 5.74 -1.47
N HIS A 469 25.69 6.83 -1.92
CA HIS A 469 25.29 6.92 -3.33
C HIS A 469 26.45 6.75 -4.25
N TYR A 470 27.64 7.12 -3.81
CA TYR A 470 28.88 6.85 -4.54
C TYR A 470 29.47 5.44 -4.34
N LEU A 471 29.07 4.73 -3.27
CA LEU A 471 29.85 3.54 -2.80
C LEU A 471 29.10 2.21 -2.98
N GLY A 472 27.80 2.29 -3.26
CA GLY A 472 26.97 1.12 -3.43
C GLY A 472 26.45 0.62 -2.10
N GLY A 473 26.50 1.49 -1.09
CA GLY A 473 26.15 1.15 0.30
C GLY A 473 26.71 2.18 1.29
N ASP A 474 26.38 2.05 2.56
CA ASP A 474 26.79 3.04 3.55
C ASP A 474 28.25 2.95 4.03
N PRO A 475 28.92 4.10 4.10
CA PRO A 475 30.24 4.11 4.75
C PRO A 475 30.06 4.10 6.29
N ILE A 476 31.14 3.88 7.05
CA ILE A 476 31.14 4.15 8.49
C ILE A 476 31.86 5.50 8.69
N SER A 477 31.30 6.39 9.52
CA SER A 477 31.83 7.76 9.74
C SER A 477 32.47 7.95 11.12
N PHE A 478 33.52 8.76 11.22
CA PHE A 478 34.07 9.16 12.52
C PHE A 478 34.21 10.67 12.59
N ASN A 479 33.63 11.27 13.63
CA ASN A 479 33.85 12.67 13.97
C ASN A 479 34.97 12.79 15.00
N SER A 480 35.44 11.66 15.49
CA SER A 480 36.57 11.57 16.41
C SER A 480 37.07 10.15 16.38
N SER A 481 38.10 9.86 17.17
CA SER A 481 38.78 8.59 17.16
C SER A 481 37.85 7.45 17.43
N GLY A 482 38.02 6.37 16.68
CA GLY A 482 37.19 5.20 16.92
C GLY A 482 37.62 4.09 16.00
N SER A 483 36.88 2.99 16.04
CA SER A 483 37.17 1.81 15.25
C SER A 483 35.92 1.36 14.51
N THR A 484 36.12 0.68 13.39
CA THR A 484 35.03 -0.06 12.78
C THR A 484 34.74 -1.19 13.74
N GLY A 485 33.66 -1.94 13.48
CA GLY A 485 33.43 -3.19 14.18
C GLY A 485 34.47 -4.25 13.82
N VAL A 486 34.42 -5.36 14.56
CA VAL A 486 35.08 -6.56 14.16
C VAL A 486 34.39 -7.10 12.90
N ILE A 487 35.14 -7.14 11.80
CA ILE A 487 34.68 -7.74 10.57
C ILE A 487 35.15 -9.20 10.58
N ARG A 488 34.16 -10.10 10.52
CA ARG A 488 34.40 -11.54 10.58
C ARG A 488 34.56 -12.10 9.19
N LEU A 489 35.62 -12.88 8.99
CA LEU A 489 36.03 -13.31 7.66
C LEU A 489 36.20 -14.84 7.47
N ASN A 490 35.98 -15.31 6.25
CA ASN A 490 36.26 -16.68 5.91
C ASN A 490 37.38 -16.71 4.88
N ILE A 491 38.55 -17.21 5.31
CA ILE A 491 39.75 -17.13 4.45
C ILE A 491 39.86 -18.43 3.62
N ASN A 492 39.85 -18.28 2.29
CA ASN A 492 40.09 -19.41 1.39
C ASN A 492 41.57 -19.84 1.39
N SER A 493 41.83 -21.08 1.01
CA SER A 493 43.18 -21.57 1.13
C SER A 493 44.09 -20.93 0.05
N PRO A 494 45.41 -20.90 0.26
CA PRO A 494 46.21 -21.37 1.37
C PRO A 494 46.42 -20.27 2.42
N LEU A 495 46.41 -20.64 3.70
CA LEU A 495 46.54 -19.65 4.78
C LEU A 495 47.91 -18.97 4.85
N SER A 496 48.84 -19.46 4.03
CA SER A 496 50.22 -18.99 3.98
C SER A 496 50.31 -17.85 2.96
N GLN A 497 49.22 -17.61 2.22
CA GLN A 497 49.12 -16.53 1.24
C GLN A 497 49.25 -15.18 1.94
N LYS A 498 50.19 -14.36 1.46
CA LYS A 498 50.31 -12.95 1.89
C LYS A 498 49.26 -12.04 1.23
N TYR A 499 48.85 -11.05 1.99
CA TYR A 499 47.93 -10.04 1.54
C TYR A 499 48.47 -8.69 1.99
N ARG A 500 48.23 -7.67 1.17
CA ARG A 500 48.30 -6.31 1.66
C ARG A 500 46.91 -5.73 1.50
N VAL A 501 46.71 -4.60 2.15
CA VAL A 501 45.43 -3.97 2.35
C VAL A 501 45.49 -2.52 1.85
N ARG A 502 44.43 -2.07 1.20
CA ARG A 502 44.21 -0.65 1.02
C ARG A 502 42.77 -0.34 1.37
N ILE A 503 42.56 0.86 1.90
CA ILE A 503 41.30 1.25 2.46
C ILE A 503 40.79 2.45 1.71
N ARG A 504 39.56 2.36 1.19
CA ARG A 504 38.95 3.50 0.50
C ARG A 504 38.29 4.43 1.54
N TYR A 505 38.65 5.71 1.50
CA TYR A 505 38.17 6.66 2.49
C TYR A 505 37.95 8.05 1.95
N CYS A 506 37.27 8.88 2.71
CA CYS A 506 37.18 10.29 2.44
C CYS A 506 37.29 10.98 3.81
N SER A 507 38.13 12.01 3.93
CA SER A 507 38.18 12.82 5.17
C SER A 507 38.45 14.29 4.93
N SER A 508 37.98 15.13 5.85
CA SER A 508 38.32 16.55 5.91
C SER A 508 39.57 16.78 6.77
N VAL A 509 40.16 15.71 7.33
CA VAL A 509 41.29 15.80 8.25
C VAL A 509 42.37 14.75 7.94
N ASP A 510 43.61 14.99 8.36
CA ASP A 510 44.66 13.96 8.31
C ASP A 510 44.48 13.12 9.60
N PHE A 511 44.87 11.84 9.60
CA PHE A 511 44.57 10.91 10.69
C PHE A 511 45.51 9.72 10.68
N ASP A 512 45.66 9.12 11.85
CA ASP A 512 46.34 7.85 12.01
C ASP A 512 45.36 6.66 11.74
N LEU A 513 45.78 5.68 10.95
CA LEU A 513 44.95 4.52 10.68
C LEU A 513 45.76 3.26 10.94
N ASP A 514 45.18 2.31 11.65
CA ASP A 514 45.73 0.98 11.57
C ASP A 514 44.71 -0.14 11.37
N VAL A 515 45.26 -1.23 10.87
CA VAL A 515 44.56 -2.45 10.54
C VAL A 515 44.93 -3.48 11.61
N VAL A 516 43.93 -3.95 12.33
CA VAL A 516 44.12 -4.96 13.36
C VAL A 516 43.59 -6.32 12.79
N ARG A 517 44.50 -7.26 12.70
CA ARG A 517 44.19 -8.60 12.23
C ARG A 517 44.24 -9.59 13.39
N GLY A 518 43.15 -10.33 13.55
CA GLY A 518 43.01 -11.29 14.63
C GLY A 518 43.28 -10.75 16.03
N GLY A 519 43.15 -9.44 16.22
CA GLY A 519 43.46 -8.81 17.52
C GLY A 519 44.80 -8.05 17.59
N THR A 520 45.67 -8.28 16.62
CA THR A 520 46.96 -7.60 16.59
C THR A 520 47.15 -6.71 15.35
N THR A 521 47.86 -5.60 15.54
CA THR A 521 48.11 -4.59 14.49
C THR A 521 49.09 -5.11 13.48
N VAL A 522 48.71 -5.03 12.21
CA VAL A 522 49.57 -5.49 11.14
C VAL A 522 50.03 -4.36 10.21
N ASN A 523 49.35 -3.21 10.29
CA ASN A 523 49.66 -2.04 9.48
C ASN A 523 49.33 -0.80 10.28
N ASN A 524 50.14 0.24 10.18
CA ASN A 524 49.82 1.56 10.82
C ASN A 524 50.41 2.67 9.98
N GLY A 525 49.70 3.80 9.88
CA GLY A 525 50.22 4.90 9.11
C GLY A 525 49.40 6.15 9.25
N ARG A 526 49.92 7.24 8.72
CA ARG A 526 49.20 8.49 8.69
C ARG A 526 48.69 8.73 7.28
N PHE A 527 47.48 9.29 7.17
CA PHE A 527 46.90 9.56 5.87
C PHE A 527 46.35 10.94 5.83
N ASN A 528 46.34 11.52 4.64
CA ASN A 528 46.03 12.92 4.48
C ASN A 528 44.59 13.14 4.11
N LYS A 529 44.12 14.35 4.36
CA LYS A 529 42.75 14.71 4.11
C LYS A 529 42.51 14.76 2.61
N SER A 530 41.27 14.53 2.20
CA SER A 530 40.95 14.31 0.79
C SER A 530 39.83 15.23 0.38
N ALA A 531 39.31 15.98 1.34
CA ALA A 531 38.12 16.78 1.09
C ALA A 531 38.16 18.03 1.92
N PRO A 532 37.49 19.10 1.46
CA PRO A 532 37.37 20.26 2.37
C PRO A 532 36.35 19.97 3.48
N ASN A 533 36.28 20.88 4.45
CA ASN A 533 35.26 20.82 5.49
C ASN A 533 33.94 21.32 4.92
N VAL A 534 33.13 20.41 4.37
CA VAL A 534 31.83 20.76 3.77
C VAL A 534 30.85 19.70 4.21
N GLY A 535 29.56 20.00 4.09
CA GLY A 535 28.52 18.98 4.31
C GLY A 535 28.71 17.82 3.32
N TRP A 536 28.33 16.63 3.75
CA TRP A 536 28.45 15.42 2.94
C TRP A 536 27.85 15.55 1.52
N GLN A 537 26.87 16.43 1.32
CA GLN A 537 26.17 16.56 0.04
C GLN A 537 27.09 17.14 -1.00
N SER A 538 28.10 17.86 -0.54
CA SER A 538 29.09 18.46 -1.44
C SER A 538 30.24 17.51 -1.80
N LEU A 539 30.33 16.34 -1.18
CA LEU A 539 31.45 15.44 -1.53
C LEU A 539 31.29 14.93 -2.95
N LYS A 540 32.39 14.81 -3.66
CA LYS A 540 32.38 14.34 -5.04
C LYS A 540 33.26 13.12 -5.22
N TYR A 541 33.21 12.52 -6.40
CA TYR A 541 34.06 11.36 -6.70
C TYR A 541 35.53 11.55 -6.29
N GLU A 542 36.15 12.67 -6.69
CA GLU A 542 37.57 12.99 -6.40
C GLU A 542 37.97 13.05 -4.90
N ASN A 543 36.98 13.25 -4.02
CA ASN A 543 37.19 13.23 -2.58
C ASN A 543 37.36 11.82 -2.00
N PHE A 544 37.27 10.78 -2.83
CA PHE A 544 37.60 9.42 -2.35
C PHE A 544 39.00 9.01 -2.69
N LYS A 545 39.73 8.47 -1.70
CA LYS A 545 41.13 8.11 -1.92
C LYS A 545 41.45 6.81 -1.22
N PHE A 546 42.64 6.27 -1.49
CA PHE A 546 43.11 5.04 -0.88
C PHE A 546 44.15 5.29 0.20
N ALA A 547 43.95 4.66 1.34
CA ALA A 547 45.01 4.45 2.32
C ALA A 547 45.60 3.09 2.00
N SER A 548 46.80 3.09 1.42
CA SER A 548 47.43 1.89 0.89
C SER A 548 48.74 1.56 1.63
N PHE A 549 48.87 0.29 2.02
CA PHE A 549 50.04 -0.24 2.66
C PHE A 549 50.67 -1.26 1.72
N SER A 550 52.00 -1.30 1.73
CA SER A 550 52.79 -2.26 0.95
C SER A 550 53.27 -3.41 1.82
N THR A 551 53.45 -3.17 3.12
CA THR A 551 53.80 -4.22 4.10
C THR A 551 52.69 -5.30 4.22
N PRO A 552 52.97 -6.54 3.75
CA PRO A 552 51.94 -7.56 3.78
C PRO A 552 51.81 -8.22 5.16
N PHE A 553 50.93 -9.22 5.24
CA PHE A 553 50.71 -10.02 6.43
C PHE A 553 49.96 -11.26 5.97
N THR A 554 49.87 -12.26 6.84
CA THR A 554 49.03 -13.42 6.64
C THR A 554 47.91 -13.46 7.69
N PHE A 555 46.81 -14.12 7.37
CA PHE A 555 45.84 -14.48 8.38
C PHE A 555 46.32 -15.63 9.26
N ASN A 556 45.82 -15.70 10.49
CA ASN A 556 46.15 -16.73 11.45
C ASN A 556 45.38 -18.02 11.16
N GLN A 557 44.09 -17.88 10.83
CA GLN A 557 43.26 -19.06 10.62
C GLN A 557 42.16 -18.80 9.61
N ALA A 558 41.39 -19.86 9.30
CA ALA A 558 40.36 -19.83 8.27
C ALA A 558 39.25 -18.83 8.64
N GLN A 559 38.94 -18.74 9.92
CA GLN A 559 37.95 -17.83 10.44
C GLN A 559 38.74 -16.76 11.17
N ASP A 560 38.98 -15.62 10.52
CA ASP A 560 39.80 -14.55 11.08
C ASP A 560 39.00 -13.22 11.14
N THR A 561 39.57 -12.22 11.77
CA THR A 561 38.89 -10.95 11.89
C THR A 561 39.76 -9.84 11.37
N LEU A 562 39.13 -8.74 10.97
CA LEU A 562 39.82 -7.52 10.58
C LEU A 562 39.12 -6.35 11.26
N LYS A 563 39.87 -5.30 11.56
CA LYS A 563 39.27 -4.16 12.24
C LYS A 563 40.12 -2.95 11.91
N ILE A 564 39.46 -1.83 11.59
CA ILE A 564 40.17 -0.63 11.20
C ILE A 564 40.00 0.36 12.33
N SER A 565 41.12 0.96 12.73
CA SER A 565 41.10 1.98 13.79
C SER A 565 41.61 3.31 13.27
N VAL A 566 40.89 4.38 13.59
CA VAL A 566 41.33 5.75 13.26
C VAL A 566 41.49 6.64 14.54
N ARG A 567 42.47 7.54 14.47
CA ARG A 567 43.07 8.17 15.63
C ARG A 567 43.77 9.48 15.22
N ASN A 568 44.02 10.35 16.20
CA ASN A 568 44.94 11.50 16.05
C ASN A 568 44.58 12.39 14.89
N PHE A 569 43.37 12.92 14.93
CA PHE A 569 42.84 13.77 13.87
C PHE A 569 43.61 15.10 13.87
N SER A 570 44.03 15.57 12.68
CA SER A 570 44.69 16.88 12.55
C SER A 570 43.84 18.11 12.98
N SER A 571 42.55 17.92 13.22
CA SER A 571 41.69 19.02 13.64
C SER A 571 40.51 18.38 14.33
N ILE A 572 39.97 19.08 15.33
CA ILE A 572 38.71 18.66 15.93
C ILE A 572 37.61 19.68 15.71
N VAL A 573 37.86 20.65 14.84
CA VAL A 573 36.88 21.67 14.49
C VAL A 573 35.61 21.01 13.98
N GLY A 574 34.46 21.69 14.10
CA GLY A 574 33.18 21.15 13.66
C GLY A 574 33.20 20.83 12.18
N GLY A 575 33.04 19.56 11.84
CA GLY A 575 33.09 19.12 10.45
C GLY A 575 34.19 18.11 10.25
N SER A 576 35.07 18.01 11.25
CA SER A 576 36.13 17.02 11.23
C SER A 576 35.53 15.62 11.11
N VAL A 577 35.89 14.88 10.07
CA VAL A 577 35.20 13.63 9.75
C VAL A 577 36.11 12.74 8.88
N VAL A 578 36.15 11.46 9.23
CA VAL A 578 36.68 10.40 8.37
C VAL A 578 35.53 9.42 8.01
N TYR A 579 35.26 9.27 6.71
CA TYR A 579 34.38 8.20 6.22
C TYR A 579 35.21 7.03 5.75
N ILE A 580 34.90 5.83 6.21
CA ILE A 580 35.55 4.61 5.71
C ILE A 580 34.59 3.77 4.86
N ASP A 581 34.96 3.54 3.62
CA ASP A 581 34.09 2.85 2.65
C ASP A 581 34.32 1.35 2.68
N ARG A 582 35.51 0.92 2.29
CA ARG A 582 35.78 -0.48 2.15
C ARG A 582 37.25 -0.80 2.34
N ILE A 583 37.53 -2.05 2.64
CA ILE A 583 38.89 -2.56 2.63
C ILE A 583 39.01 -3.41 1.39
N GLU A 584 40.13 -3.31 0.68
CA GLU A 584 40.44 -4.23 -0.41
C GLU A 584 41.68 -4.99 0.01
N LEU A 585 41.58 -6.31 -0.16
CA LEU A 585 42.62 -7.26 0.14
C LEU A 585 43.20 -7.71 -1.18
N ILE A 586 44.53 -7.60 -1.27
CA ILE A 586 45.27 -7.80 -2.50
C ILE A 586 46.30 -8.88 -2.21
N PRO A 587 46.20 -10.03 -2.89
CA PRO A 587 47.22 -11.09 -2.70
C PRO A 587 48.63 -10.64 -3.18
N VAL A 588 49.63 -10.85 -2.33
CA VAL A 588 51.00 -10.47 -2.62
C VAL A 588 51.74 -11.78 -2.87
N ASN A 589 52.42 -11.86 -4.01
CA ASN A 589 53.12 -13.08 -4.39
C ASN A 589 54.62 -12.89 -4.60
N ILE B 1 12.41 17.38 52.40
CA ILE B 1 11.80 18.76 52.23
C ILE B 1 10.36 18.73 51.68
N SER B 2 9.66 19.81 52.01
CA SER B 2 8.20 19.86 51.95
C SER B 2 7.57 19.86 50.56
N GLU B 3 8.24 20.47 49.58
CA GLU B 3 7.74 20.51 48.19
C GLU B 3 7.75 19.09 47.57
N ARG B 4 8.86 18.38 47.76
CA ARG B 4 9.02 17.03 47.24
C ARG B 4 8.06 15.99 47.81
N ASP B 5 7.86 15.99 49.14
CA ASP B 5 6.89 15.06 49.77
C ASP B 5 5.45 15.40 49.45
N ALA B 6 5.12 16.69 49.43
CA ALA B 6 3.78 17.13 49.04
C ALA B 6 3.42 16.59 47.65
N VAL B 7 4.34 16.72 46.70
CA VAL B 7 4.16 16.28 45.33
C VAL B 7 4.07 14.75 45.23
N LYS B 8 4.97 14.05 45.89
CA LYS B 8 4.84 12.58 45.96
C LYS B 8 3.46 12.15 46.54
N THR B 9 3.03 12.84 47.59
CA THR B 9 1.75 12.56 48.22
C THR B 9 0.57 12.78 47.28
N ALA B 10 0.53 13.95 46.68
CA ALA B 10 -0.52 14.28 45.71
C ALA B 10 -0.56 13.32 44.52
N ILE B 11 0.60 12.93 44.00
CA ILE B 11 0.67 12.02 42.86
C ILE B 11 0.17 10.63 43.23
N SER B 12 0.50 10.23 44.45
CA SER B 12 0.09 8.95 44.96
C SER B 12 -1.42 8.92 45.11
N LEU B 13 -1.97 10.02 45.61
CA LEU B 13 -3.40 10.10 45.88
C LEU B 13 -4.25 10.09 44.61
N VAL B 14 -3.80 10.78 43.58
CA VAL B 14 -4.44 10.76 42.26
C VAL B 14 -4.39 9.34 41.71
N GLY B 15 -3.22 8.68 41.77
CA GLY B 15 -3.06 7.32 41.24
C GLY B 15 -4.03 6.32 41.87
N THR B 16 -4.20 6.45 43.19
CA THR B 16 -5.13 5.61 43.95
C THR B 16 -6.60 5.85 43.55
N ILE B 17 -7.04 7.11 43.62
CA ILE B 17 -8.44 7.44 43.32
C ILE B 17 -8.85 7.10 41.89
N LEU B 18 -7.94 7.30 40.96
CA LEU B 18 -8.12 6.99 39.55
C LEU B 18 -8.41 5.51 39.29
N GLY B 19 -7.75 4.63 40.03
CA GLY B 19 -8.10 3.22 40.00
C GLY B 19 -9.38 2.84 40.75
N LYS B 20 -10.07 3.80 41.37
CA LYS B 20 -11.30 3.52 42.13
C LYS B 20 -12.52 4.28 41.61
N LEU B 21 -12.36 4.99 40.52
CA LEU B 21 -13.38 5.93 40.06
C LEU B 21 -14.64 5.19 39.61
N GLY B 22 -15.78 5.68 40.01
CA GLY B 22 -17.04 5.05 39.65
C GLY B 22 -17.40 3.77 40.40
N VAL B 23 -16.48 3.26 41.21
CA VAL B 23 -16.74 2.05 41.99
C VAL B 23 -17.90 2.18 43.02
N PRO B 24 -18.98 1.38 42.85
CA PRO B 24 -20.21 1.45 43.68
C PRO B 24 -20.27 0.42 44.84
N LEU B 25 -19.25 -0.43 44.98
CA LEU B 25 -19.28 -1.53 45.95
C LEU B 25 -18.59 -1.15 47.25
N VAL B 26 -19.09 -1.64 48.37
CA VAL B 26 -18.58 -1.25 49.70
C VAL B 26 -17.14 -1.74 49.99
N GLY B 27 -16.79 -2.94 49.53
CA GLY B 27 -15.44 -3.49 49.75
C GLY B 27 -14.29 -2.61 49.26
N PRO B 28 -14.25 -2.31 47.94
CA PRO B 28 -13.20 -1.43 47.34
C PRO B 28 -13.20 -0.04 47.94
N ILE B 29 -14.39 0.43 48.37
CA ILE B 29 -14.51 1.71 49.06
C ILE B 29 -13.84 1.68 50.46
N VAL B 30 -14.03 0.60 51.22
CA VAL B 30 -13.45 0.49 52.55
C VAL B 30 -11.92 0.45 52.41
N SER B 31 -11.48 -0.29 51.41
CA SER B 31 -10.08 -0.38 51.11
C SER B 31 -9.52 1.01 50.70
N LEU B 32 -10.29 1.75 49.93
CA LEU B 32 -9.90 3.10 49.52
C LEU B 32 -9.67 3.98 50.75
N TYR B 33 -10.65 3.98 51.67
CA TYR B 33 -10.54 4.77 52.88
C TYR B 33 -9.40 4.36 53.76
N SER B 34 -9.18 3.07 53.89
CA SER B 34 -8.00 2.55 54.57
C SER B 34 -6.65 3.17 54.00
N THR B 35 -6.49 3.18 52.67
CA THR B 35 -5.37 3.87 51.99
C THR B 35 -5.25 5.38 52.29
N LEU B 36 -6.37 6.08 52.25
CA LEU B 36 -6.39 7.55 52.34
C LEU B 36 -6.01 7.99 53.73
N ILE B 37 -6.54 7.25 54.70
CA ILE B 37 -6.30 7.52 56.11
C ILE B 37 -4.83 7.33 56.44
N ASP B 38 -4.22 6.26 55.93
CA ASP B 38 -2.78 6.03 56.11
C ASP B 38 -1.90 7.11 55.48
N VAL B 39 -2.34 7.68 54.37
CA VAL B 39 -1.57 8.72 53.70
C VAL B 39 -1.79 10.07 54.39
N LEU B 40 -3.01 10.36 54.80
CA LEU B 40 -3.33 11.70 55.30
C LEU B 40 -3.11 11.89 56.77
N TRP B 41 -3.16 10.78 57.53
CA TRP B 41 -2.89 10.75 58.98
C TRP B 41 -1.99 9.56 59.31
N PRO B 42 -0.70 9.63 58.89
CA PRO B 42 0.23 8.54 59.20
C PRO B 42 0.76 8.51 60.63
N GLY B 43 0.57 9.56 61.44
CA GLY B 43 1.01 9.54 62.85
C GLY B 43 2.32 10.31 63.04
N GLY B 44 2.55 10.91 64.22
CA GLY B 44 3.67 11.87 64.41
C GLY B 44 3.51 13.20 63.66
N LYS B 45 4.26 13.38 62.56
CA LYS B 45 4.14 14.60 61.78
C LYS B 45 2.77 14.76 61.07
N SER B 46 2.15 15.95 61.20
CA SER B 46 1.01 16.31 60.36
C SER B 46 1.33 16.34 58.86
N GLN B 47 0.62 15.54 58.07
CA GLN B 47 0.76 15.59 56.62
C GLN B 47 0.16 16.85 55.99
N TRP B 48 -0.82 17.44 56.65
CA TRP B 48 -1.45 18.66 56.23
C TRP B 48 -0.50 19.84 56.30
N GLU B 49 0.44 19.76 57.26
CA GLU B 49 1.44 20.80 57.46
C GLU B 49 2.40 20.83 56.30
N ILE B 50 2.75 19.64 55.82
CA ILE B 50 3.53 19.47 54.61
C ILE B 50 2.86 20.12 53.39
N PHE B 51 1.52 19.97 53.25
CA PHE B 51 0.79 20.65 52.14
C PHE B 51 0.90 22.19 52.23
N MET B 52 0.84 22.72 53.45
CA MET B 52 0.96 24.16 53.73
C MET B 52 2.35 24.66 53.32
N GLU B 53 3.37 24.03 53.90
CA GLU B 53 4.77 24.29 53.59
C GLU B 53 5.12 24.26 52.10
N GLN B 54 4.56 23.26 51.40
CA GLN B 54 4.69 23.17 49.97
C GLN B 54 4.34 24.51 49.30
N VAL B 55 3.17 25.06 49.58
CA VAL B 55 2.72 26.25 48.86
C VAL B 55 3.36 27.54 49.37
N GLU B 56 3.58 27.63 50.68
CA GLU B 56 4.30 28.79 51.27
C GLU B 56 5.69 28.98 50.65
N ALA B 57 6.35 27.87 50.33
CA ALA B 57 7.66 27.87 49.69
C ALA B 57 7.57 28.32 48.22
N LEU B 58 6.55 27.85 47.51
CA LEU B 58 6.41 28.19 46.10
C LEU B 58 6.14 29.67 45.86
N ILE B 59 5.38 30.31 46.76
CA ILE B 59 5.01 31.71 46.59
C ILE B 59 5.74 32.68 47.52
N ASN B 60 6.60 32.13 48.38
CA ASN B 60 7.35 32.90 49.39
C ASN B 60 6.48 33.82 50.25
N GLN B 61 5.43 33.23 50.83
CA GLN B 61 4.57 33.94 51.74
C GLN B 61 4.27 33.01 52.89
N LYS B 62 4.11 33.56 54.07
CA LYS B 62 3.80 32.77 55.25
C LYS B 62 2.34 32.98 55.65
N ILE B 63 1.67 31.87 55.93
CA ILE B 63 0.40 31.79 56.60
C ILE B 63 0.55 32.24 58.06
N ALA B 64 -0.38 33.05 58.52
CA ALA B 64 -0.41 33.54 59.89
C ALA B 64 -0.52 32.38 60.88
N GLU B 65 0.04 32.59 62.06
CA GLU B 65 0.19 31.55 63.07
C GLU B 65 -1.16 31.04 63.55
N TYR B 66 -2.07 31.98 63.84
CA TYR B 66 -3.44 31.68 64.24
C TYR B 66 -4.18 30.73 63.27
N ALA B 67 -4.20 31.14 62.00
CA ALA B 67 -4.78 30.41 60.89
C ALA B 67 -4.14 29.04 60.69
N ARG B 68 -2.81 28.97 60.82
CA ARG B 68 -2.13 27.69 60.69
C ARG B 68 -2.47 26.76 61.84
N ALA B 69 -2.42 27.25 63.07
CA ALA B 69 -2.71 26.43 64.25
C ALA B 69 -4.12 25.83 64.20
N LYS B 70 -5.07 26.67 63.81
CA LYS B 70 -6.47 26.31 63.81
C LYS B 70 -6.72 25.26 62.75
N ALA B 71 -6.30 25.52 61.52
CA ALA B 71 -6.45 24.56 60.43
C ALA B 71 -5.79 23.23 60.80
N LEU B 72 -4.59 23.28 61.36
CA LEU B 72 -3.85 22.05 61.80
C LEU B 72 -4.56 21.21 62.84
N ALA B 73 -5.21 21.86 63.80
CA ALA B 73 -6.01 21.13 64.81
C ALA B 73 -7.37 20.60 64.31
N GLU B 74 -8.00 21.34 63.40
CA GLU B 74 -9.23 20.85 62.79
C GLU B 74 -8.97 19.64 61.91
N LEU B 75 -7.91 19.70 61.11
CA LEU B 75 -7.51 18.59 60.23
C LEU B 75 -7.05 17.33 60.94
N GLU B 76 -6.32 17.48 62.02
CA GLU B 76 -5.95 16.35 62.84
C GLU B 76 -7.15 15.71 63.56
N GLY B 77 -8.11 16.54 63.99
CA GLY B 77 -9.37 16.06 64.59
C GLY B 77 -10.27 15.30 63.61
N LEU B 78 -10.33 15.76 62.36
CA LEU B 78 -11.00 15.06 61.28
C LEU B 78 -10.50 13.60 61.17
N GLY B 79 -9.22 13.40 61.35
CA GLY B 79 -8.59 12.13 61.15
C GLY B 79 -8.98 11.10 62.16
N ASN B 80 -9.23 11.53 63.39
CA ASN B 80 -9.71 10.61 64.39
C ASN B 80 -11.16 10.15 64.12
N ASN B 81 -11.97 11.11 63.65
CA ASN B 81 -13.33 10.85 63.23
C ASN B 81 -13.39 9.97 61.98
N TYR B 82 -12.43 10.12 61.06
CA TYR B 82 -12.19 9.15 60.01
C TYR B 82 -11.89 7.72 60.47
N GLN B 83 -11.08 7.55 61.53
CA GLN B 83 -10.84 6.19 62.01
C GLN B 83 -12.13 5.51 62.48
N LEU B 84 -12.96 6.27 63.20
CA LEU B 84 -14.27 5.82 63.71
C LEU B 84 -15.25 5.54 62.57
N TYR B 85 -15.21 6.35 61.51
CA TYR B 85 -16.12 6.18 60.44
C TYR B 85 -15.74 4.89 59.70
N LEU B 86 -14.45 4.72 59.41
CA LEU B 86 -13.92 3.51 58.80
C LEU B 86 -14.36 2.24 59.55
N THR B 87 -14.18 2.23 60.88
CA THR B 87 -14.54 1.11 61.72
C THR B 87 -16.05 0.86 61.69
N ALA B 88 -16.85 1.93 61.76
CA ALA B 88 -18.32 1.85 61.65
C ALA B 88 -18.77 1.21 60.34
N LEU B 89 -18.06 1.50 59.26
CA LEU B 89 -18.35 0.95 57.93
C LEU B 89 -17.95 -0.52 57.87
N GLU B 90 -16.87 -0.89 58.55
CA GLU B 90 -16.46 -2.29 58.61
C GLU B 90 -17.46 -3.05 59.46
N GLU B 91 -17.88 -2.44 60.58
CA GLU B 91 -18.96 -3.03 61.38
C GLU B 91 -20.24 -3.23 60.57
N TRP B 92 -20.63 -2.26 59.75
CA TRP B 92 -21.84 -2.35 58.95
C TRP B 92 -21.73 -3.47 57.89
N GLN B 93 -20.54 -3.61 57.31
CA GLN B 93 -20.26 -4.64 56.32
C GLN B 93 -20.61 -6.03 56.86
N GLU B 94 -20.37 -6.27 58.15
CA GLU B 94 -20.56 -7.62 58.71
C GLU B 94 -21.87 -7.90 59.50
N ASN B 95 -22.47 -6.86 60.07
CA ASN B 95 -23.79 -6.92 60.64
C ASN B 95 -24.73 -5.89 60.03
N PRO B 96 -24.99 -6.00 58.71
CA PRO B 96 -25.79 -5.00 57.98
C PRO B 96 -27.28 -4.92 58.37
N SER B 97 -27.78 -5.90 59.12
CA SER B 97 -29.21 -5.90 59.47
C SER B 97 -29.47 -5.25 60.84
N SER B 98 -28.41 -4.91 61.59
CA SER B 98 -28.49 -4.29 62.92
C SER B 98 -28.81 -2.80 62.85
N THR B 99 -29.90 -2.40 63.47
CA THR B 99 -30.30 -0.99 63.54
C THR B 99 -29.22 -0.20 64.31
N ARG B 100 -28.70 -0.80 65.39
CA ARG B 100 -27.59 -0.22 66.15
C ARG B 100 -26.39 0.11 65.23
N VAL B 101 -25.95 -0.88 64.46
CA VAL B 101 -24.81 -0.70 63.59
C VAL B 101 -25.06 0.33 62.46
N LEU B 102 -26.24 0.31 61.85
CA LEU B 102 -26.57 1.24 60.79
C LEU B 102 -26.64 2.69 61.35
N ARG B 103 -27.12 2.84 62.57
CA ARG B 103 -27.11 4.12 63.24
C ARG B 103 -25.71 4.60 63.54
N ASP B 104 -24.82 3.67 63.91
CA ASP B 104 -23.42 4.00 64.17
C ASP B 104 -22.77 4.63 62.94
N VAL B 105 -22.90 3.96 61.79
CA VAL B 105 -22.26 4.45 60.56
C VAL B 105 -22.91 5.75 60.09
N ARG B 106 -24.22 5.84 60.21
CA ARG B 106 -24.94 7.06 59.83
C ARG B 106 -24.48 8.28 60.66
N ASN B 107 -24.30 8.08 61.96
CA ASN B 107 -23.85 9.13 62.87
C ASN B 107 -22.40 9.57 62.57
N ARG B 108 -21.52 8.61 62.36
CA ARG B 108 -20.16 8.88 61.99
C ARG B 108 -20.05 9.70 60.71
N PHE B 109 -20.89 9.36 59.73
CA PHE B 109 -20.94 10.07 58.48
C PHE B 109 -21.42 11.51 58.67
N GLU B 110 -22.41 11.71 59.52
CA GLU B 110 -23.02 13.03 59.74
C GLU B 110 -22.10 13.92 60.57
N ILE B 111 -21.35 13.32 61.47
CA ILE B 111 -20.35 14.06 62.24
C ILE B 111 -19.29 14.61 61.28
N LEU B 112 -18.74 13.72 60.44
CA LEU B 112 -17.82 14.15 59.41
C LEU B 112 -18.33 15.24 58.47
N ASP B 113 -19.55 15.06 57.91
CA ASP B 113 -20.19 16.05 57.06
C ASP B 113 -20.33 17.39 57.76
N SER B 114 -20.69 17.33 59.04
CA SER B 114 -20.85 18.52 59.84
C SER B 114 -19.49 19.18 60.10
N LEU B 115 -18.48 18.37 60.35
CA LEU B 115 -17.12 18.89 60.56
C LEU B 115 -16.55 19.60 59.31
N PHE B 116 -16.70 19.00 58.12
CA PHE B 116 -16.26 19.62 56.85
C PHE B 116 -16.97 20.95 56.57
N THR B 117 -18.28 20.96 56.74
CA THR B 117 -19.06 22.18 56.64
C THR B 117 -18.50 23.27 57.58
N GLN B 118 -18.29 22.93 58.85
CA GLN B 118 -17.62 23.82 59.80
C GLN B 118 -16.20 24.21 59.42
N TYR B 119 -15.39 23.26 58.93
CA TYR B 119 -13.92 23.49 58.72
C TYR B 119 -13.46 24.14 57.41
N MET B 120 -14.16 23.88 56.31
CA MET B 120 -13.70 24.37 55.00
C MET B 120 -13.35 25.88 54.95
N PRO B 121 -14.19 26.75 55.56
CA PRO B 121 -13.83 28.18 55.57
C PRO B 121 -12.45 28.46 56.14
N SER B 122 -11.97 27.62 57.07
CA SER B 122 -10.65 27.84 57.65
C SER B 122 -9.50 27.32 56.79
N PHE B 123 -9.84 26.70 55.65
CA PHE B 123 -8.87 26.38 54.60
C PHE B 123 -8.88 27.36 53.47
N ARG B 124 -9.49 28.51 53.70
CA ARG B 124 -9.46 29.58 52.70
C ARG B 124 -9.45 30.97 53.34
N VAL B 125 -8.78 31.11 54.48
CA VAL B 125 -8.79 32.41 55.18
C VAL B 125 -8.32 33.53 54.27
N THR B 126 -9.04 34.64 54.33
CA THR B 126 -8.77 35.83 53.48
C THR B 126 -7.33 36.29 53.61
N GLY B 127 -6.67 36.48 52.46
CA GLY B 127 -5.27 36.81 52.41
C GLY B 127 -4.40 35.58 52.35
N TYR B 128 -4.93 34.41 52.71
CA TYR B 128 -4.18 33.12 52.68
C TYR B 128 -4.80 32.05 51.79
N GLU B 129 -5.60 32.44 50.81
CA GLU B 129 -6.32 31.45 49.98
C GLU B 129 -5.37 30.61 49.17
N VAL B 130 -4.31 31.27 48.66
CA VAL B 130 -3.28 30.60 47.88
C VAL B 130 -2.32 29.60 48.65
N PRO B 131 -1.64 30.02 49.76
CA PRO B 131 -0.85 28.98 50.52
C PRO B 131 -1.66 27.85 51.17
N LEU B 132 -2.96 28.06 51.40
CA LEU B 132 -3.86 27.01 51.92
C LEU B 132 -4.52 26.15 50.84
N LEU B 133 -4.20 26.38 49.57
CA LEU B 133 -4.91 25.75 48.47
C LEU B 133 -4.70 24.23 48.34
N SER B 134 -3.47 23.77 48.58
CA SER B 134 -3.28 22.33 48.50
C SER B 134 -3.97 21.62 49.69
N VAL B 135 -3.99 22.24 50.88
CA VAL B 135 -4.81 21.75 51.98
C VAL B 135 -6.32 21.65 51.60
N TYR B 136 -6.83 22.73 50.98
CA TYR B 136 -8.21 22.89 50.60
C TYR B 136 -8.66 21.84 49.58
N ALA B 137 -7.89 21.67 48.51
CA ALA B 137 -8.10 20.62 47.49
C ALA B 137 -8.20 19.23 48.11
N GLN B 138 -7.32 18.93 49.06
CA GLN B 138 -7.33 17.64 49.72
C GLN B 138 -8.49 17.44 50.67
N ALA B 139 -8.85 18.47 51.42
CA ALA B 139 -10.04 18.44 52.27
C ALA B 139 -11.34 18.42 51.45
N ALA B 140 -11.40 19.24 50.40
CA ALA B 140 -12.57 19.25 49.48
C ALA B 140 -12.76 17.86 48.93
N ASN B 141 -11.66 17.22 48.51
CA ASN B 141 -11.66 15.88 47.93
C ASN B 141 -12.34 14.92 48.89
N LEU B 142 -11.97 15.03 50.17
CA LEU B 142 -12.49 14.08 51.17
C LEU B 142 -13.98 14.31 51.43
N HIS B 143 -14.36 15.59 51.45
CA HIS B 143 -15.73 15.95 51.63
C HIS B 143 -16.62 15.45 50.50
N LEU B 144 -16.17 15.61 49.25
CA LEU B 144 -16.94 15.10 48.12
C LEU B 144 -16.99 13.57 48.09
N LEU B 145 -15.97 12.89 48.60
CA LEU B 145 -16.01 11.45 48.62
C LEU B 145 -17.00 11.00 49.67
N LEU B 146 -17.04 11.74 50.77
CA LEU B 146 -17.94 11.40 51.86
C LEU B 146 -19.40 11.48 51.39
N LEU B 147 -19.73 12.53 50.67
CA LEU B 147 -21.08 12.73 50.21
C LEU B 147 -21.48 11.68 49.15
N LYS B 148 -20.51 11.11 48.46
CA LYS B 148 -20.77 10.05 47.53
C LYS B 148 -21.24 8.80 48.30
N ASP B 149 -20.74 8.61 49.53
CA ASP B 149 -21.17 7.50 50.38
C ASP B 149 -22.66 7.55 50.64
N ALA B 150 -23.15 8.75 50.94
CA ALA B 150 -24.59 8.97 51.13
C ALA B 150 -25.44 8.60 49.89
N SER B 151 -24.90 8.83 48.69
CA SER B 151 -25.66 8.50 47.48
C SER B 151 -25.66 7.01 47.25
N ILE B 152 -24.62 6.29 47.69
CA ILE B 152 -24.50 4.86 47.43
C ILE B 152 -25.09 4.00 48.55
N PHE B 153 -24.95 4.47 49.79
CA PHE B 153 -25.30 3.70 50.99
C PHE B 153 -26.42 4.33 51.80
N GLY B 154 -26.81 5.55 51.48
CA GLY B 154 -27.80 6.29 52.25
C GLY B 154 -29.09 5.52 52.44
N GLU B 155 -29.62 4.95 51.36
CA GLU B 155 -30.86 4.18 51.41
C GLU B 155 -30.74 2.98 52.37
N GLU B 156 -29.66 2.21 52.24
CA GLU B 156 -29.45 1.07 53.09
C GLU B 156 -29.26 1.49 54.56
N TRP B 157 -28.69 2.69 54.79
CA TRP B 157 -28.38 3.20 56.15
C TRP B 157 -29.58 3.76 56.87
N GLY B 158 -30.64 4.01 56.11
CA GLY B 158 -31.90 4.41 56.69
C GLY B 158 -32.32 5.84 56.44
N PHE B 159 -31.57 6.61 55.64
CA PHE B 159 -32.01 7.96 55.27
C PHE B 159 -33.22 7.90 54.36
N SER B 160 -34.09 8.89 54.48
CA SER B 160 -35.21 9.05 53.58
C SER B 160 -34.76 9.60 52.24
N THR B 161 -35.70 9.55 51.30
CA THR B 161 -35.54 10.05 49.95
C THR B 161 -35.28 11.54 49.94
N THR B 162 -35.96 12.28 50.80
CA THR B 162 -35.70 13.71 50.92
C THR B 162 -34.25 13.92 51.35
N ALA B 163 -33.82 13.19 52.39
CA ALA B 163 -32.45 13.31 52.96
C ALA B 163 -31.36 12.97 51.95
N ILE B 164 -31.56 11.87 51.23
CA ILE B 164 -30.64 11.43 50.17
C ILE B 164 -30.61 12.44 49.04
N ASN B 165 -31.76 12.96 48.63
CA ASN B 165 -31.81 13.95 47.59
C ASN B 165 -31.15 15.26 47.98
N ASN B 166 -31.33 15.66 49.25
CA ASN B 166 -30.69 16.84 49.83
C ASN B 166 -29.16 16.72 49.82
N TYR B 167 -28.65 15.53 50.17
CA TYR B 167 -27.22 15.23 50.07
C TYR B 167 -26.76 15.31 48.63
N TYR B 168 -27.55 14.74 47.73
CA TYR B 168 -27.13 14.78 46.36
C TYR B 168 -27.05 16.20 45.79
N ASN B 169 -28.03 17.04 46.09
CA ASN B 169 -28.01 18.40 45.59
C ASN B 169 -26.90 19.18 46.24
N ARG B 170 -26.65 18.92 47.54
CA ARG B 170 -25.52 19.56 48.19
C ARG B 170 -24.19 19.12 47.60
N GLN B 171 -24.02 17.83 47.34
CA GLN B 171 -22.84 17.34 46.66
C GLN B 171 -22.57 18.01 45.30
N MET B 172 -23.63 18.19 44.51
CA MET B 172 -23.60 18.85 43.19
CA MET B 172 -23.46 18.80 43.20
C MET B 172 -23.10 20.28 43.34
N SER B 173 -23.71 20.93 44.31
CA SER B 173 -23.43 22.31 44.61
C SER B 173 -21.99 22.53 45.13
N LEU B 174 -21.50 21.62 45.97
CA LEU B 174 -20.11 21.64 46.45
C LEU B 174 -19.07 21.26 45.40
N ILE B 175 -19.39 20.38 44.46
CA ILE B 175 -18.43 20.07 43.39
C ILE B 175 -18.13 21.34 42.65
N ALA B 176 -19.17 22.08 42.31
CA ALA B 176 -19.03 23.40 41.66
C ALA B 176 -18.26 24.41 42.53
N GLN B 177 -18.68 24.60 43.78
CA GLN B 177 -18.03 25.53 44.71
C GLN B 177 -16.54 25.28 44.93
N TYR B 178 -16.23 24.03 45.27
CA TYR B 178 -14.85 23.57 45.49
C TYR B 178 -13.98 23.63 44.27
N SER B 179 -14.45 23.09 43.13
CA SER B 179 -13.78 23.23 41.82
C SER B 179 -13.55 24.68 41.40
N ASP B 180 -14.55 25.55 41.58
CA ASP B 180 -14.32 26.96 41.21
C ASP B 180 -13.25 27.63 42.08
N HIS B 181 -13.22 27.30 43.37
CA HIS B 181 -12.22 27.86 44.28
C HIS B 181 -10.80 27.41 43.87
N CYS B 182 -10.59 26.09 43.68
CA CYS B 182 -9.31 25.54 43.19
C CYS B 182 -8.80 26.24 41.93
N VAL B 183 -9.66 26.34 40.90
CA VAL B 183 -9.26 26.96 39.65
C VAL B 183 -9.05 28.46 39.81
N GLN B 184 -9.97 29.17 40.49
CA GLN B 184 -9.82 30.61 40.67
C GLN B 184 -8.49 30.91 41.36
N TRP B 185 -8.22 30.24 42.49
CA TRP B 185 -7.02 30.53 43.29
C TRP B 185 -5.71 29.95 42.75
N TYR B 186 -5.81 28.89 41.95
CA TYR B 186 -4.67 28.46 41.14
C TYR B 186 -4.30 29.56 40.11
N ARG B 187 -5.30 30.12 39.44
CA ARG B 187 -5.02 31.15 38.45
C ARG B 187 -4.47 32.43 39.07
N THR B 188 -5.09 32.92 40.14
CA THR B 188 -4.54 34.05 40.91
C THR B 188 -3.11 33.75 41.50
N GLY B 189 -2.93 32.60 42.14
CA GLY B 189 -1.61 32.22 42.68
C GLY B 189 -0.53 32.26 41.61
N LEU B 190 -0.88 31.81 40.40
CA LEU B 190 0.03 31.82 39.28
C LEU B 190 0.26 33.19 38.69
N ASP B 191 -0.80 33.96 38.50
CA ASP B 191 -0.65 35.31 38.00
C ASP B 191 0.21 36.21 38.93
N ARG B 192 0.10 36.03 40.24
CA ARG B 192 0.95 36.76 41.21
C ARG B 192 2.46 36.49 41.10
N LEU B 193 2.85 35.48 40.35
CA LEU B 193 4.25 35.13 40.13
C LEU B 193 4.74 35.59 38.76
N LYS B 194 3.84 36.14 37.95
CA LYS B 194 4.22 36.68 36.66
C LYS B 194 5.23 37.82 36.89
N GLY B 195 6.41 37.75 36.29
CA GLY B 195 7.42 38.80 36.48
C GLY B 195 8.16 39.11 35.21
N SER B 196 9.39 39.56 35.36
CA SER B 196 10.18 40.13 34.29
C SER B 196 11.36 39.28 33.77
N ASN B 197 12.02 38.57 34.69
CA ASN B 197 13.30 37.90 34.34
C ASN B 197 13.18 36.35 34.39
N ALA B 198 14.24 35.64 34.00
CA ALA B 198 14.23 34.17 33.86
C ALA B 198 14.14 33.43 35.21
N LYS B 199 14.73 34.03 36.26
CA LYS B 199 14.58 33.51 37.63
C LYS B 199 13.13 33.48 38.07
N GLN B 200 12.43 34.58 37.79
CA GLN B 200 10.99 34.63 38.06
C GLN B 200 10.22 33.63 37.17
N TRP B 201 10.69 33.40 35.94
CA TRP B 201 10.03 32.38 35.09
C TRP B 201 10.14 31.00 35.74
N VAL B 202 11.30 30.68 36.27
CA VAL B 202 11.48 29.38 36.93
C VAL B 202 10.51 29.24 38.10
N GLU B 203 10.35 30.29 38.91
CA GLU B 203 9.43 30.24 40.06
C GLU B 203 7.96 30.08 39.63
N TYR B 204 7.58 30.79 38.61
CA TYR B 204 6.22 30.72 38.03
C TYR B 204 5.90 29.30 37.49
N ASN B 205 6.80 28.79 36.67
CA ASN B 205 6.69 27.45 36.13
C ASN B 205 6.69 26.35 37.20
N ARG B 206 7.48 26.49 38.26
CA ARG B 206 7.41 25.56 39.41
C ARG B 206 6.00 25.53 40.08
N PHE B 207 5.43 26.69 40.34
CA PHE B 207 4.08 26.77 40.87
C PHE B 207 3.07 26.13 39.89
N ARG B 208 3.20 26.44 38.59
CA ARG B 208 2.37 25.83 37.55
C ARG B 208 2.41 24.28 37.65
N ARG B 209 3.60 23.67 37.56
CA ARG B 209 3.72 22.19 37.64
C ARG B 209 3.19 21.65 38.97
N GLU B 210 3.72 22.16 40.08
CA GLU B 210 3.30 21.65 41.38
C GLU B 210 1.84 21.73 41.76
N MET B 211 1.20 22.86 41.39
CA MET B 211 -0.19 23.09 41.74
C MET B 211 -1.14 22.42 40.74
N THR B 212 -0.65 22.12 39.55
CA THR B 212 -1.34 21.19 38.63
C THR B 212 -1.37 19.82 39.24
N LEU B 213 -0.23 19.40 39.80
CA LEU B 213 -0.07 18.08 40.37
C LEU B 213 -0.86 18.00 41.64
N SER B 214 -0.95 19.11 42.37
CA SER B 214 -1.43 19.08 43.79
C SER B 214 -2.88 19.57 43.99
N VAL B 215 -3.33 20.46 43.11
CA VAL B 215 -4.66 20.96 43.16
C VAL B 215 -5.50 20.53 41.93
N LEU B 216 -5.08 20.90 40.72
CA LEU B 216 -5.92 20.70 39.53
C LEU B 216 -6.15 19.24 39.19
N ASP B 217 -5.15 18.39 39.39
CA ASP B 217 -5.32 16.97 39.04
C ASP B 217 -6.41 16.29 39.88
N ILE B 218 -6.39 16.51 41.18
CA ILE B 218 -7.44 15.87 42.00
C ILE B 218 -8.82 16.47 41.79
N MET B 219 -8.88 17.81 41.71
CA MET B 219 -10.10 18.53 41.35
C MET B 219 -10.70 18.00 40.02
N THR B 220 -9.87 17.64 39.04
CA THR B 220 -10.40 17.15 37.76
C THR B 220 -11.24 15.90 38.02
N LEU B 221 -10.93 15.19 39.11
CA LEU B 221 -11.61 13.94 39.46
C LEU B 221 -12.97 14.09 40.19
N PHE B 222 -13.28 15.29 40.68
CA PHE B 222 -14.52 15.51 41.46
C PHE B 222 -15.87 15.13 40.78
N PRO B 223 -16.05 15.45 39.45
CA PRO B 223 -17.34 15.10 38.80
C PRO B 223 -17.62 13.60 38.77
N MET B 224 -16.59 12.78 38.86
CA MET B 224 -16.79 11.34 38.90
C MET B 224 -17.21 10.84 40.29
N TYR B 225 -17.31 11.72 41.27
CA TYR B 225 -17.85 11.31 42.60
C TYR B 225 -19.35 11.35 42.61
N ASP B 226 -19.92 11.84 41.50
CA ASP B 226 -21.40 11.94 41.30
C ASP B 226 -21.85 10.57 40.77
N MET B 227 -22.43 9.77 41.66
CA MET B 227 -22.79 8.40 41.29
C MET B 227 -24.06 8.25 40.47
N ARG B 228 -24.83 9.32 40.30
CA ARG B 228 -25.92 9.33 39.33
C ARG B 228 -25.40 9.35 37.86
N THR B 229 -24.39 10.18 37.59
CA THR B 229 -23.75 10.28 36.30
C THR B 229 -22.74 9.16 36.01
N TYR B 230 -22.00 8.74 37.03
CA TYR B 230 -21.01 7.68 36.88
C TYR B 230 -21.40 6.49 37.82
N PRO B 231 -22.45 5.70 37.41
CA PRO B 231 -22.97 4.65 38.33
C PRO B 231 -22.11 3.39 38.40
N MET B 232 -21.14 3.26 37.51
CA MET B 232 -20.24 2.10 37.45
C MET B 232 -18.80 2.58 37.24
N GLU B 233 -17.86 1.64 37.22
CA GLU B 233 -16.44 1.98 37.04
C GLU B 233 -16.11 2.80 35.77
N THR B 234 -15.28 3.84 35.94
CA THR B 234 -14.87 4.76 34.86
C THR B 234 -13.35 4.91 34.71
N LYS B 235 -12.90 5.02 33.45
CA LYS B 235 -11.53 5.34 33.11
C LYS B 235 -11.34 6.79 32.67
N ALA B 236 -10.83 7.61 33.58
CA ALA B 236 -10.46 9.02 33.30
C ALA B 236 -9.05 9.15 32.75
N GLN B 237 -8.81 10.13 31.88
CA GLN B 237 -7.44 10.43 31.40
C GLN B 237 -7.06 11.90 31.64
N LEU B 238 -5.96 12.15 32.36
CA LEU B 238 -5.35 13.50 32.38
C LEU B 238 -4.44 13.73 31.17
N THR B 239 -4.85 14.64 30.27
CA THR B 239 -4.08 14.91 29.07
C THR B 239 -3.14 16.14 29.07
N ARG B 240 -3.22 17.01 30.10
CA ARG B 240 -2.27 18.16 30.22
C ARG B 240 -0.77 17.75 30.21
N GLU B 241 0.08 18.61 29.64
CA GLU B 241 1.52 18.50 29.77
C GLU B 241 1.99 19.26 31.02
N VAL B 242 2.99 18.74 31.71
CA VAL B 242 3.66 19.49 32.75
C VAL B 242 5.12 19.59 32.33
N TYR B 243 5.76 20.70 32.71
CA TYR B 243 7.12 21.02 32.36
C TYR B 243 7.95 20.99 33.61
N THR B 244 9.00 20.18 33.60
CA THR B 244 9.95 20.19 34.66
C THR B 244 10.80 21.48 34.58
N ASP B 245 11.57 21.77 35.64
CA ASP B 245 12.43 22.94 35.68
C ASP B 245 13.47 22.93 34.56
N PRO B 246 13.79 24.13 33.98
CA PRO B 246 14.85 24.12 32.97
C PRO B 246 16.12 23.42 33.43
N ILE B 247 16.73 22.65 32.53
CA ILE B 247 17.97 21.96 32.86
C ILE B 247 19.23 22.86 32.72
N GLY B 248 19.47 23.62 33.79
CA GLY B 248 20.60 24.53 33.80
C GLY B 248 21.08 24.69 35.21
N ALA B 249 22.37 24.91 35.38
CA ALA B 249 22.95 25.06 36.70
C ALA B 249 22.49 26.37 37.39
N ILE B 250 22.22 26.26 38.68
CA ILE B 250 21.81 27.36 39.52
C ILE B 250 22.66 27.26 40.78
N GLY B 251 23.15 28.41 41.26
CA GLY B 251 24.00 28.49 42.42
C GLY B 251 24.71 29.84 42.51
N ALA B 252 25.23 30.11 43.71
CA ALA B 252 26.03 31.31 44.01
C ALA B 252 27.25 31.48 43.10
N GLN B 253 27.77 30.40 42.54
CA GLN B 253 28.86 30.49 41.57
C GLN B 253 28.40 31.03 40.21
N GLY B 254 27.08 31.16 40.02
CA GLY B 254 26.51 31.46 38.70
C GLY B 254 25.34 30.54 38.36
N SER B 255 24.27 31.14 37.86
CA SER B 255 23.11 30.41 37.39
C SER B 255 22.88 30.77 35.96
N TRP B 256 22.29 29.82 35.23
CA TRP B 256 22.09 30.00 33.82
C TRP B 256 21.27 31.27 33.61
N TYR B 257 20.41 31.60 34.58
CA TYR B 257 19.48 32.69 34.39
C TYR B 257 20.01 34.07 34.71
N ASP B 258 21.30 34.17 35.07
CA ASP B 258 21.92 35.46 35.42
C ASP B 258 21.93 36.33 34.19
N SER B 259 22.14 35.73 33.03
CA SER B 259 22.16 36.48 31.78
C SER B 259 21.37 35.70 30.74
N ALA B 260 20.06 35.94 30.67
CA ALA B 260 19.18 35.03 29.92
C ALA B 260 17.95 35.79 29.41
N PRO B 261 17.15 35.17 28.50
CA PRO B 261 15.93 35.81 28.00
C PRO B 261 14.95 36.25 29.10
N SER B 262 14.05 37.14 28.73
CA SER B 262 13.12 37.69 29.67
C SER B 262 12.08 36.61 29.95
N PHE B 263 11.32 36.80 31.03
CA PHE B 263 10.20 36.00 31.37
C PHE B 263 9.32 35.80 30.17
N ASN B 264 8.92 36.90 29.54
CA ASN B 264 7.99 36.82 28.46
C ASN B 264 8.47 35.90 27.34
N THR B 265 9.75 35.99 26.99
CA THR B 265 10.32 35.22 25.91
C THR B 265 10.40 33.71 26.26
N LEU B 266 10.69 33.39 27.53
CA LEU B 266 10.72 32.01 28.02
C LEU B 266 9.35 31.39 27.96
N GLU B 267 8.33 32.16 28.37
CA GLU B 267 6.97 31.68 28.37
C GLU B 267 6.47 31.32 26.95
N SER B 268 7.01 31.98 25.93
CA SER B 268 6.67 31.80 24.50
C SER B 268 7.50 30.76 23.80
N THR B 269 8.61 30.36 24.42
CA THR B 269 9.62 29.50 23.83
C THR B 269 9.71 28.13 24.53
N PHE B 270 9.72 28.12 25.88
CA PHE B 270 9.86 26.87 26.64
C PHE B 270 8.57 26.09 26.60
N ILE B 271 7.46 26.82 26.42
CA ILE B 271 6.11 26.26 26.40
C ILE B 271 5.57 26.20 24.99
N ARG B 272 5.22 24.98 24.59
CA ARG B 272 4.72 24.76 23.22
C ARG B 272 3.43 25.46 23.08
N GLY B 273 3.15 25.95 21.88
CA GLY B 273 1.76 26.36 21.59
C GLY B 273 0.81 25.15 21.68
N LYS B 274 -0.49 25.45 21.80
CA LYS B 274 -1.53 24.41 21.91
C LYS B 274 -1.45 23.37 20.81
N HIS B 275 -1.70 22.12 21.15
CA HIS B 275 -1.44 21.05 20.19
C HIS B 275 -2.36 19.87 20.51
N LEU B 276 -2.47 18.92 19.59
CA LEU B 276 -3.19 17.68 19.90
C LEU B 276 -2.25 16.83 20.75
N PHE B 277 -2.82 16.13 21.73
CA PHE B 277 -2.10 15.13 22.50
C PHE B 277 -1.15 14.26 21.64
N ASP B 278 0.12 14.15 22.02
CA ASP B 278 1.07 13.42 21.14
C ASP B 278 2.11 12.65 21.95
N PHE B 279 2.81 11.75 21.27
CA PHE B 279 3.93 11.05 21.87
C PHE B 279 5.19 11.32 21.07
N ILE B 280 6.28 11.43 21.81
CA ILE B 280 7.60 11.56 21.25
C ILE B 280 7.97 10.28 20.47
N THR B 281 8.62 10.50 19.31
CA THR B 281 9.09 9.45 18.44
C THR B 281 10.62 9.50 18.23
N ARG B 282 11.18 10.70 18.28
CA ARG B 282 12.58 10.89 17.89
C ARG B 282 13.20 12.18 18.42
N LEU B 283 14.45 12.05 18.85
CA LEU B 283 15.23 13.20 19.31
C LEU B 283 16.58 13.17 18.60
N SER B 284 16.91 14.25 17.90
CA SER B 284 18.23 14.43 17.36
C SER B 284 18.91 15.54 18.16
N ILE B 285 20.02 15.20 18.82
CA ILE B 285 20.76 16.14 19.64
C ILE B 285 22.08 16.53 18.99
N TYR B 286 22.26 17.83 18.77
CA TYR B 286 23.48 18.41 18.21
C TYR B 286 24.37 18.93 19.32
N THR B 287 25.65 18.61 19.23
CA THR B 287 26.58 18.89 20.31
C THR B 287 27.55 19.96 19.84
N GLY B 288 27.85 20.94 20.70
CA GLY B 288 28.98 21.86 20.50
C GLY B 288 29.96 21.83 21.68
N ARG B 289 31.07 22.54 21.56
CA ARG B 289 32.13 22.49 22.58
C ARG B 289 32.56 23.89 22.98
N SER B 290 32.49 24.19 24.28
CA SER B 290 33.17 25.36 24.83
C SER B 290 34.47 24.85 25.49
N SER B 291 35.59 25.52 25.23
CA SER B 291 36.88 25.15 25.82
C SER B 291 37.48 26.26 26.69
N PHE B 292 38.20 25.85 27.71
CA PHE B 292 39.03 26.75 28.49
C PHE B 292 40.28 25.95 28.90
N SER B 293 41.42 26.23 28.30
CA SER B 293 42.57 25.29 28.48
C SER B 293 42.26 23.94 27.78
N ALA B 294 43.13 22.95 28.03
CA ALA B 294 43.11 21.66 27.34
C ALA B 294 42.50 20.63 28.27
N SER B 295 42.39 20.91 29.55
CA SER B 295 41.77 19.89 30.41
C SER B 295 40.35 20.29 30.86
N ASN B 296 39.86 21.43 30.41
CA ASN B 296 38.55 21.90 30.86
C ASN B 296 37.71 22.27 29.66
N TYR B 297 36.66 21.51 29.42
CA TYR B 297 35.86 21.72 28.24
C TYR B 297 34.49 21.14 28.48
N LEU B 298 33.51 21.76 27.82
CA LEU B 298 32.15 21.41 28.01
C LEU B 298 31.65 21.05 26.62
N LYS B 299 31.36 19.77 26.41
CA LYS B 299 30.63 19.32 25.21
C LYS B 299 29.16 19.19 25.58
N LYS B 300 28.32 19.93 24.88
CA LYS B 300 27.03 20.26 25.38
C LYS B 300 25.98 20.27 24.28
N TRP B 301 24.74 20.08 24.70
CA TRP B 301 23.54 20.12 23.86
C TRP B 301 23.33 21.56 23.35
N ILE B 302 23.60 21.80 22.06
CA ILE B 302 23.45 23.14 21.45
C ILE B 302 22.21 23.27 20.54
N GLY B 303 21.53 22.16 20.25
CA GLY B 303 20.28 22.26 19.54
C GLY B 303 19.73 20.87 19.36
N HIS B 304 18.50 20.79 18.87
CA HIS B 304 17.90 19.48 18.66
C HIS B 304 16.77 19.50 17.65
N GLN B 305 16.50 18.32 17.08
CA GLN B 305 15.27 18.06 16.31
C GLN B 305 14.40 17.12 17.10
N ILE B 306 13.14 17.50 17.29
CA ILE B 306 12.22 16.68 18.00
C ILE B 306 11.00 16.31 17.14
N SER B 307 10.70 15.02 17.11
CA SER B 307 9.54 14.49 16.40
C SER B 307 8.53 13.97 17.40
N SER B 308 7.26 14.26 17.15
CA SER B 308 6.15 13.67 17.85
C SER B 308 4.94 13.33 16.94
N GLN B 309 3.99 12.58 17.47
CA GLN B 309 2.96 11.95 16.64
C GLN B 309 1.72 11.78 17.50
N PRO B 310 0.59 12.35 17.06
CA PRO B 310 -0.68 12.09 17.75
C PRO B 310 -1.13 10.66 17.55
N ILE B 311 -2.09 10.20 18.34
CA ILE B 311 -2.53 8.82 18.22
C ILE B 311 -3.16 8.51 16.85
N GLY B 312 -2.46 7.68 16.09
CA GLY B 312 -2.96 7.23 14.79
C GLY B 312 -2.81 8.31 13.75
N GLY B 313 -1.94 9.30 14.02
CA GLY B 313 -1.72 10.41 13.10
C GLY B 313 -0.32 10.44 12.54
N SER B 314 0.04 11.61 12.02
CA SER B 314 1.29 11.79 11.29
C SER B 314 2.41 12.30 12.21
N ILE B 315 3.66 12.04 11.82
CA ILE B 315 4.81 12.50 12.58
C ILE B 315 5.14 13.91 12.11
N GLN B 316 5.28 14.81 13.09
CA GLN B 316 5.67 16.21 12.90
C GLN B 316 7.02 16.40 13.57
N THR B 317 7.91 17.12 12.89
CA THR B 317 9.24 17.50 13.42
C THR B 317 9.43 19.03 13.60
N GLN B 318 9.97 19.43 14.76
CA GLN B 318 10.36 20.83 15.05
C GLN B 318 11.86 20.85 15.41
N THR B 319 12.50 21.99 15.15
CA THR B 319 13.94 22.21 15.41
C THR B 319 14.12 23.34 16.44
N TYR B 320 15.06 23.15 17.38
CA TYR B 320 15.48 24.19 18.32
C TYR B 320 16.99 24.38 18.31
N GLY B 321 17.42 25.63 18.54
CA GLY B 321 18.81 25.92 18.72
C GLY B 321 19.57 25.76 17.42
N THR B 322 20.83 25.34 17.55
CA THR B 322 21.76 25.27 16.45
C THR B 322 21.91 23.83 15.99
N THR B 323 21.65 23.57 14.72
CA THR B 323 21.71 22.19 14.23
C THR B 323 22.64 21.99 13.02
N SER B 324 23.40 23.02 12.66
CA SER B 324 24.40 22.91 11.62
C SER B 324 25.48 23.98 11.81
N GLY B 325 26.57 23.81 11.07
CA GLY B 325 27.59 24.83 10.98
C GLY B 325 28.80 24.41 11.74
N SER B 326 29.75 25.33 11.87
CA SER B 326 31.04 25.00 12.48
C SER B 326 30.99 24.72 13.99
N SER B 327 29.93 25.13 14.67
CA SER B 327 29.75 24.79 16.10
C SER B 327 29.42 23.31 16.32
N VAL B 328 28.77 22.66 15.35
CA VAL B 328 28.34 21.26 15.55
C VAL B 328 29.51 20.28 15.44
N ILE B 329 29.79 19.59 16.52
CA ILE B 329 30.92 18.65 16.52
C ILE B 329 30.42 17.19 16.52
N ALA B 330 29.10 16.99 16.75
CA ALA B 330 28.49 15.65 16.85
C ALA B 330 26.97 15.71 16.75
N THR B 331 26.40 14.62 16.24
CA THR B 331 24.95 14.40 16.19
C THR B 331 24.64 13.04 16.82
N GLN B 332 23.54 12.98 17.54
CA GLN B 332 23.07 11.73 18.09
C GLN B 332 21.58 11.64 17.88
N GLN B 333 21.14 10.51 17.30
CA GLN B 333 19.73 10.20 17.11
C GLN B 333 19.26 9.17 18.12
N ILE B 334 18.11 9.45 18.73
CA ILE B 334 17.49 8.52 19.66
C ILE B 334 16.07 8.22 19.16
N GLY B 335 15.81 6.92 18.90
CA GLY B 335 14.49 6.47 18.46
C GLY B 335 13.64 6.25 19.72
N PHE B 336 12.62 7.07 19.93
CA PHE B 336 11.72 6.92 21.11
C PHE B 336 10.36 6.28 20.85
N THR B 337 10.11 5.82 19.62
CA THR B 337 8.79 5.39 19.24
C THR B 337 8.22 4.27 20.10
N GLY B 338 7.05 4.52 20.71
CA GLY B 338 6.37 3.51 21.48
C GLY B 338 6.93 3.32 22.89
N PHE B 339 8.05 3.98 23.18
CA PHE B 339 8.73 3.94 24.49
C PHE B 339 8.20 5.00 25.44
N ASP B 340 7.85 4.58 26.66
CA ASP B 340 7.60 5.49 27.76
C ASP B 340 8.91 5.75 28.46
N VAL B 341 9.38 7.00 28.35
CA VAL B 341 10.57 7.48 29.08
C VAL B 341 10.09 7.97 30.44
N TYR B 342 10.35 7.17 31.46
CA TYR B 342 9.79 7.38 32.77
C TYR B 342 10.74 8.08 33.74
N LYS B 343 12.03 8.12 33.44
CA LYS B 343 12.87 9.11 34.09
C LYS B 343 14.03 9.57 33.29
N THR B 344 14.47 10.79 33.56
CA THR B 344 15.70 11.32 33.00
C THR B 344 16.63 11.74 34.13
N LEU B 345 17.93 11.58 33.89
CA LEU B 345 18.92 12.04 34.82
C LEU B 345 19.80 12.89 33.95
N SER B 346 19.77 14.21 34.16
CA SER B 346 20.52 15.21 33.37
C SER B 346 21.57 15.95 34.17
N THR B 347 22.78 16.06 33.61
CA THR B 347 23.84 16.86 34.19
C THR B 347 23.84 18.24 33.48
N ALA B 348 23.55 19.29 34.24
CA ALA B 348 23.60 20.64 33.74
C ALA B 348 25.01 21.16 34.10
N GLY B 349 25.82 21.45 33.10
CA GLY B 349 27.18 21.86 33.32
C GLY B 349 27.40 23.35 33.27
N VAL B 350 28.59 23.75 33.76
CA VAL B 350 29.13 25.11 33.71
C VAL B 350 30.62 25.04 33.49
N LEU B 351 31.11 25.76 32.48
CA LEU B 351 32.55 25.89 32.24
C LEU B 351 32.92 27.27 32.71
N PHE B 352 33.86 27.34 33.64
CA PHE B 352 34.36 28.62 34.16
C PHE B 352 35.60 29.08 33.38
N ALA B 353 35.47 30.20 32.70
CA ALA B 353 36.58 30.85 32.03
C ALA B 353 36.92 32.14 32.80
N TYR B 354 37.98 32.83 32.38
CA TYR B 354 38.54 33.97 33.15
C TYR B 354 37.51 35.05 33.36
N THR B 355 36.79 35.39 32.29
CA THR B 355 35.88 36.53 32.37
C THR B 355 34.44 36.19 32.01
N SER B 356 34.14 34.89 31.82
CA SER B 356 32.79 34.39 31.43
C SER B 356 32.51 32.90 31.79
N LYS B 357 31.23 32.58 31.86
CA LYS B 357 30.76 31.21 32.13
C LYS B 357 29.91 30.70 30.97
N TYR B 358 30.02 29.39 30.74
CA TYR B 358 29.25 28.72 29.70
C TYR B 358 28.41 27.65 30.33
N TYR B 359 27.13 27.71 30.02
CA TYR B 359 26.13 26.77 30.47
C TYR B 359 25.70 25.82 29.36
N GLY B 360 25.64 24.54 29.66
CA GLY B 360 24.97 23.59 28.81
C GLY B 360 24.80 22.24 29.46
N VAL B 361 23.95 21.39 28.87
CA VAL B 361 23.75 20.05 29.37
C VAL B 361 24.86 19.11 28.81
N SER B 362 25.63 18.50 29.70
CA SER B 362 26.71 17.60 29.29
C SER B 362 26.29 16.13 29.22
N LYS B 363 25.16 15.77 29.81
CA LYS B 363 24.76 14.36 29.87
C LYS B 363 23.28 14.26 30.24
N VAL B 364 22.58 13.34 29.57
CA VAL B 364 21.22 12.91 29.92
C VAL B 364 21.16 11.36 29.83
N VAL B 365 20.60 10.72 30.85
CA VAL B 365 20.24 9.29 30.81
C VAL B 365 18.71 9.18 30.77
N PHE B 366 18.17 8.53 29.75
CA PHE B 366 16.72 8.36 29.60
C PHE B 366 16.39 6.93 29.93
N ASP B 367 15.64 6.67 31.01
CA ASP B 367 15.20 5.26 31.25
C ASP B 367 13.87 5.02 30.58
N ALA B 368 13.79 3.96 29.81
CA ALA B 368 12.62 3.74 28.94
C ALA B 368 12.03 2.30 29.02
N ILE B 369 10.71 2.19 28.93
CA ILE B 369 10.05 0.93 28.84
C ILE B 369 9.04 1.02 27.71
N TYR B 370 9.02 -0.04 26.92
CA TYR B 370 8.07 -0.28 25.83
C TYR B 370 6.83 -0.86 26.48
N PRO B 371 5.78 -0.05 26.70
CA PRO B 371 4.68 -0.50 27.54
C PRO B 371 3.86 -1.60 26.86
N ASP B 372 3.99 -1.71 25.54
CA ASP B 372 3.42 -2.84 24.80
C ASP B 372 3.92 -4.17 25.40
N ASN B 373 5.17 -4.52 25.11
CA ASN B 373 5.74 -5.80 25.51
C ASN B 373 6.74 -5.79 26.69
N LYS B 374 6.76 -4.68 27.44
CA LYS B 374 7.58 -4.50 28.66
C LYS B 374 9.09 -4.58 28.46
N TYR B 375 9.55 -4.36 27.24
CA TYR B 375 10.96 -4.28 27.01
C TYR B 375 11.57 -2.97 27.52
N LYS B 376 12.56 -3.10 28.40
CA LYS B 376 13.28 -2.00 29.06
C LYS B 376 14.61 -1.66 28.40
N THR B 377 14.90 -0.37 28.27
CA THR B 377 16.26 0.05 27.96
C THR B 377 16.57 1.45 28.51
N THR B 378 17.83 1.86 28.37
CA THR B 378 18.18 3.25 28.69
C THR B 378 18.90 3.81 27.48
N PHE B 379 18.68 5.09 27.21
CA PHE B 379 19.43 5.84 26.21
C PHE B 379 20.31 6.87 26.90
N THR B 380 21.55 6.97 26.46
CA THR B 380 22.50 7.89 27.06
C THR B 380 23.03 8.86 26.01
N TYR B 381 22.88 10.13 26.34
CA TYR B 381 23.57 11.22 25.67
C TYR B 381 24.72 11.65 26.59
N ASN B 382 25.95 11.42 26.14
CA ASN B 382 27.16 11.76 26.90
C ASN B 382 28.38 11.97 26.01
N PRO B 383 28.44 13.12 25.34
CA PRO B 383 29.63 13.31 24.47
C PRO B 383 30.96 13.41 25.25
N GLY B 384 30.93 13.80 26.52
CA GLY B 384 32.15 13.81 27.37
C GLY B 384 32.69 15.22 27.65
N SER B 385 32.44 15.72 28.85
CA SER B 385 33.00 17.00 29.32
C SER B 385 34.02 16.69 30.40
N GLU B 386 34.79 17.69 30.80
CA GLU B 386 35.90 17.50 31.73
C GLU B 386 36.19 18.84 32.47
N GLY B 387 36.28 18.76 33.80
CA GLY B 387 36.72 19.89 34.62
C GLY B 387 35.71 21.02 34.68
N ILE B 388 34.45 20.61 34.84
CA ILE B 388 33.32 21.53 34.84
C ILE B 388 32.60 21.56 36.20
N GLY B 389 31.84 22.61 36.46
CA GLY B 389 30.75 22.56 37.43
C GLY B 389 29.61 21.73 36.85
N ALA B 390 28.82 21.09 37.72
CA ALA B 390 27.73 20.22 37.29
C ALA B 390 26.72 20.02 38.40
N GLN B 391 25.44 20.04 38.02
CA GLN B 391 24.34 19.60 38.89
C GLN B 391 23.53 18.52 38.21
N GLU B 392 23.27 17.43 38.91
CA GLU B 392 22.39 16.38 38.43
C GLU B 392 20.95 16.79 38.70
N LYS B 393 20.15 16.79 37.64
CA LYS B 393 18.70 16.96 37.76
C LYS B 393 17.99 15.62 37.45
N ASP B 394 17.20 15.19 38.42
CA ASP B 394 16.55 13.87 38.39
C ASP B 394 15.05 14.13 38.28
N SER B 395 14.44 13.68 37.18
CA SER B 395 13.04 13.94 36.95
C SER B 395 12.14 13.46 38.08
N GLU B 396 12.48 12.33 38.71
CA GLU B 396 11.65 11.80 39.79
C GLU B 396 11.53 12.64 41.05
N VAL B 397 12.43 13.59 41.25
CA VAL B 397 12.27 14.55 42.31
C VAL B 397 11.02 15.40 42.03
N GLU B 398 10.78 15.71 40.76
CA GLU B 398 9.68 16.53 40.32
C GLU B 398 8.45 15.73 39.92
N LEU B 399 8.68 14.57 39.33
CA LEU B 399 7.58 13.77 38.86
C LEU B 399 7.84 12.37 39.39
N PRO B 400 7.62 12.18 40.72
CA PRO B 400 7.88 10.85 41.29
C PRO B 400 6.90 9.77 40.84
N PRO B 401 7.28 8.48 40.99
CA PRO B 401 6.34 7.37 40.76
C PRO B 401 5.14 7.37 41.75
N GLU B 402 4.06 6.69 41.37
CA GLU B 402 2.85 6.69 42.20
C GLU B 402 2.97 5.88 43.51
N THR B 403 4.00 5.04 43.58
CA THR B 403 4.39 4.38 44.82
C THR B 403 5.85 3.96 44.76
N LEU B 404 6.41 3.68 45.94
CA LEU B 404 7.78 3.13 46.04
C LEU B 404 7.74 1.65 46.41
N ASP B 405 6.53 1.10 46.50
CA ASP B 405 6.34 -0.31 46.87
C ASP B 405 6.48 -1.21 45.65
N GLN B 406 6.72 -0.60 44.49
CA GLN B 406 7.17 -1.33 43.32
C GLN B 406 8.19 -0.52 42.53
N PRO B 407 8.90 -1.17 41.60
CA PRO B 407 9.94 -0.44 40.90
C PRO B 407 9.34 0.69 40.05
N ASN B 408 10.12 1.76 39.84
CA ASN B 408 9.71 2.92 39.05
C ASN B 408 9.26 2.61 37.61
N TYR B 409 9.82 1.54 37.00
CA TYR B 409 9.45 1.20 35.64
C TYR B 409 8.05 0.58 35.52
N GLU B 410 7.42 0.25 36.63
CA GLU B 410 6.00 0.00 36.58
C GLU B 410 5.12 1.02 37.25
N ALA B 411 5.68 1.76 38.20
CA ALA B 411 4.89 2.65 39.02
C ALA B 411 4.91 4.12 38.54
N TYR B 412 5.63 4.39 37.46
CA TYR B 412 5.90 5.78 37.08
C TYR B 412 4.59 6.55 36.82
N SER B 413 4.59 7.84 37.11
CA SER B 413 3.39 8.67 36.98
C SER B 413 3.28 9.40 35.63
N HIS B 414 4.41 9.59 34.97
CA HIS B 414 4.54 10.48 33.82
C HIS B 414 5.52 9.91 32.83
N ARG B 415 5.41 10.33 31.56
CA ARG B 415 6.36 9.93 30.51
C ARG B 415 6.89 11.18 29.80
N LEU B 416 8.13 11.15 29.36
CA LEU B 416 8.62 12.27 28.58
C LEU B 416 7.72 12.44 27.33
N ASN B 417 7.32 13.68 27.09
CA ASN B 417 6.53 14.10 25.91
C ASN B 417 7.32 14.90 24.88
N TYR B 418 8.05 15.92 25.34
CA TYR B 418 8.64 16.88 24.40
C TYR B 418 9.80 17.55 25.06
N VAL B 419 10.66 18.14 24.22
CA VAL B 419 11.85 18.92 24.64
C VAL B 419 11.88 20.25 23.88
N THR B 420 11.90 21.35 24.64
CA THR B 420 12.07 22.71 24.12
C THR B 420 13.44 23.26 24.64
N PHE B 421 13.84 24.45 24.21
CA PHE B 421 15.25 24.85 24.31
C PHE B 421 15.45 26.35 24.02
N ILE B 422 16.39 26.97 24.75
CA ILE B 422 16.94 28.29 24.42
C ILE B 422 18.44 28.17 24.20
N ARG B 423 18.99 28.97 23.28
CA ARG B 423 20.42 28.98 22.99
C ARG B 423 21.06 30.01 23.90
N ASN B 424 22.25 29.69 24.41
CA ASN B 424 23.14 30.69 25.07
C ASN B 424 22.58 31.66 26.12
N PRO B 425 22.37 31.20 27.38
CA PRO B 425 22.76 29.91 27.94
C PRO B 425 22.05 28.73 27.26
N ASP B 426 22.73 27.63 26.99
CA ASP B 426 22.10 26.48 26.27
C ASP B 426 21.30 25.60 27.25
N VAL B 427 19.99 25.78 27.27
CA VAL B 427 19.10 25.26 28.29
C VAL B 427 17.78 24.61 27.78
N PRO B 428 17.67 23.26 27.87
CA PRO B 428 16.44 22.60 27.48
C PRO B 428 15.47 22.52 28.65
N VAL B 429 14.21 22.28 28.30
CA VAL B 429 13.11 22.00 29.22
C VAL B 429 12.41 20.75 28.68
N PHE B 430 12.18 19.78 29.57
CA PHE B 430 11.38 18.61 29.27
C PHE B 430 9.91 18.78 29.67
N SER B 431 8.99 18.39 28.78
CA SER B 431 7.56 18.30 29.12
C SER B 431 7.10 16.84 29.20
N TRP B 432 5.99 16.60 29.90
CA TRP B 432 5.66 15.24 30.35
C TRP B 432 4.19 15.13 30.38
N THR B 433 3.72 13.89 30.16
CA THR B 433 2.32 13.56 30.18
C THR B 433 2.04 12.45 31.18
N HIS B 434 0.82 12.42 31.67
CA HIS B 434 0.39 11.59 32.79
C HIS B 434 0.11 10.15 32.32
N ARG B 435 0.41 9.20 33.19
CA ARG B 435 0.31 7.77 32.94
C ARG B 435 -1.09 7.38 32.41
N SER B 436 -2.10 8.04 32.98
CA SER B 436 -3.52 7.74 32.76
C SER B 436 -3.98 8.00 31.31
N ALA B 437 -3.22 8.82 30.57
CA ALA B 437 -3.51 9.06 29.17
C ALA B 437 -2.80 8.02 28.34
N ASP B 438 -3.57 7.12 27.74
CA ASP B 438 -3.01 5.92 27.09
C ASP B 438 -2.59 6.17 25.64
N ARG B 439 -1.85 5.20 25.11
CA ARG B 439 -1.31 5.28 23.76
C ARG B 439 -2.29 4.89 22.63
N THR B 440 -3.40 4.27 23.01
CA THR B 440 -4.26 3.49 22.09
C THR B 440 -5.70 3.99 21.96
N ASN B 441 -6.16 4.84 22.90
CA ASN B 441 -7.57 5.23 23.04
C ASN B 441 -8.45 3.99 23.16
N THR B 442 -8.14 3.13 24.12
CA THR B 442 -8.84 1.85 24.28
C THR B 442 -10.26 2.05 24.78
N VAL B 443 -11.21 1.35 24.17
CA VAL B 443 -12.59 1.38 24.61
C VAL B 443 -12.83 0.06 25.35
N TYR B 444 -13.21 0.16 26.62
CA TYR B 444 -13.53 -1.03 27.41
C TYR B 444 -14.99 -1.35 27.37
N SER B 445 -15.28 -2.64 27.45
CA SER B 445 -16.66 -3.10 27.40
C SER B 445 -17.26 -3.15 28.79
N ASP B 446 -16.43 -3.02 29.82
CA ASP B 446 -16.93 -3.10 31.18
C ASP B 446 -16.81 -1.83 31.98
N LYS B 447 -16.54 -0.72 31.32
CA LYS B 447 -16.33 0.52 32.03
C LYS B 447 -16.85 1.63 31.17
N ILE B 448 -17.23 2.72 31.82
CA ILE B 448 -17.42 3.97 31.15
C ILE B 448 -16.04 4.50 30.71
N THR B 449 -15.85 4.67 29.41
CA THR B 449 -14.57 5.05 28.85
C THR B 449 -14.59 6.53 28.50
N GLN B 450 -13.75 7.33 29.15
CA GLN B 450 -13.61 8.76 28.81
C GLN B 450 -12.49 8.94 27.79
N ILE B 451 -12.80 9.63 26.71
CA ILE B 451 -11.84 9.98 25.66
C ILE B 451 -11.88 11.48 25.44
N PRO B 452 -10.92 12.21 26.02
CA PRO B 452 -10.77 13.66 25.62
C PRO B 452 -10.60 13.84 24.12
N VAL B 453 -11.29 14.82 23.55
CA VAL B 453 -11.21 14.99 22.09
C VAL B 453 -9.85 15.51 21.61
N VAL B 454 -9.07 16.12 22.49
CA VAL B 454 -7.68 16.51 22.13
C VAL B 454 -6.82 15.28 21.77
N LYS B 455 -7.31 14.07 22.06
CA LYS B 455 -6.68 12.80 21.65
C LYS B 455 -7.01 12.34 20.19
N ALA B 456 -7.43 13.30 19.35
CA ALA B 456 -7.66 13.05 17.92
C ALA B 456 -6.33 12.88 17.21
N SER B 457 -6.37 12.38 15.98
CA SER B 457 -5.18 12.10 15.22
C SER B 457 -4.86 13.29 14.32
N ASP B 458 -5.82 14.22 14.20
CA ASP B 458 -5.74 15.38 13.28
C ASP B 458 -6.76 16.41 13.65
N GLY B 459 -6.95 17.39 12.77
CA GLY B 459 -8.02 18.36 12.93
C GLY B 459 -7.60 19.57 13.73
N PRO B 460 -8.59 20.33 14.23
CA PRO B 460 -8.33 21.58 14.99
C PRO B 460 -7.60 21.35 16.33
N LYS B 461 -6.66 22.24 16.62
CA LYS B 461 -5.96 22.25 17.87
C LYS B 461 -6.81 23.03 18.87
N PRO B 462 -6.54 22.82 20.20
CA PRO B 462 -7.13 23.62 21.23
C PRO B 462 -6.84 25.10 20.97
N SER B 463 -7.73 25.97 21.37
CA SER B 463 -7.42 27.35 21.11
C SER B 463 -6.65 27.93 22.31
N ALA B 464 -6.18 29.16 22.17
CA ALA B 464 -5.30 29.77 23.16
C ALA B 464 -6.04 30.24 24.43
N ASN B 465 -6.44 29.31 25.31
CA ASN B 465 -6.98 29.70 26.63
C ASN B 465 -6.75 28.57 27.60
N GLU B 466 -7.21 28.74 28.84
CA GLU B 466 -6.94 27.78 29.92
C GLU B 466 -8.22 27.26 30.57
N VAL B 467 -9.25 27.05 29.76
CA VAL B 467 -10.47 26.40 30.21
C VAL B 467 -10.07 24.96 30.65
N GLY B 468 -9.07 24.37 29.99
CA GLY B 468 -8.46 23.10 30.41
C GLY B 468 -8.10 22.94 31.89
N HIS B 469 -8.01 24.03 32.65
CA HIS B 469 -7.80 23.93 34.09
C HIS B 469 -8.85 23.12 34.80
N TYR B 470 -10.07 23.19 34.27
CA TYR B 470 -11.21 22.52 34.86
C TYR B 470 -11.27 21.07 34.43
N LEU B 471 -10.56 20.69 33.36
CA LEU B 471 -10.85 19.44 32.64
C LEU B 471 -9.69 18.45 32.64
N GLY B 472 -8.52 18.84 33.16
CA GLY B 472 -7.36 17.94 33.13
C GLY B 472 -6.53 17.99 31.89
N GLY B 473 -6.87 18.92 30.98
CA GLY B 473 -6.25 19.05 29.67
C GLY B 473 -7.10 19.92 28.74
N ASP B 474 -6.63 20.16 27.53
CA ASP B 474 -7.27 21.16 26.64
C ASP B 474 -8.55 20.68 25.94
N PRO B 475 -9.60 21.52 25.96
CA PRO B 475 -10.77 21.20 25.14
C PRO B 475 -10.52 21.63 23.68
N ILE B 476 -11.38 21.16 22.77
CA ILE B 476 -11.44 21.68 21.41
C ILE B 476 -12.62 22.64 21.36
N SER B 477 -12.44 23.85 20.85
CA SER B 477 -13.56 24.79 20.77
C SER B 477 -13.94 25.23 19.33
N PHE B 478 -15.21 25.61 19.19
CA PHE B 478 -15.76 26.00 17.89
C PHE B 478 -16.50 27.32 18.00
N ASN B 479 -16.08 28.30 17.18
CA ASN B 479 -16.81 29.56 17.04
C ASN B 479 -17.82 29.56 15.88
N SER B 480 -17.71 28.56 15.02
CA SER B 480 -18.66 28.35 13.93
C SER B 480 -18.63 26.86 13.69
N SER B 481 -19.49 26.38 12.79
CA SER B 481 -19.60 24.95 12.46
C SER B 481 -18.24 24.30 12.22
N GLY B 482 -18.03 23.12 12.80
CA GLY B 482 -16.79 22.41 12.55
C GLY B 482 -16.83 21.02 13.12
N SER B 483 -15.74 20.29 12.99
CA SER B 483 -15.58 18.94 13.50
C SER B 483 -14.29 18.77 14.28
N THR B 484 -14.32 17.90 15.28
CA THR B 484 -13.09 17.42 15.83
C THR B 484 -12.32 16.72 14.70
N GLY B 485 -11.04 16.40 14.95
CA GLY B 485 -10.37 15.43 14.11
C GLY B 485 -10.94 14.03 14.32
N VAL B 486 -10.43 13.11 13.49
CA VAL B 486 -10.81 11.70 13.60
C VAL B 486 -10.03 11.15 14.77
N ILE B 487 -10.79 10.64 15.74
CA ILE B 487 -10.25 9.94 16.92
C ILE B 487 -10.12 8.45 16.64
N ARG B 488 -8.90 7.98 16.48
CA ARG B 488 -8.57 6.56 16.27
C ARG B 488 -8.70 5.84 17.61
N LEU B 489 -9.45 4.75 17.62
CA LEU B 489 -9.78 4.00 18.83
C LEU B 489 -9.34 2.56 18.73
N ASN B 490 -9.18 1.92 19.88
CA ASN B 490 -8.96 0.49 19.93
C ASN B 490 -10.09 -0.18 20.65
N ILE B 491 -10.86 -0.98 19.92
CA ILE B 491 -12.05 -1.55 20.53
C ILE B 491 -11.67 -2.89 21.13
N ASN B 492 -11.90 -3.00 22.44
CA ASN B 492 -11.43 -4.11 23.24
C ASN B 492 -12.08 -5.48 23.06
N SER B 493 -13.39 -5.51 22.91
CA SER B 493 -14.05 -6.75 23.30
C SER B 493 -15.13 -7.13 22.30
N PRO B 494 -16.15 -7.88 22.76
CA PRO B 494 -17.04 -8.23 21.67
C PRO B 494 -17.38 -6.98 20.81
N LEU B 495 -17.01 -7.02 19.52
CA LEU B 495 -17.52 -6.06 18.52
C LEU B 495 -19.04 -5.92 18.51
N SER B 496 -19.72 -6.98 18.96
CA SER B 496 -21.18 -7.02 19.10
C SER B 496 -21.66 -6.17 20.26
N GLN B 497 -20.72 -5.70 21.07
CA GLN B 497 -21.02 -4.85 22.20
C GLN B 497 -21.62 -3.51 21.74
N LYS B 498 -22.78 -3.18 22.31
CA LYS B 498 -23.49 -1.91 22.13
C LYS B 498 -22.97 -0.85 23.10
N TYR B 499 -22.92 0.39 22.61
CA TYR B 499 -22.52 1.52 23.42
C TYR B 499 -23.46 2.66 23.18
N ARG B 500 -23.70 3.45 24.20
CA ARG B 500 -24.18 4.81 23.96
C ARG B 500 -23.06 5.83 24.22
N VAL B 501 -23.19 7.01 23.60
CA VAL B 501 -22.23 8.11 23.75
C VAL B 501 -22.88 9.25 24.47
N ARG B 502 -22.06 9.98 25.23
CA ARG B 502 -22.41 11.31 25.70
C ARG B 502 -21.16 12.18 25.56
N ILE B 503 -21.39 13.46 25.32
CA ILE B 503 -20.30 14.38 25.01
C ILE B 503 -20.38 15.46 26.09
N ARG B 504 -19.26 15.68 26.78
CA ARG B 504 -19.23 16.74 27.79
C ARG B 504 -18.88 18.02 27.10
N TYR B 505 -19.67 19.06 27.31
CA TYR B 505 -19.43 20.31 26.59
C TYR B 505 -19.72 21.52 27.43
N CYS B 506 -19.24 22.64 26.93
CA CYS B 506 -19.63 23.95 27.44
C CYS B 506 -20.00 24.83 26.24
N SER B 507 -21.16 25.47 26.30
CA SER B 507 -21.69 26.19 25.13
C SER B 507 -22.43 27.47 25.47
N SER B 508 -22.16 28.56 24.77
CA SER B 508 -22.97 29.75 24.90
C SER B 508 -24.15 29.77 23.89
N VAL B 509 -24.31 28.71 23.10
CA VAL B 509 -25.37 28.61 22.09
C VAL B 509 -26.01 27.23 22.06
N ASP B 510 -27.26 27.19 21.59
CA ASP B 510 -27.86 25.92 21.16
C ASP B 510 -27.16 25.46 19.87
N PHE B 511 -27.05 24.14 19.65
CA PHE B 511 -26.32 23.66 18.50
C PHE B 511 -26.78 22.27 18.13
N ASP B 512 -26.59 21.89 16.87
CA ASP B 512 -26.81 20.50 16.46
C ASP B 512 -25.50 19.78 16.55
N LEU B 513 -25.58 18.54 17.01
CA LEU B 513 -24.40 17.76 17.20
C LEU B 513 -24.64 16.43 16.55
N ASP B 514 -23.64 15.97 15.82
CA ASP B 514 -23.71 14.59 15.48
C ASP B 514 -22.44 13.79 15.73
N VAL B 515 -22.65 12.52 16.05
CA VAL B 515 -21.56 11.58 16.31
C VAL B 515 -21.35 10.66 15.10
N VAL B 516 -20.14 10.68 14.54
CA VAL B 516 -19.80 9.89 13.36
C VAL B 516 -18.83 8.78 13.74
N ARG B 517 -19.25 7.54 13.52
CA ARG B 517 -18.45 6.38 13.87
C ARG B 517 -18.04 5.68 12.56
N GLY B 518 -16.74 5.43 12.41
CA GLY B 518 -16.20 4.95 11.16
C GLY B 518 -16.75 5.64 9.91
N GLY B 519 -16.86 6.97 9.93
CA GLY B 519 -17.30 7.71 8.73
C GLY B 519 -18.82 7.83 8.53
N THR B 520 -19.62 7.08 9.29
CA THR B 520 -21.07 7.19 9.23
C THR B 520 -21.69 7.68 10.57
N THR B 521 -22.79 8.44 10.46
CA THR B 521 -23.52 9.03 11.59
C THR B 521 -24.28 7.97 12.41
N VAL B 522 -24.04 7.96 13.71
CA VAL B 522 -24.70 6.99 14.57
C VAL B 522 -25.65 7.68 15.55
N ASN B 523 -25.52 9.01 15.69
CA ASN B 523 -26.31 9.85 16.59
C ASN B 523 -26.30 11.29 16.12
N ASN B 524 -27.44 11.96 16.25
CA ASN B 524 -27.53 13.36 15.95
C ASN B 524 -28.62 13.97 16.83
N GLY B 525 -28.43 15.20 17.31
CA GLY B 525 -29.49 15.88 18.04
C GLY B 525 -29.20 17.35 18.32
N ARG B 526 -30.19 18.06 18.87
CA ARG B 526 -30.01 19.44 19.27
C ARG B 526 -29.87 19.63 20.78
N PHE B 527 -28.88 20.42 21.18
CA PHE B 527 -28.54 20.57 22.59
C PHE B 527 -28.46 22.02 22.99
N ASN B 528 -28.80 22.28 24.25
CA ASN B 528 -28.95 23.62 24.76
C ASN B 528 -27.66 24.25 25.29
N LYS B 529 -27.59 25.54 25.10
CA LYS B 529 -26.59 26.40 25.74
C LYS B 529 -26.44 26.14 27.26
N SER B 530 -25.21 26.22 27.76
CA SER B 530 -24.93 25.91 29.17
C SER B 530 -24.20 27.06 29.87
N ALA B 531 -23.98 28.15 29.15
CA ALA B 531 -23.16 29.23 29.66
C ALA B 531 -23.60 30.50 29.01
N PRO B 532 -23.41 31.62 29.71
CA PRO B 532 -23.62 33.00 29.21
C PRO B 532 -22.51 33.40 28.24
N ASN B 533 -22.62 34.58 27.61
CA ASN B 533 -21.51 35.14 26.85
C ASN B 533 -20.54 35.86 27.74
N VAL B 534 -19.37 35.26 27.96
CA VAL B 534 -18.35 35.82 28.84
C VAL B 534 -17.00 35.41 28.28
N GLY B 535 -15.95 36.09 28.73
CA GLY B 535 -14.60 35.60 28.48
C GLY B 535 -14.39 34.23 29.08
N TRP B 536 -13.52 33.46 28.45
CA TRP B 536 -13.25 32.10 28.88
C TRP B 536 -12.91 31.96 30.40
N GLN B 537 -12.28 32.98 31.00
CA GLN B 537 -11.91 32.96 32.42
C GLN B 537 -13.10 32.99 33.35
N SER B 538 -14.24 33.50 32.89
CA SER B 538 -15.42 33.52 33.74
C SER B 538 -16.28 32.24 33.60
N LEU B 539 -15.93 31.36 32.68
CA LEU B 539 -16.54 30.02 32.61
C LEU B 539 -16.19 29.26 33.91
N LYS B 540 -17.21 28.58 34.45
CA LYS B 540 -17.21 28.01 35.81
C LYS B 540 -17.63 26.56 35.67
N TYR B 541 -17.55 25.78 36.76
CA TYR B 541 -17.81 24.34 36.70
C TYR B 541 -19.24 24.03 36.22
N GLU B 542 -20.20 24.84 36.68
CA GLU B 542 -21.62 24.62 36.35
C GLU B 542 -21.88 24.84 34.84
N ASN B 543 -20.95 25.43 34.12
CA ASN B 543 -21.12 25.63 32.70
C ASN B 543 -20.89 24.39 31.86
N PHE B 544 -20.34 23.33 32.46
CA PHE B 544 -20.21 22.04 31.76
C PHE B 544 -21.42 21.13 31.92
N LYS B 545 -21.81 20.54 30.79
CA LYS B 545 -23.01 19.70 30.68
C LYS B 545 -22.70 18.53 29.78
N PHE B 546 -23.57 17.54 29.80
CA PHE B 546 -23.49 16.44 28.86
C PHE B 546 -24.56 16.48 27.77
N ALA B 547 -24.13 16.15 26.57
CA ALA B 547 -25.00 15.85 25.45
C ALA B 547 -25.13 14.32 25.38
N SER B 548 -26.25 13.77 25.87
CA SER B 548 -26.49 12.32 25.96
C SER B 548 -27.49 11.80 24.92
N PHE B 549 -27.18 10.62 24.40
CA PHE B 549 -27.98 9.95 23.41
C PHE B 549 -28.54 8.62 23.96
N SER B 550 -29.84 8.38 23.73
CA SER B 550 -30.45 7.12 24.16
C SER B 550 -30.09 5.96 23.22
N THR B 551 -29.98 6.23 21.92
CA THR B 551 -29.81 5.17 20.90
C THR B 551 -28.37 4.65 20.79
N PRO B 552 -28.20 3.35 21.08
CA PRO B 552 -26.89 2.74 21.06
C PRO B 552 -26.44 2.29 19.66
N PHE B 553 -25.14 2.09 19.52
CA PHE B 553 -24.57 1.66 18.27
C PHE B 553 -23.51 0.63 18.64
N THR B 554 -23.03 -0.11 17.63
CA THR B 554 -21.89 -0.99 17.81
C THR B 554 -20.77 -0.41 16.96
N PHE B 555 -19.53 -0.72 17.30
CA PHE B 555 -18.40 -0.39 16.44
C PHE B 555 -18.32 -1.38 15.30
N ASN B 556 -17.75 -0.94 14.17
CA ASN B 556 -17.49 -1.81 13.03
C ASN B 556 -16.30 -2.77 13.08
N GLN B 557 -15.18 -2.31 13.63
CA GLN B 557 -13.94 -3.06 13.59
C GLN B 557 -13.13 -2.73 14.85
N ALA B 558 -12.05 -3.46 15.10
CA ALA B 558 -11.22 -3.25 16.30
C ALA B 558 -10.53 -1.88 16.24
N GLN B 559 -10.10 -1.52 15.04
CA GLN B 559 -9.45 -0.24 14.81
C GLN B 559 -10.49 0.74 14.32
N ASP B 560 -11.25 1.33 15.21
CA ASP B 560 -12.33 2.18 14.73
C ASP B 560 -12.09 3.68 14.97
N THR B 561 -13.06 4.50 14.58
CA THR B 561 -12.85 5.94 14.59
C THR B 561 -14.12 6.59 15.05
N LEU B 562 -13.97 7.72 15.72
CA LEU B 562 -15.10 8.50 16.13
C LEU B 562 -14.77 9.95 15.78
N LYS B 563 -15.80 10.75 15.55
CA LYS B 563 -15.63 12.16 15.22
C LYS B 563 -16.90 12.85 15.65
N ILE B 564 -16.80 14.09 16.14
CA ILE B 564 -17.95 14.85 16.60
C ILE B 564 -18.07 16.13 15.77
N SER B 565 -19.26 16.43 15.28
CA SER B 565 -19.49 17.63 14.47
C SER B 565 -20.54 18.50 15.11
N VAL B 566 -20.39 19.81 14.99
CA VAL B 566 -21.37 20.75 15.55
C VAL B 566 -21.71 21.78 14.51
N ARG B 567 -23.00 22.15 14.47
CA ARG B 567 -23.67 22.84 13.34
C ARG B 567 -24.74 23.78 13.89
N ASN B 568 -25.21 24.71 13.05
CA ASN B 568 -26.54 25.32 13.28
C ASN B 568 -26.68 26.00 14.65
N PHE B 569 -25.75 26.91 14.94
CA PHE B 569 -25.68 27.63 16.22
C PHE B 569 -26.89 28.56 16.36
N SER B 570 -27.36 28.73 17.59
CA SER B 570 -28.49 29.63 17.84
C SER B 570 -28.10 31.12 17.74
N SER B 571 -26.81 31.43 17.80
CA SER B 571 -26.34 32.81 17.72
C SER B 571 -25.02 32.89 16.97
N ILE B 572 -24.79 34.03 16.29
CA ILE B 572 -23.59 34.21 15.47
C ILE B 572 -22.70 35.33 15.97
N VAL B 573 -23.23 36.11 16.91
CA VAL B 573 -22.50 37.21 17.56
C VAL B 573 -21.12 36.80 18.07
N GLY B 574 -20.17 37.74 18.03
CA GLY B 574 -18.81 37.53 18.54
C GLY B 574 -18.84 36.94 19.95
N GLY B 575 -18.07 35.86 20.14
CA GLY B 575 -18.01 35.14 21.41
C GLY B 575 -19.03 34.01 21.53
N SER B 576 -19.64 33.62 20.39
CA SER B 576 -20.43 32.38 20.29
C SER B 576 -19.51 31.16 20.12
N VAL B 577 -19.63 30.21 21.03
CA VAL B 577 -18.62 29.20 21.17
C VAL B 577 -19.24 27.92 21.69
N VAL B 578 -18.83 26.79 21.13
CA VAL B 578 -19.09 25.47 21.66
C VAL B 578 -17.72 24.89 22.03
N TYR B 579 -17.60 24.43 23.28
CA TYR B 579 -16.40 23.78 23.75
C TYR B 579 -16.68 22.32 23.87
N ILE B 580 -15.78 21.50 23.37
CA ILE B 580 -15.92 20.07 23.56
C ILE B 580 -14.75 19.53 24.40
N ASP B 581 -15.10 18.92 25.53
CA ASP B 581 -14.17 18.35 26.50
C ASP B 581 -13.82 16.90 26.16
N ARG B 582 -14.79 16.01 26.33
CA ARG B 582 -14.51 14.61 26.11
C ARG B 582 -15.72 13.84 25.59
N ILE B 583 -15.43 12.67 25.02
CA ILE B 583 -16.48 11.73 24.71
C ILE B 583 -16.45 10.69 25.80
N GLU B 584 -17.64 10.24 26.19
CA GLU B 584 -17.76 9.09 27.07
C GLU B 584 -18.55 7.98 26.40
N LEU B 585 -18.02 6.78 26.45
CA LEU B 585 -18.68 5.59 25.95
C LEU B 585 -19.22 4.71 27.08
N ILE B 586 -20.52 4.45 27.03
CA ILE B 586 -21.19 3.68 28.06
C ILE B 586 -21.72 2.36 27.47
N PRO B 587 -21.24 1.23 28.00
CA PRO B 587 -21.69 -0.08 27.50
C PRO B 587 -23.16 -0.32 27.85
N VAL B 588 -23.88 -0.84 26.87
CA VAL B 588 -25.30 -1.18 26.96
C VAL B 588 -25.35 -2.72 26.75
N ASN B 589 -26.24 -3.45 27.39
CA ASN B 589 -26.32 -4.84 26.94
C ASN B 589 -27.28 -5.08 25.75
N ILE C 1 -4.57 -8.34 -13.48
CA ILE C 1 -5.01 -7.29 -14.46
C ILE C 1 -6.39 -7.71 -15.01
N SER C 2 -7.42 -6.93 -14.65
CA SER C 2 -8.77 -7.46 -14.47
C SER C 2 -9.57 -7.74 -15.74
N GLU C 3 -9.39 -6.88 -16.75
CA GLU C 3 -10.02 -7.09 -18.05
C GLU C 3 -9.54 -8.40 -18.68
N ARG C 4 -8.21 -8.65 -18.64
CA ARG C 4 -7.61 -9.87 -19.21
C ARG C 4 -8.18 -11.12 -18.55
N ASP C 5 -8.23 -11.13 -17.21
CA ASP C 5 -8.72 -12.32 -16.50
C ASP C 5 -10.23 -12.52 -16.60
N ALA C 6 -11.02 -11.45 -16.47
CA ALA C 6 -12.45 -11.48 -16.77
C ALA C 6 -12.76 -12.10 -18.15
N VAL C 7 -12.06 -11.62 -19.19
CA VAL C 7 -12.24 -12.12 -20.56
C VAL C 7 -11.81 -13.58 -20.66
N LYS C 8 -10.67 -13.90 -20.08
CA LYS C 8 -10.22 -15.30 -19.92
C LYS C 8 -11.33 -16.22 -19.32
N THR C 9 -11.93 -15.77 -18.22
CA THR C 9 -12.96 -16.52 -17.54
C THR C 9 -14.24 -16.59 -18.42
N ALA C 10 -14.64 -15.47 -18.99
CA ALA C 10 -15.83 -15.45 -19.84
C ALA C 10 -15.73 -16.50 -20.97
N ILE C 11 -14.57 -16.53 -21.64
CA ILE C 11 -14.29 -17.37 -22.80
C ILE C 11 -14.22 -18.85 -22.45
N SER C 12 -13.55 -19.13 -21.34
CA SER C 12 -13.41 -20.49 -20.82
C SER C 12 -14.78 -21.06 -20.42
N LEU C 13 -15.62 -20.21 -19.87
CA LEU C 13 -16.95 -20.58 -19.39
C LEU C 13 -17.94 -20.85 -20.55
N VAL C 14 -17.97 -20.02 -21.59
CA VAL C 14 -18.74 -20.40 -22.79
C VAL C 14 -18.17 -21.62 -23.54
N GLY C 15 -16.86 -21.75 -23.59
CA GLY C 15 -16.25 -22.97 -24.13
C GLY C 15 -16.83 -24.22 -23.49
N THR C 16 -16.79 -24.23 -22.16
CA THR C 16 -17.24 -25.36 -21.35
C THR C 16 -18.69 -25.69 -21.64
N ILE C 17 -19.56 -24.67 -21.52
CA ILE C 17 -21.00 -24.85 -21.58
C ILE C 17 -21.42 -25.30 -22.99
N LEU C 18 -20.75 -24.78 -24.00
CA LEU C 18 -20.97 -25.09 -25.40
C LEU C 18 -20.75 -26.59 -25.67
N GLY C 19 -19.84 -27.21 -24.91
CA GLY C 19 -19.54 -28.62 -24.98
C GLY C 19 -20.59 -29.47 -24.31
N LYS C 20 -21.44 -28.85 -23.47
CA LYS C 20 -22.49 -29.55 -22.70
C LYS C 20 -23.92 -29.16 -23.04
N LEU C 21 -24.10 -28.39 -24.11
CA LEU C 21 -25.41 -27.88 -24.44
C LEU C 21 -26.41 -29.00 -24.74
N GLY C 22 -27.52 -29.04 -24.00
CA GLY C 22 -28.58 -30.03 -24.23
C GLY C 22 -28.48 -31.40 -23.53
N VAL C 23 -27.37 -31.56 -22.82
CA VAL C 23 -27.08 -32.74 -22.01
C VAL C 23 -28.25 -33.13 -21.09
N PRO C 24 -28.85 -34.31 -21.31
CA PRO C 24 -29.97 -34.70 -20.44
C PRO C 24 -29.61 -35.50 -19.16
N LEU C 25 -28.38 -36.00 -19.07
CA LEU C 25 -27.93 -36.96 -18.05
C LEU C 25 -27.23 -36.32 -16.82
N VAL C 26 -27.38 -36.97 -15.66
CA VAL C 26 -26.87 -36.44 -14.38
C VAL C 26 -25.34 -36.36 -14.33
N GLY C 27 -24.67 -37.37 -14.90
CA GLY C 27 -23.22 -37.39 -15.05
C GLY C 27 -22.61 -36.10 -15.58
N PRO C 28 -22.82 -35.79 -16.89
CA PRO C 28 -22.28 -34.54 -17.47
C PRO C 28 -22.83 -33.29 -16.76
N ILE C 29 -24.05 -33.33 -16.25
CA ILE C 29 -24.57 -32.18 -15.47
C ILE C 29 -23.76 -31.91 -14.18
N VAL C 30 -23.41 -32.98 -13.45
CA VAL C 30 -22.60 -32.85 -12.23
C VAL C 30 -21.19 -32.37 -12.56
N SER C 31 -20.60 -32.98 -13.58
CA SER C 31 -19.31 -32.61 -14.11
C SER C 31 -19.28 -31.11 -14.53
N LEU C 32 -20.35 -30.67 -15.22
CA LEU C 32 -20.47 -29.25 -15.59
C LEU C 32 -20.49 -28.38 -14.34
N TYR C 33 -21.32 -28.73 -13.37
CA TYR C 33 -21.41 -27.95 -12.14
C TYR C 33 -20.07 -27.80 -11.44
N SER C 34 -19.41 -28.94 -11.20
CA SER C 34 -18.06 -29.02 -10.65
C SER C 34 -17.04 -28.05 -11.34
N THR C 35 -17.03 -28.05 -12.67
CA THR C 35 -16.17 -27.18 -13.45
C THR C 35 -16.46 -25.67 -13.26
N LEU C 36 -17.74 -25.28 -13.25
CA LEU C 36 -18.16 -23.89 -13.04
C LEU C 36 -17.96 -23.41 -11.59
N ILE C 37 -18.11 -24.29 -10.62
CA ILE C 37 -17.73 -23.95 -9.26
C ILE C 37 -16.23 -23.65 -9.09
N ASP C 38 -15.33 -24.48 -9.65
CA ASP C 38 -13.89 -24.21 -9.63
C ASP C 38 -13.51 -22.88 -10.30
N VAL C 39 -14.19 -22.54 -11.40
CA VAL C 39 -13.93 -21.30 -12.15
C VAL C 39 -14.40 -20.03 -11.42
N LEU C 40 -15.59 -20.10 -10.82
CA LEU C 40 -16.30 -18.92 -10.27
C LEU C 40 -16.11 -18.66 -8.78
N TRP C 41 -15.95 -19.72 -8.01
CA TRP C 41 -15.44 -19.65 -6.64
C TRP C 41 -14.09 -20.40 -6.51
N PRO C 42 -12.98 -19.82 -7.00
CA PRO C 42 -11.75 -20.62 -6.87
C PRO C 42 -11.15 -20.61 -5.45
N GLY C 43 -11.64 -19.73 -4.56
CA GLY C 43 -11.09 -19.64 -3.22
C GLY C 43 -10.15 -18.45 -3.14
N GLY C 44 -10.28 -17.67 -2.06
CA GLY C 44 -9.41 -16.50 -1.84
C GLY C 44 -10.07 -15.26 -2.42
N LYS C 45 -9.52 -14.77 -3.52
CA LYS C 45 -10.13 -13.61 -4.10
C LYS C 45 -11.45 -13.95 -4.84
N SER C 46 -12.40 -13.03 -4.72
CA SER C 46 -13.65 -13.12 -5.43
C SER C 46 -13.40 -12.99 -6.94
N GLN C 47 -13.81 -14.01 -7.69
CA GLN C 47 -13.81 -13.91 -9.14
C GLN C 47 -14.84 -12.86 -9.60
N TRP C 48 -15.86 -12.68 -8.78
CA TRP C 48 -16.93 -11.74 -9.08
C TRP C 48 -16.49 -10.27 -9.04
N GLU C 49 -15.57 -9.97 -8.10
CA GLU C 49 -14.91 -8.65 -8.02
C GLU C 49 -14.15 -8.36 -9.30
N ILE C 50 -13.60 -9.41 -9.90
CA ILE C 50 -12.90 -9.30 -11.20
C ILE C 50 -13.79 -8.84 -12.38
N PHE C 51 -15.05 -9.32 -12.43
CA PHE C 51 -16.05 -8.90 -13.44
C PHE C 51 -16.50 -7.48 -13.21
N MET C 52 -16.68 -7.10 -11.95
CA MET C 52 -16.90 -5.68 -11.55
C MET C 52 -15.80 -4.74 -12.06
N GLU C 53 -14.57 -5.10 -11.70
CA GLU C 53 -13.37 -4.36 -12.12
C GLU C 53 -13.17 -4.29 -13.63
N GLN C 54 -13.49 -5.38 -14.33
CA GLN C 54 -13.49 -5.32 -15.78
C GLN C 54 -14.38 -4.17 -16.31
N VAL C 55 -15.63 -4.07 -15.87
CA VAL C 55 -16.55 -3.19 -16.53
C VAL C 55 -16.31 -1.76 -16.08
N GLU C 56 -16.03 -1.59 -14.78
CA GLU C 56 -15.59 -0.28 -14.24
C GLU C 56 -14.43 0.34 -15.04
N ALA C 57 -13.47 -0.50 -15.44
CA ALA C 57 -12.34 -0.04 -16.25
C ALA C 57 -12.82 0.28 -17.68
N LEU C 58 -13.72 -0.53 -18.21
CA LEU C 58 -14.24 -0.32 -19.57
C LEU C 58 -14.91 1.06 -19.68
N ILE C 59 -15.69 1.41 -18.66
CA ILE C 59 -16.58 2.57 -18.74
C ILE C 59 -16.08 3.77 -17.90
N ASN C 60 -14.98 3.55 -17.16
CA ASN C 60 -14.43 4.58 -16.26
C ASN C 60 -15.50 5.12 -15.28
N GLN C 61 -16.27 4.22 -14.65
CA GLN C 61 -17.24 4.60 -13.61
C GLN C 61 -17.02 3.68 -12.42
N LYS C 62 -17.44 4.08 -11.22
CA LYS C 62 -17.16 3.33 -10.00
C LYS C 62 -18.49 2.85 -9.38
N ILE C 63 -18.61 1.58 -9.02
CA ILE C 63 -19.80 1.07 -8.30
C ILE C 63 -19.77 1.62 -6.86
N ALA C 64 -20.89 2.15 -6.35
CA ALA C 64 -20.94 2.60 -4.97
C ALA C 64 -20.49 1.47 -4.02
N GLU C 65 -19.91 1.85 -2.88
CA GLU C 65 -19.37 0.91 -1.95
C GLU C 65 -20.44 -0.02 -1.38
N TYR C 66 -21.58 0.55 -1.03
CA TYR C 66 -22.69 -0.22 -0.49
C TYR C 66 -23.08 -1.39 -1.40
N ALA C 67 -23.38 -1.01 -2.64
CA ALA C 67 -23.79 -1.91 -3.73
C ALA C 67 -22.74 -3.00 -4.02
N ARG C 68 -21.47 -2.62 -4.05
CA ARG C 68 -20.40 -3.56 -4.24
C ARG C 68 -20.29 -4.54 -3.06
N ALA C 69 -20.35 -4.04 -1.82
CA ALA C 69 -20.17 -4.88 -0.64
C ALA C 69 -21.25 -5.96 -0.59
N LYS C 70 -22.51 -5.52 -0.70
CA LYS C 70 -23.69 -6.36 -0.72
C LYS C 70 -23.63 -7.46 -1.77
N ALA C 71 -23.30 -7.10 -3.00
CA ALA C 71 -23.26 -8.08 -4.08
C ALA C 71 -22.16 -9.14 -3.91
N LEU C 72 -20.96 -8.70 -3.53
CA LEU C 72 -19.86 -9.64 -3.27
C LEU C 72 -20.19 -10.63 -2.13
N ALA C 73 -20.76 -10.12 -1.05
CA ALA C 73 -21.15 -10.98 0.06
C ALA C 73 -22.17 -11.98 -0.47
N GLU C 74 -23.20 -11.49 -1.18
CA GLU C 74 -24.27 -12.33 -1.70
C GLU C 74 -23.79 -13.39 -2.70
N LEU C 75 -22.84 -13.02 -3.55
CA LEU C 75 -22.28 -13.96 -4.53
C LEU C 75 -21.39 -15.01 -3.87
N GLU C 76 -20.68 -14.58 -2.84
CA GLU C 76 -19.98 -15.53 -2.01
C GLU C 76 -20.92 -16.62 -1.43
N GLY C 77 -22.04 -16.20 -0.84
CA GLY C 77 -23.02 -17.12 -0.27
C GLY C 77 -23.72 -18.04 -1.27
N LEU C 78 -23.95 -17.54 -2.49
CA LEU C 78 -24.45 -18.35 -3.61
C LEU C 78 -23.46 -19.50 -3.90
N GLY C 79 -22.18 -19.19 -3.80
CA GLY C 79 -21.14 -20.17 -4.01
C GLY C 79 -21.12 -21.18 -2.90
N ASN C 80 -21.31 -20.75 -1.66
CA ASN C 80 -21.45 -21.73 -0.58
C ASN C 80 -22.60 -22.69 -0.81
N ASN C 81 -23.76 -22.14 -1.19
CA ASN C 81 -24.95 -22.93 -1.36
C ASN C 81 -25.00 -23.74 -2.66
N TYR C 82 -24.26 -23.29 -3.67
CA TYR C 82 -24.12 -24.08 -4.93
C TYR C 82 -23.27 -25.33 -4.67
N GLN C 83 -22.24 -25.20 -3.83
CA GLN C 83 -21.46 -26.34 -3.43
C GLN C 83 -22.30 -27.37 -2.66
N LEU C 84 -23.12 -26.91 -1.70
CA LEU C 84 -23.98 -27.80 -0.93
C LEU C 84 -24.99 -28.54 -1.82
N TYR C 85 -25.50 -27.85 -2.83
CA TYR C 85 -26.43 -28.47 -3.74
C TYR C 85 -25.71 -29.51 -4.61
N LEU C 86 -24.48 -29.19 -5.00
CA LEU C 86 -23.73 -30.07 -5.85
C LEU C 86 -23.40 -31.34 -5.11
N THR C 87 -23.05 -31.21 -3.84
CA THR C 87 -22.69 -32.34 -3.00
C THR C 87 -23.91 -33.27 -2.86
N ALA C 88 -25.05 -32.67 -2.55
CA ALA C 88 -26.31 -33.36 -2.43
C ALA C 88 -26.69 -34.09 -3.74
N LEU C 89 -26.46 -33.42 -4.88
CA LEU C 89 -26.73 -33.96 -6.21
C LEU C 89 -25.83 -35.17 -6.44
N GLU C 90 -24.56 -35.04 -6.10
CA GLU C 90 -23.59 -36.14 -6.18
C GLU C 90 -24.04 -37.34 -5.35
N GLU C 91 -24.47 -37.12 -4.11
CA GLU C 91 -25.01 -38.20 -3.27
C GLU C 91 -26.20 -38.90 -3.93
N TRP C 92 -27.09 -38.12 -4.54
CA TRP C 92 -28.23 -38.68 -5.26
C TRP C 92 -27.79 -39.51 -6.47
N GLN C 93 -26.82 -39.00 -7.22
CA GLN C 93 -26.30 -39.70 -8.35
C GLN C 93 -25.76 -41.11 -8.00
N GLU C 94 -25.12 -41.24 -6.85
CA GLU C 94 -24.27 -42.42 -6.59
C GLU C 94 -24.80 -43.43 -5.56
N ASN C 95 -25.76 -43.00 -4.76
CA ASN C 95 -26.26 -43.81 -3.68
C ASN C 95 -27.77 -43.69 -3.70
N PRO C 96 -28.46 -44.52 -2.88
CA PRO C 96 -29.74 -44.09 -2.40
C PRO C 96 -29.58 -43.88 -0.90
N SER C 98 -32.86 -43.29 -1.59
CA SER C 98 -33.23 -43.13 -0.18
C SER C 98 -33.95 -41.83 0.14
N THR C 99 -34.65 -41.86 1.26
CA THR C 99 -35.51 -40.76 1.65
C THR C 99 -34.70 -39.55 2.18
N ARG C 100 -33.58 -39.81 2.86
CA ARG C 100 -32.67 -38.75 3.33
C ARG C 100 -32.07 -38.02 2.14
N VAL C 101 -31.61 -38.79 1.15
CA VAL C 101 -30.94 -38.27 -0.03
C VAL C 101 -31.86 -37.41 -0.91
N LEU C 102 -33.08 -37.91 -1.18
CA LEU C 102 -34.08 -37.19 -1.99
C LEU C 102 -34.50 -35.86 -1.36
N ARG C 103 -34.69 -35.86 -0.03
CA ARG C 103 -35.03 -34.66 0.74
C ARG C 103 -33.89 -33.65 0.77
N ASP C 104 -32.67 -34.15 0.87
CA ASP C 104 -31.48 -33.30 0.91
C ASP C 104 -31.41 -32.48 -0.38
N VAL C 105 -31.47 -33.16 -1.53
CA VAL C 105 -31.26 -32.49 -2.82
C VAL C 105 -32.40 -31.49 -3.13
N ARG C 106 -33.64 -31.92 -2.88
CA ARG C 106 -34.84 -31.09 -2.98
C ARG C 106 -34.64 -29.75 -2.24
N ASN C 107 -34.22 -29.81 -1.00
CA ASN C 107 -34.20 -28.59 -0.22
C ASN C 107 -32.93 -27.73 -0.46
N ARG C 108 -31.85 -28.39 -0.87
CA ARG C 108 -30.68 -27.70 -1.35
C ARG C 108 -31.00 -26.96 -2.65
N PHE C 109 -31.85 -27.57 -3.48
CA PHE C 109 -32.30 -26.92 -4.70
C PHE C 109 -33.14 -25.67 -4.42
N GLU C 110 -34.13 -25.83 -3.54
CA GLU C 110 -35.02 -24.75 -3.12
C GLU C 110 -34.30 -23.59 -2.45
N ILE C 111 -33.38 -23.92 -1.52
CA ILE C 111 -32.60 -22.89 -0.83
C ILE C 111 -31.83 -22.03 -1.86
N LEU C 112 -31.12 -22.68 -2.77
CA LEU C 112 -30.34 -22.02 -3.82
C LEU C 112 -31.19 -21.12 -4.71
N ASP C 113 -32.26 -21.69 -5.26
CA ASP C 113 -33.20 -20.97 -6.09
C ASP C 113 -33.77 -19.76 -5.32
N SER C 114 -34.12 -19.97 -4.07
CA SER C 114 -34.66 -18.87 -3.28
C SER C 114 -33.66 -17.68 -3.15
N LEU C 115 -32.38 -18.01 -2.98
CA LEU C 115 -31.31 -17.04 -2.84
C LEU C 115 -31.06 -16.24 -4.12
N PHE C 116 -31.07 -16.92 -5.27
CA PHE C 116 -30.98 -16.22 -6.57
C PHE C 116 -32.10 -15.21 -6.72
N THR C 117 -33.34 -15.63 -6.46
CA THR C 117 -34.52 -14.74 -6.46
C THR C 117 -34.31 -13.47 -5.60
N GLN C 118 -33.89 -13.69 -4.33
CA GLN C 118 -33.50 -12.62 -3.39
C GLN C 118 -32.40 -11.75 -3.94
N TYR C 119 -31.38 -12.36 -4.57
CA TYR C 119 -30.13 -11.66 -4.84
C TYR C 119 -29.95 -11.00 -6.18
N MET C 120 -30.57 -11.56 -7.23
CA MET C 120 -30.52 -10.93 -8.55
C MET C 120 -30.70 -9.40 -8.64
N PRO C 121 -31.65 -8.80 -7.89
CA PRO C 121 -31.75 -7.31 -7.96
C PRO C 121 -30.46 -6.58 -7.56
N SER C 122 -29.60 -7.24 -6.78
CA SER C 122 -28.35 -6.62 -6.35
C SER C 122 -27.36 -6.52 -7.49
N PHE C 123 -27.61 -7.21 -8.61
CA PHE C 123 -26.68 -7.13 -9.75
C PHE C 123 -27.20 -6.17 -10.83
N ARG C 124 -28.23 -5.40 -10.49
CA ARG C 124 -28.74 -4.33 -11.36
C ARG C 124 -29.20 -3.12 -10.57
N VAL C 125 -28.45 -2.76 -9.53
CA VAL C 125 -28.73 -1.59 -8.73
C VAL C 125 -28.87 -0.31 -9.59
N THR C 126 -29.99 0.38 -9.45
CA THR C 126 -30.23 1.61 -10.22
C THR C 126 -29.02 2.53 -10.26
N GLY C 127 -28.63 2.91 -11.49
CA GLY C 127 -27.47 3.78 -11.72
C GLY C 127 -26.16 3.02 -11.85
N TYR C 128 -26.15 1.73 -11.50
CA TYR C 128 -24.98 0.85 -11.64
C TYR C 128 -25.24 -0.41 -12.49
N GLU C 129 -26.24 -0.36 -13.36
CA GLU C 129 -26.63 -1.52 -14.17
C GLU C 129 -25.54 -1.94 -15.15
N VAL C 130 -24.80 -0.96 -15.72
CA VAL C 130 -23.69 -1.28 -16.63
C VAL C 130 -22.44 -1.86 -15.96
N PRO C 131 -21.86 -1.18 -14.93
CA PRO C 131 -20.67 -1.78 -14.30
C PRO C 131 -20.88 -3.17 -13.64
N LEU C 132 -22.13 -3.45 -13.30
CA LEU C 132 -22.55 -4.74 -12.76
C LEU C 132 -22.99 -5.78 -13.78
N LEU C 133 -22.94 -5.46 -15.09
CA LEU C 133 -23.58 -6.30 -16.13
C LEU C 133 -22.92 -7.67 -16.39
N SER C 134 -21.58 -7.73 -16.39
CA SER C 134 -20.92 -9.03 -16.50
C SER C 134 -21.13 -9.89 -15.25
N VAL C 135 -21.18 -9.29 -14.06
CA VAL C 135 -21.69 -10.05 -12.89
C VAL C 135 -23.13 -10.57 -13.10
N TYR C 136 -24.05 -9.68 -13.49
CA TYR C 136 -25.46 -10.04 -13.75
C TYR C 136 -25.57 -11.22 -14.72
N ALA C 137 -24.86 -11.13 -15.83
CA ALA C 137 -24.94 -12.12 -16.89
C ALA C 137 -24.48 -13.51 -16.40
N GLN C 138 -23.42 -13.52 -15.60
CA GLN C 138 -22.82 -14.78 -15.15
C GLN C 138 -23.64 -15.42 -14.04
N ALA C 139 -24.19 -14.58 -13.18
CA ALA C 139 -25.20 -14.97 -12.15
C ALA C 139 -26.52 -15.49 -12.75
N ALA C 140 -27.07 -14.75 -13.71
CA ALA C 140 -28.27 -15.12 -14.48
C ALA C 140 -28.08 -16.49 -15.17
N ASN C 141 -26.93 -16.68 -15.80
CA ASN C 141 -26.54 -17.97 -16.37
C ASN C 141 -26.65 -19.13 -15.37
N LEU C 142 -26.15 -18.91 -14.14
CA LEU C 142 -26.15 -19.95 -13.12
C LEU C 142 -27.54 -20.18 -12.58
N HIS C 143 -28.34 -19.12 -12.50
CA HIS C 143 -29.71 -19.30 -12.05
C HIS C 143 -30.48 -20.12 -13.09
N LEU C 144 -30.35 -19.79 -14.38
CA LEU C 144 -31.11 -20.51 -15.43
C LEU C 144 -30.73 -21.99 -15.54
N LEU C 145 -29.43 -22.27 -15.42
CA LEU C 145 -28.87 -23.64 -15.35
C LEU C 145 -29.38 -24.44 -14.17
N LEU C 146 -29.49 -23.80 -13.01
CA LEU C 146 -30.10 -24.39 -11.87
C LEU C 146 -31.51 -24.85 -12.17
N LEU C 147 -32.32 -23.94 -12.69
CA LEU C 147 -33.76 -24.15 -12.83
C LEU C 147 -34.07 -25.35 -13.75
N LYS C 148 -33.23 -25.54 -14.77
CA LYS C 148 -33.28 -26.70 -15.66
C LYS C 148 -33.36 -28.05 -14.93
N ASP C 149 -32.71 -28.18 -13.79
CA ASP C 149 -32.70 -29.44 -13.06
C ASP C 149 -34.07 -29.82 -12.49
N ALA C 150 -34.89 -28.81 -12.23
CA ALA C 150 -36.21 -29.07 -11.68
C ALA C 150 -37.10 -29.78 -12.70
N SER C 151 -36.88 -29.49 -13.99
CA SER C 151 -37.68 -30.11 -15.03
C SER C 151 -37.12 -31.45 -15.45
N ILE C 152 -35.81 -31.63 -15.27
CA ILE C 152 -35.17 -32.90 -15.63
C ILE C 152 -35.32 -33.93 -14.52
N PHE C 153 -35.03 -33.53 -13.28
CA PHE C 153 -35.01 -34.47 -12.16
C PHE C 153 -36.13 -34.31 -11.14
N GLY C 154 -36.93 -33.27 -11.24
CA GLY C 154 -37.93 -33.01 -10.21
C GLY C 154 -38.90 -34.14 -9.91
N GLU C 155 -39.27 -34.90 -10.93
CA GLU C 155 -40.20 -36.03 -10.80
C GLU C 155 -39.59 -37.17 -9.97
N GLU C 156 -38.32 -37.48 -10.23
CA GLU C 156 -37.54 -38.43 -9.45
C GLU C 156 -37.25 -37.95 -8.05
N TRP C 157 -37.14 -36.63 -7.88
CA TRP C 157 -36.87 -36.04 -6.55
C TRP C 157 -38.10 -36.02 -5.68
N GLY C 158 -39.28 -35.99 -6.31
CA GLY C 158 -40.53 -35.94 -5.57
C GLY C 158 -41.21 -34.59 -5.47
N PHE C 159 -40.81 -33.63 -6.32
CA PHE C 159 -41.60 -32.38 -6.48
C PHE C 159 -42.97 -32.73 -7.08
N SER C 160 -44.02 -32.02 -6.71
CA SER C 160 -45.35 -32.28 -7.30
C SER C 160 -45.35 -31.82 -8.74
N THR C 161 -46.29 -32.35 -9.53
CA THR C 161 -46.48 -31.91 -10.91
C THR C 161 -46.56 -30.37 -11.05
N THR C 162 -47.33 -29.74 -10.17
CA THR C 162 -47.54 -28.27 -10.13
C THR C 162 -46.21 -27.50 -9.92
N ALA C 163 -45.41 -27.96 -8.96
CA ALA C 163 -44.14 -27.33 -8.62
C ALA C 163 -43.18 -27.39 -9.79
N ILE C 164 -43.15 -28.52 -10.48
CA ILE C 164 -42.29 -28.65 -11.65
C ILE C 164 -42.70 -27.66 -12.77
N ASN C 165 -44.00 -27.58 -13.04
CA ASN C 165 -44.51 -26.57 -13.96
C ASN C 165 -44.24 -25.15 -13.54
N ASN C 166 -44.41 -24.80 -12.26
CA ASN C 166 -44.05 -23.43 -11.80
C ASN C 166 -42.55 -23.19 -11.91
N TYR C 167 -41.73 -24.20 -11.63
CA TYR C 167 -40.29 -24.03 -11.83
C TYR C 167 -39.93 -23.71 -13.25
N TYR C 168 -40.51 -24.46 -14.20
CA TYR C 168 -40.28 -24.29 -15.64
C TYR C 168 -40.88 -23.00 -16.21
N ASN C 169 -42.09 -22.68 -15.80
CA ASN C 169 -42.75 -21.47 -16.22
C ASN C 169 -41.91 -20.27 -15.78
N ARG C 170 -41.41 -20.32 -14.53
CA ARG C 170 -40.50 -19.27 -14.05
C ARG C 170 -39.19 -19.27 -14.86
N GLN C 171 -38.68 -20.46 -15.18
CA GLN C 171 -37.48 -20.54 -16.00
C GLN C 171 -37.65 -19.80 -17.35
N MET C 172 -38.68 -20.17 -18.13
CA MET C 172 -38.98 -19.50 -19.39
CA MET C 172 -39.01 -19.50 -19.41
C MET C 172 -39.13 -18.00 -19.22
N SER C 173 -39.86 -17.60 -18.20
CA SER C 173 -40.04 -16.20 -17.90
C SER C 173 -38.73 -15.44 -17.52
N LEU C 174 -37.74 -16.15 -16.94
CA LEU C 174 -36.44 -15.54 -16.59
C LEU C 174 -35.41 -15.56 -17.75
N ILE C 175 -35.52 -16.53 -18.65
CA ILE C 175 -34.65 -16.52 -19.86
C ILE C 175 -34.88 -15.21 -20.60
N ALA C 176 -36.18 -14.85 -20.72
CA ALA C 176 -36.61 -13.60 -21.35
C ALA C 176 -36.18 -12.35 -20.59
N GLN C 177 -36.43 -12.31 -19.28
CA GLN C 177 -36.10 -11.15 -18.47
C GLN C 177 -34.59 -10.90 -18.44
N TYR C 178 -33.82 -11.96 -18.19
CA TYR C 178 -32.36 -11.89 -18.11
C TYR C 178 -31.73 -11.57 -19.46
N SER C 179 -32.26 -12.13 -20.56
CA SER C 179 -31.77 -11.79 -21.90
C SER C 179 -32.08 -10.34 -22.30
N ASP C 180 -33.31 -9.87 -22.05
CA ASP C 180 -33.65 -8.48 -22.36
C ASP C 180 -32.77 -7.52 -21.54
N HIS C 181 -32.50 -7.88 -20.27
CA HIS C 181 -31.66 -7.04 -19.45
C HIS C 181 -30.22 -6.97 -20.02
N CYS C 182 -29.62 -8.12 -20.31
CA CYS C 182 -28.28 -8.15 -20.93
C CYS C 182 -28.16 -7.28 -22.19
N VAL C 183 -29.00 -7.56 -23.18
CA VAL C 183 -29.05 -6.76 -24.41
C VAL C 183 -29.34 -5.26 -24.16
N GLN C 184 -30.38 -4.92 -23.40
CA GLN C 184 -30.72 -3.51 -23.18
C GLN C 184 -29.55 -2.71 -22.61
N TRP C 185 -28.88 -3.30 -21.62
CA TRP C 185 -27.79 -2.58 -20.91
C TRP C 185 -26.47 -2.71 -21.63
N TYR C 186 -26.31 -3.75 -22.44
CA TYR C 186 -25.17 -3.80 -23.31
C TYR C 186 -25.23 -2.65 -24.31
N ARG C 187 -26.40 -2.49 -24.97
CA ARG C 187 -26.60 -1.41 -25.94
C ARG C 187 -26.48 -0.06 -25.24
N THR C 188 -26.95 0.07 -24.02
CA THR C 188 -26.91 1.35 -23.28
C THR C 188 -25.47 1.68 -22.88
N GLY C 189 -24.77 0.71 -22.25
CA GLY C 189 -23.38 0.86 -21.92
C GLY C 189 -22.53 1.27 -23.12
N LEU C 190 -22.72 0.59 -24.24
CA LEU C 190 -22.02 0.90 -25.46
C LEU C 190 -22.34 2.31 -25.97
N ASP C 191 -23.61 2.64 -26.06
CA ASP C 191 -23.98 3.97 -26.55
C ASP C 191 -23.43 5.09 -25.68
N ARG C 192 -23.29 4.86 -24.38
CA ARG C 192 -22.73 5.92 -23.51
C ARG C 192 -21.25 6.15 -23.75
N LEU C 193 -20.61 5.25 -24.49
CA LEU C 193 -19.20 5.44 -24.81
C LEU C 193 -19.01 6.07 -26.20
N LYS C 194 -20.08 6.44 -26.89
CA LYS C 194 -19.87 7.14 -28.17
C LYS C 194 -19.24 8.48 -27.87
N GLY C 195 -18.29 8.83 -28.71
CA GLY C 195 -17.61 10.09 -28.57
C GLY C 195 -17.29 10.56 -29.96
N SER C 196 -16.30 11.42 -30.08
CA SER C 196 -16.08 12.04 -31.35
C SER C 196 -14.67 11.79 -31.89
N ASN C 197 -13.74 11.45 -31.00
CA ASN C 197 -12.36 11.25 -31.40
C ASN C 197 -11.92 9.77 -31.40
N ALA C 198 -10.71 9.49 -31.91
CA ALA C 198 -10.23 8.13 -32.11
C ALA C 198 -9.91 7.35 -30.84
N LYS C 199 -9.41 8.05 -29.83
CA LYS C 199 -9.15 7.48 -28.52
C LYS C 199 -10.47 6.97 -27.95
N GLN C 200 -11.52 7.78 -28.10
CA GLN C 200 -12.87 7.36 -27.72
C GLN C 200 -13.39 6.18 -28.48
N TRP C 201 -12.97 6.01 -29.73
CA TRP C 201 -13.40 4.90 -30.57
C TRP C 201 -12.79 3.59 -30.08
N VAL C 202 -11.51 3.66 -29.75
CA VAL C 202 -10.77 2.54 -29.10
C VAL C 202 -11.50 2.00 -27.86
N GLU C 203 -11.90 2.90 -26.95
CA GLU C 203 -12.69 2.58 -25.75
C GLU C 203 -14.08 1.98 -26.04
N TYR C 204 -14.79 2.58 -26.96
CA TYR C 204 -16.07 2.10 -27.42
C TYR C 204 -15.93 0.66 -27.98
N ASN C 205 -14.99 0.47 -28.90
CA ASN C 205 -14.74 -0.84 -29.50
C ASN C 205 -14.28 -1.92 -28.54
N ARG C 206 -13.57 -1.50 -27.49
CA ARG C 206 -13.04 -2.38 -26.49
C ARG C 206 -14.18 -2.94 -25.62
N PHE C 207 -15.05 -2.05 -25.12
CA PHE C 207 -16.32 -2.45 -24.49
C PHE C 207 -17.17 -3.41 -25.38
N ARG C 208 -17.36 -3.04 -26.64
CA ARG C 208 -18.07 -3.86 -27.57
C ARG C 208 -17.43 -5.27 -27.57
N ARG C 209 -16.12 -5.37 -27.79
CA ARG C 209 -15.52 -6.68 -27.87
C ARG C 209 -15.66 -7.43 -26.54
N GLU C 210 -15.24 -6.79 -25.44
CA GLU C 210 -15.24 -7.48 -24.14
C GLU C 210 -16.63 -7.88 -23.66
N MET C 211 -17.62 -7.03 -23.92
CA MET C 211 -18.94 -7.32 -23.41
C MET C 211 -19.68 -8.28 -24.35
N THR C 212 -19.21 -8.38 -25.60
CA THR C 212 -19.70 -9.45 -26.48
C THR C 212 -19.20 -10.78 -25.92
N LEU C 213 -17.92 -10.83 -25.54
CA LEU C 213 -17.36 -12.05 -24.92
C LEU C 213 -17.94 -12.35 -23.53
N SER C 214 -18.27 -11.31 -22.76
CA SER C 214 -18.64 -11.43 -21.33
C SER C 214 -20.13 -11.42 -20.99
N VAL C 215 -20.94 -10.84 -21.87
CA VAL C 215 -22.39 -10.72 -21.63
C VAL C 215 -23.20 -11.41 -22.74
N LEU C 216 -22.99 -10.97 -23.99
CA LEU C 216 -23.74 -11.47 -25.15
C LEU C 216 -23.51 -12.94 -25.50
N ASP C 217 -22.28 -13.43 -25.39
CA ASP C 217 -21.94 -14.78 -25.82
C ASP C 217 -22.61 -15.77 -24.91
N ILE C 218 -22.57 -15.56 -23.59
CA ILE C 218 -23.26 -16.49 -22.67
C ILE C 218 -24.79 -16.40 -22.71
N MET C 219 -25.32 -15.16 -22.75
CA MET C 219 -26.75 -14.93 -22.91
C MET C 219 -27.37 -15.69 -24.11
N THR C 220 -26.63 -15.74 -25.23
CA THR C 220 -27.05 -16.48 -26.40
C THR C 220 -27.19 -17.99 -26.17
N LEU C 221 -26.55 -18.52 -25.13
CA LEU C 221 -26.68 -19.94 -24.80
C LEU C 221 -27.89 -20.24 -23.94
N PHE C 222 -28.50 -19.19 -23.34
CA PHE C 222 -29.62 -19.35 -22.40
C PHE C 222 -30.80 -20.22 -22.90
N PRO C 223 -31.29 -20.01 -24.16
CA PRO C 223 -32.47 -20.75 -24.61
C PRO C 223 -32.28 -22.26 -24.65
N MET C 224 -31.02 -22.71 -24.71
CA MET C 224 -30.73 -24.14 -24.77
C MET C 224 -30.77 -24.81 -23.40
N TYR C 225 -30.97 -24.01 -22.33
CA TYR C 225 -31.17 -24.55 -20.97
C TYR C 225 -32.60 -25.01 -20.73
N ASP C 226 -33.44 -24.79 -21.75
CA ASP C 226 -34.80 -25.30 -21.81
C ASP C 226 -34.78 -26.75 -22.33
N MET C 227 -34.97 -27.69 -21.40
CA MET C 227 -34.91 -29.11 -21.71
C MET C 227 -36.05 -29.57 -22.63
N ARG C 228 -37.24 -28.97 -22.50
CA ARG C 228 -38.35 -29.28 -23.41
C ARG C 228 -38.00 -28.95 -24.88
N THR C 229 -37.57 -27.72 -25.15
CA THR C 229 -37.14 -27.35 -26.54
C THR C 229 -35.84 -28.04 -27.01
N TYR C 230 -34.89 -28.27 -26.11
CA TYR C 230 -33.59 -28.87 -26.43
C TYR C 230 -33.42 -30.11 -25.55
N PRO C 231 -34.06 -31.23 -25.96
CA PRO C 231 -34.14 -32.42 -25.11
C PRO C 231 -32.90 -33.34 -25.25
N MET C 232 -32.08 -33.07 -26.25
CA MET C 232 -30.85 -33.81 -26.44
C MET C 232 -29.70 -32.87 -26.78
N GLU C 233 -28.50 -33.41 -26.82
CA GLU C 233 -27.31 -32.65 -27.12
C GLU C 233 -27.41 -31.82 -28.43
N THR C 234 -26.90 -30.59 -28.39
CA THR C 234 -27.00 -29.62 -29.49
C THR C 234 -25.65 -28.96 -29.72
N LYS C 235 -25.36 -28.67 -30.99
CA LYS C 235 -24.17 -27.97 -31.37
C LYS C 235 -24.56 -26.55 -31.74
N ALA C 236 -24.26 -25.57 -30.87
CA ALA C 236 -24.52 -24.16 -31.18
C ALA C 236 -23.33 -23.52 -31.91
N GLN C 237 -23.58 -22.34 -32.49
CA GLN C 237 -22.63 -21.65 -33.36
C GLN C 237 -22.74 -20.10 -33.17
N LEU C 238 -21.65 -19.43 -32.82
CA LEU C 238 -21.63 -17.97 -32.74
C LEU C 238 -20.96 -17.43 -33.99
N THR C 239 -21.70 -16.64 -34.76
CA THR C 239 -21.18 -16.18 -36.06
C THR C 239 -20.74 -14.74 -36.09
N ARG C 240 -20.99 -14.02 -34.99
CA ARG C 240 -20.57 -12.65 -34.90
C ARG C 240 -19.02 -12.54 -35.05
N GLU C 241 -18.56 -11.47 -35.69
CA GLU C 241 -17.16 -11.05 -35.69
C GLU C 241 -16.86 -10.12 -34.52
N VAL C 242 -15.66 -10.23 -33.98
CA VAL C 242 -15.18 -9.27 -32.96
C VAL C 242 -13.89 -8.60 -33.45
N TYR C 243 -13.68 -7.38 -32.99
CA TYR C 243 -12.49 -6.63 -33.42
C TYR C 243 -11.53 -6.40 -32.24
N THR C 244 -10.28 -6.77 -32.44
CA THR C 244 -9.22 -6.45 -31.51
C THR C 244 -8.84 -4.96 -31.68
N ASP C 245 -8.10 -4.43 -30.71
CA ASP C 245 -7.71 -3.04 -30.70
C ASP C 245 -6.89 -2.74 -31.93
N PRO C 246 -7.02 -1.53 -32.48
CA PRO C 246 -6.16 -1.15 -33.59
C PRO C 246 -4.70 -1.34 -33.22
N ILE C 247 -3.90 -1.79 -34.20
CA ILE C 247 -2.50 -2.08 -34.00
C ILE C 247 -1.64 -0.82 -34.23
N GLY C 248 -1.49 -0.06 -33.14
CA GLY C 248 -0.82 1.23 -33.21
C GLY C 248 -0.16 1.45 -31.87
N ALA C 249 0.97 2.14 -31.87
CA ALA C 249 1.64 2.44 -30.63
C ALA C 249 0.84 3.44 -29.80
N ILE C 250 0.73 3.17 -28.50
CA ILE C 250 0.03 4.02 -27.50
C ILE C 250 0.89 4.35 -26.27
N GLY C 251 0.93 5.63 -25.89
CA GLY C 251 1.74 6.05 -24.73
C GLY C 251 2.04 7.54 -24.69
N ALA C 252 2.66 7.96 -23.58
CA ALA C 252 2.92 9.36 -23.29
C ALA C 252 3.83 10.02 -24.33
N GLN C 253 4.78 9.25 -24.86
CA GLN C 253 5.66 9.71 -25.93
C GLN C 253 4.90 9.95 -27.25
N GLY C 254 3.63 9.55 -27.29
CA GLY C 254 2.76 9.75 -28.46
C GLY C 254 1.93 8.52 -28.77
N SER C 255 0.65 8.73 -29.10
CA SER C 255 -0.25 7.63 -29.48
C SER C 255 -0.74 7.81 -30.88
N TRP C 256 -0.95 6.69 -31.58
CA TRP C 256 -1.43 6.75 -32.98
C TRP C 256 -2.69 7.62 -33.15
N TYR C 257 -3.55 7.59 -32.14
CA TYR C 257 -4.86 8.24 -32.22
C TYR C 257 -4.87 9.73 -31.93
N ASP C 258 -3.69 10.28 -31.58
CA ASP C 258 -3.46 11.71 -31.45
C ASP C 258 -3.80 12.46 -32.76
N SER C 259 -3.54 11.81 -33.89
CA SER C 259 -3.69 12.36 -35.24
C SER C 259 -4.71 11.63 -36.13
N ALA C 260 -5.46 10.67 -35.59
CA ALA C 260 -6.38 9.86 -36.35
C ALA C 260 -7.71 10.55 -36.72
N PRO C 261 -8.41 10.02 -37.76
CA PRO C 261 -9.74 10.52 -38.11
C PRO C 261 -10.72 10.48 -36.92
N SER C 262 -11.90 11.07 -37.13
CA SER C 262 -12.94 11.15 -36.11
C SER C 262 -13.46 9.75 -35.78
N PHE C 263 -14.09 9.61 -34.63
CA PHE C 263 -14.83 8.40 -34.27
C PHE C 263 -15.69 7.91 -35.45
N ASN C 264 -16.47 8.81 -36.02
CA ASN C 264 -17.44 8.48 -37.04
C ASN C 264 -16.78 7.82 -38.22
N THR C 265 -15.62 8.33 -38.60
CA THR C 265 -14.90 7.74 -39.70
C THR C 265 -14.27 6.38 -39.39
N LEU C 266 -13.82 6.18 -38.14
CA LEU C 266 -13.19 4.92 -37.78
C LEU C 266 -14.21 3.82 -37.72
N GLU C 267 -15.41 4.14 -37.23
CA GLU C 267 -16.49 3.16 -37.22
C GLU C 267 -16.84 2.69 -38.66
N SER C 268 -16.88 3.61 -39.63
CA SER C 268 -17.23 3.14 -40.97
C SER C 268 -16.09 2.47 -41.73
N THR C 269 -14.84 2.83 -41.40
CA THR C 269 -13.65 2.25 -42.02
C THR C 269 -13.19 0.96 -41.32
N PHE C 270 -13.11 0.96 -39.97
CA PHE C 270 -12.59 -0.25 -39.27
C PHE C 270 -13.59 -1.41 -39.21
N ILE C 271 -14.87 -1.08 -39.12
CA ILE C 271 -15.93 -2.06 -38.98
C ILE C 271 -16.58 -2.34 -40.36
N ARG C 272 -16.54 -3.61 -40.77
CA ARG C 272 -17.17 -4.07 -42.00
C ARG C 272 -18.68 -3.89 -41.97
N GLY C 273 -19.27 -3.50 -43.10
CA GLY C 273 -20.73 -3.47 -43.26
C GLY C 273 -21.24 -4.91 -43.16
N LYS C 274 -22.55 -5.11 -43.04
CA LYS C 274 -23.06 -6.47 -42.82
C LYS C 274 -22.73 -7.38 -44.01
N HIS C 275 -22.55 -8.67 -43.73
CA HIS C 275 -22.04 -9.58 -44.74
C HIS C 275 -22.32 -11.02 -44.31
N LEU C 276 -22.38 -11.91 -45.29
CA LEU C 276 -22.49 -13.35 -45.01
C LEU C 276 -21.20 -13.85 -44.35
N PHE C 277 -21.33 -14.80 -43.44
CA PHE C 277 -20.21 -15.35 -42.68
C PHE C 277 -19.17 -15.82 -43.67
N ASP C 278 -17.91 -15.41 -43.49
CA ASP C 278 -16.87 -15.77 -44.45
C ASP C 278 -15.56 -16.08 -43.74
N PHE C 279 -14.61 -16.57 -44.54
CA PHE C 279 -13.30 -16.99 -44.14
C PHE C 279 -12.25 -16.30 -45.02
N ILE C 280 -11.15 -15.88 -44.40
CA ILE C 280 -10.09 -15.22 -45.11
C ILE C 280 -9.31 -16.24 -45.97
N THR C 281 -8.90 -15.80 -47.17
CA THR C 281 -8.21 -16.70 -48.12
C THR C 281 -6.83 -16.19 -48.54
N ARG C 282 -6.69 -14.86 -48.64
CA ARG C 282 -5.48 -14.23 -49.18
C ARG C 282 -5.27 -12.84 -48.62
N LEU C 283 -4.01 -12.55 -48.32
CA LEU C 283 -3.60 -11.23 -47.86
C LEU C 283 -2.33 -10.84 -48.58
N SER C 284 -2.37 -9.68 -49.24
CA SER C 284 -1.20 -9.03 -49.79
C SER C 284 -0.96 -7.77 -48.98
N ILE C 285 0.23 -7.64 -48.40
CA ILE C 285 0.61 -6.44 -47.63
C ILE C 285 1.63 -5.63 -48.44
N TYR C 286 1.40 -4.32 -48.54
CA TYR C 286 2.30 -3.39 -49.23
C TYR C 286 3.07 -2.59 -48.20
N THR C 287 4.39 -2.49 -48.41
CA THR C 287 5.30 -1.83 -47.47
C THR C 287 5.81 -0.48 -47.96
N GLY C 288 5.91 0.47 -47.04
CA GLY C 288 6.49 1.78 -47.32
C GLY C 288 7.60 2.03 -46.32
N ARG C 289 8.40 3.05 -46.55
CA ARG C 289 9.52 3.33 -45.68
C ARG C 289 9.42 4.78 -45.22
N SER C 290 9.54 4.98 -43.91
CA SER C 290 9.86 6.29 -43.34
C SER C 290 11.28 6.24 -42.80
N SER C 291 12.06 7.29 -43.05
CA SER C 291 13.46 7.31 -42.63
C SER C 291 13.87 8.56 -41.89
N PHE C 292 14.88 8.40 -41.06
CA PHE C 292 15.40 9.49 -40.27
C PHE C 292 16.84 9.17 -39.95
N SER C 293 17.76 9.66 -40.76
CA SER C 293 19.16 9.22 -40.68
C SER C 293 19.31 7.96 -41.55
N ALA C 294 20.46 7.30 -41.43
CA ALA C 294 20.78 6.17 -42.30
C ALA C 294 20.47 4.98 -41.40
N SER C 295 20.54 5.22 -40.09
CA SER C 295 20.46 4.13 -39.11
C SER C 295 19.06 3.90 -38.55
N ASN C 296 18.16 4.88 -38.69
CA ASN C 296 16.82 4.80 -38.11
C ASN C 296 15.74 4.84 -39.17
N TYR C 297 15.02 3.73 -39.32
CA TYR C 297 13.94 3.64 -40.30
C TYR C 297 12.79 2.72 -39.88
N LEU C 298 11.61 3.06 -40.34
CA LEU C 298 10.45 2.22 -40.19
C LEU C 298 9.98 1.74 -41.60
N LYS C 299 10.17 0.45 -41.89
CA LYS C 299 9.47 -0.16 -43.04
C LYS C 299 8.13 -0.73 -42.56
N LYS C 300 7.04 -0.18 -43.06
CA LYS C 300 5.73 -0.35 -42.44
C LYS C 300 4.60 -0.77 -43.42
N TRP C 301 3.58 -1.43 -42.86
CA TRP C 301 2.34 -1.80 -43.54
C TRP C 301 1.58 -0.53 -43.91
N ILE C 302 1.58 -0.21 -45.21
CA ILE C 302 0.89 1.00 -45.74
C ILE C 302 -0.41 0.71 -46.54
N GLY C 303 -0.68 -0.55 -46.84
CA GLY C 303 -1.86 -0.91 -47.59
C GLY C 303 -1.99 -2.41 -47.73
N HIS C 304 -3.17 -2.89 -48.06
CA HIS C 304 -3.29 -4.34 -48.28
C HIS C 304 -4.45 -4.69 -49.19
N GLN C 305 -4.32 -5.86 -49.78
CA GLN C 305 -5.40 -6.46 -50.54
C GLN C 305 -5.88 -7.69 -49.76
N ILE C 306 -7.17 -7.73 -49.47
CA ILE C 306 -7.72 -8.80 -48.67
C ILE C 306 -8.88 -9.51 -49.36
N SER C 307 -8.84 -10.84 -49.31
CA SER C 307 -9.80 -11.69 -49.92
C SER C 307 -10.45 -12.62 -48.88
N SER C 308 -11.76 -12.83 -49.05
CA SER C 308 -12.46 -13.73 -48.21
C SER C 308 -13.58 -14.41 -48.97
N GLN C 309 -14.13 -15.48 -48.38
CA GLN C 309 -15.04 -16.40 -49.05
C GLN C 309 -16.10 -16.97 -48.12
N PRO C 310 -17.40 -16.81 -48.48
CA PRO C 310 -18.48 -17.49 -47.74
C PRO C 310 -18.34 -19.00 -47.91
N ILE C 311 -18.97 -19.82 -47.05
CA ILE C 311 -18.85 -21.25 -47.28
C ILE C 311 -19.61 -21.75 -48.52
N GLY C 312 -18.85 -22.32 -49.45
CA GLY C 312 -19.38 -22.82 -50.70
C GLY C 312 -19.51 -21.64 -51.65
N GLY C 313 -18.92 -20.49 -51.30
CA GLY C 313 -19.23 -19.24 -51.97
C GLY C 313 -18.15 -18.78 -52.90
N SER C 314 -18.29 -17.57 -53.41
CA SER C 314 -17.27 -16.93 -54.27
C SER C 314 -16.32 -15.99 -53.51
N ILE C 315 -15.07 -15.91 -53.96
CA ILE C 315 -14.05 -15.07 -53.35
C ILE C 315 -14.29 -13.61 -53.66
N GLN C 316 -14.30 -12.81 -52.61
CA GLN C 316 -14.55 -11.39 -52.66
C GLN C 316 -13.23 -10.71 -52.27
N THR C 317 -12.87 -9.64 -52.95
CA THR C 317 -11.64 -8.94 -52.66
C THR C 317 -11.83 -7.43 -52.44
N GLN C 318 -11.21 -6.90 -51.38
CA GLN C 318 -11.16 -5.43 -51.20
C GLN C 318 -9.73 -4.92 -50.98
N THR C 319 -9.58 -3.60 -51.09
CA THR C 319 -8.33 -2.90 -51.01
C THR C 319 -8.38 -1.81 -49.95
N TYR C 320 -7.36 -1.73 -49.09
CA TYR C 320 -7.28 -0.65 -48.09
C TYR C 320 -5.94 0.02 -48.19
N GLY C 321 -5.91 1.32 -47.98
CA GLY C 321 -4.65 2.05 -47.87
C GLY C 321 -3.94 2.15 -49.20
N THR C 322 -2.61 2.28 -49.18
CA THR C 322 -1.83 2.45 -50.41
C THR C 322 -1.43 1.08 -51.00
N THR C 323 -1.76 0.83 -52.26
CA THR C 323 -1.45 -0.46 -52.94
C THR C 323 -0.65 -0.33 -54.25
N SER C 324 -0.30 0.90 -54.63
CA SER C 324 0.53 1.15 -55.82
C SER C 324 1.21 2.52 -55.73
N GLY C 325 2.03 2.85 -56.74
CA GLY C 325 2.76 4.10 -56.75
C GLY C 325 4.13 3.95 -56.14
N SER C 326 4.89 5.04 -56.17
CA SER C 326 6.30 5.05 -55.76
C SER C 326 6.60 4.73 -54.28
N SER C 327 5.66 5.08 -53.38
CA SER C 327 5.72 4.70 -51.96
C SER C 327 5.88 3.20 -51.70
N VAL C 328 5.43 2.35 -52.62
CA VAL C 328 5.40 0.91 -52.34
C VAL C 328 6.77 0.33 -52.63
N ILE C 329 7.44 -0.19 -51.61
CA ILE C 329 8.81 -0.70 -51.82
C ILE C 329 8.84 -2.22 -51.80
N ALA C 330 7.77 -2.81 -51.29
CA ALA C 330 7.67 -4.23 -51.18
C ALA C 330 6.21 -4.66 -51.17
N THR C 331 5.99 -5.91 -51.55
CA THR C 331 4.68 -6.56 -51.59
C THR C 331 4.90 -7.97 -51.06
N GLN C 332 3.93 -8.47 -50.30
CA GLN C 332 4.00 -9.82 -49.81
C GLN C 332 2.60 -10.40 -49.86
N GLN C 333 2.47 -11.52 -50.54
CA GLN C 333 1.25 -12.32 -50.58
C GLN C 333 1.31 -13.44 -49.56
N ILE C 334 0.22 -13.61 -48.82
CA ILE C 334 0.09 -14.67 -47.82
C ILE C 334 -1.18 -15.47 -48.15
N GLY C 335 -1.02 -16.78 -48.33
CA GLY C 335 -2.18 -17.66 -48.63
C GLY C 335 -2.74 -18.24 -47.35
N PHE C 336 -3.91 -17.75 -46.94
CA PHE C 336 -4.57 -18.24 -45.74
C PHE C 336 -5.68 -19.26 -45.97
N THR C 337 -6.02 -19.55 -47.22
CA THR C 337 -7.13 -20.45 -47.55
C THR C 337 -7.10 -21.73 -46.73
N GLY C 338 -8.09 -21.93 -45.89
CA GLY C 338 -8.22 -23.19 -45.14
C GLY C 338 -7.55 -23.14 -43.77
N PHE C 339 -6.88 -22.03 -43.47
CA PHE C 339 -6.11 -21.90 -42.26
C PHE C 339 -6.87 -21.13 -41.20
N ASP C 340 -6.91 -21.66 -39.98
CA ASP C 340 -7.32 -20.85 -38.83
C ASP C 340 -6.10 -20.17 -38.29
N VAL C 341 -5.92 -18.87 -38.48
CA VAL C 341 -4.86 -18.22 -37.71
C VAL C 341 -5.34 -17.91 -36.31
N TYR C 342 -4.78 -18.64 -35.35
CA TYR C 342 -5.29 -18.64 -33.98
C TYR C 342 -4.64 -17.57 -33.11
N LYS C 343 -3.55 -17.01 -33.61
CA LYS C 343 -2.77 -16.04 -32.84
C LYS C 343 -1.99 -15.12 -33.73
N THR C 344 -2.06 -13.83 -33.43
CA THR C 344 -1.17 -12.90 -34.10
C THR C 344 -0.36 -12.16 -33.07
N LEU C 345 0.87 -11.85 -33.45
CA LEU C 345 1.78 -11.13 -32.60
C LEU C 345 2.35 -10.01 -33.44
N SER C 346 1.92 -8.78 -33.15
CA SER C 346 2.29 -7.62 -33.99
C SER C 346 3.14 -6.58 -33.26
N THR C 347 4.10 -6.01 -33.97
CA THR C 347 4.88 -4.92 -33.42
C THR C 347 4.36 -3.66 -34.07
N ALA C 348 3.89 -2.76 -33.23
CA ALA C 348 3.43 -1.47 -33.63
C ALA C 348 4.56 -0.46 -33.36
N GLY C 349 5.03 0.18 -34.42
CA GLY C 349 6.22 1.01 -34.38
C GLY C 349 5.99 2.51 -34.44
N VAL C 350 6.96 3.25 -33.93
CA VAL C 350 6.98 4.69 -34.03
C VAL C 350 8.42 5.03 -34.40
N LEU C 351 8.57 5.78 -35.50
CA LEU C 351 9.82 6.42 -35.86
C LEU C 351 9.78 7.86 -35.40
N PHE C 352 10.73 8.24 -34.55
CA PHE C 352 10.84 9.60 -34.01
C PHE C 352 11.79 10.45 -34.85
N ALA C 353 11.28 11.52 -35.45
CA ALA C 353 12.12 12.45 -36.21
C ALA C 353 12.16 13.79 -35.47
N TYR C 354 13.00 14.73 -35.92
CA TYR C 354 13.21 15.99 -35.24
C TYR C 354 11.95 16.66 -34.79
N THR C 355 11.02 16.85 -35.72
CA THR C 355 9.80 17.61 -35.45
C THR C 355 8.51 16.81 -35.72
N SER C 356 8.63 15.52 -36.03
CA SER C 356 7.43 14.69 -36.29
C SER C 356 7.64 13.20 -35.99
N LYS C 357 6.54 12.46 -35.86
CA LYS C 357 6.59 11.00 -35.73
C LYS C 357 5.75 10.26 -36.77
N TYR C 358 6.14 9.01 -37.04
CA TYR C 358 5.50 8.14 -38.03
C TYR C 358 5.13 6.84 -37.35
N TYR C 359 3.86 6.49 -37.46
CA TYR C 359 3.31 5.22 -36.94
C TYR C 359 3.08 4.21 -38.06
N GLY C 360 3.40 2.97 -37.78
CA GLY C 360 3.28 1.90 -38.74
C GLY C 360 3.52 0.55 -38.10
N VAL C 361 2.99 -0.50 -38.71
CA VAL C 361 3.22 -1.82 -38.22
C VAL C 361 4.45 -2.33 -38.91
N SER C 362 5.42 -2.74 -38.10
CA SER C 362 6.73 -3.17 -38.58
C SER C 362 6.82 -4.68 -38.66
N LYS C 363 5.98 -5.39 -37.91
CA LYS C 363 6.06 -6.83 -37.94
C LYS C 363 4.76 -7.45 -37.47
N VAL C 364 4.36 -8.52 -38.18
CA VAL C 364 3.27 -9.38 -37.75
C VAL C 364 3.68 -10.84 -37.88
N VAL C 365 3.60 -11.55 -36.76
CA VAL C 365 3.66 -13.02 -36.78
C VAL C 365 2.24 -13.63 -36.73
N PHE C 366 1.88 -14.38 -37.76
CA PHE C 366 0.57 -15.12 -37.80
C PHE C 366 0.77 -16.61 -37.50
N ASP C 367 0.32 -17.05 -36.33
CA ASP C 367 0.31 -18.48 -36.02
C ASP C 367 -0.94 -19.16 -36.61
N ALA C 368 -0.74 -20.16 -37.45
CA ALA C 368 -1.83 -20.80 -38.22
C ALA C 368 -1.85 -22.33 -38.10
N ILE C 369 -3.05 -22.88 -38.21
CA ILE C 369 -3.28 -24.32 -38.26
C ILE C 369 -4.40 -24.60 -39.27
N TYR C 370 -4.15 -25.61 -40.10
CA TYR C 370 -5.08 -26.07 -41.10
C TYR C 370 -5.95 -27.09 -40.38
N PRO C 371 -7.21 -26.73 -40.01
CA PRO C 371 -7.94 -27.70 -39.17
C PRO C 371 -8.21 -29.07 -39.83
N ASP C 372 -8.09 -29.18 -41.15
CA ASP C 372 -8.28 -30.48 -41.82
C ASP C 372 -7.27 -31.56 -41.39
N ASN C 373 -5.98 -31.27 -41.52
CA ASN C 373 -4.93 -32.20 -41.13
C ASN C 373 -4.07 -31.75 -39.95
N LYS C 374 -4.50 -30.71 -39.23
CA LYS C 374 -3.73 -30.07 -38.15
C LYS C 374 -2.31 -29.64 -38.50
N TYR C 375 -2.02 -29.47 -39.78
CA TYR C 375 -0.73 -28.96 -40.18
C TYR C 375 -0.57 -27.51 -39.72
N LYS C 376 0.53 -27.24 -39.00
CA LYS C 376 0.79 -25.98 -38.32
C LYS C 376 1.88 -25.23 -38.99
N THR C 377 1.66 -23.95 -39.19
CA THR C 377 2.69 -23.13 -39.76
C THR C 377 2.62 -21.73 -39.19
N THR C 378 3.66 -20.96 -39.43
CA THR C 378 3.71 -19.59 -39.06
C THR C 378 3.93 -18.78 -40.35
N PHE C 379 3.22 -17.66 -40.51
CA PHE C 379 3.57 -16.69 -41.56
C PHE C 379 4.06 -15.37 -40.90
N THR C 380 5.17 -14.86 -41.40
CA THR C 380 5.76 -13.64 -40.86
C THR C 380 5.75 -12.51 -41.88
N TYR C 381 5.23 -11.35 -41.47
CA TYR C 381 5.45 -10.10 -42.18
C TYR C 381 6.56 -9.37 -41.41
N ASN C 382 7.70 -9.13 -42.04
CA ASN C 382 8.77 -8.39 -41.38
C ASN C 382 9.73 -7.74 -42.35
N PRO C 383 9.31 -6.65 -43.01
CA PRO C 383 10.23 -6.05 -43.98
C PRO C 383 11.61 -5.67 -43.36
N GLY C 384 11.62 -5.16 -42.12
CA GLY C 384 12.85 -4.88 -41.40
C GLY C 384 12.99 -3.43 -41.01
N SER C 385 12.81 -3.13 -39.73
CA SER C 385 12.94 -1.77 -39.16
C SER C 385 14.08 -1.69 -38.17
N GLU C 386 14.51 -0.47 -37.86
CA GLU C 386 15.64 -0.25 -36.98
C GLU C 386 15.52 1.09 -36.27
N GLY C 387 15.76 1.09 -34.95
CA GLY C 387 15.89 2.33 -34.18
C GLY C 387 14.56 2.94 -33.81
N ILE C 388 13.50 2.12 -33.89
CA ILE C 388 12.13 2.58 -33.62
C ILE C 388 11.70 2.27 -32.20
N GLY C 389 10.75 3.05 -31.70
CA GLY C 389 9.91 2.65 -30.58
C GLY C 389 8.97 1.57 -31.07
N ALA C 390 8.60 0.67 -30.17
CA ALA C 390 7.87 -0.51 -30.58
C ALA C 390 7.00 -0.97 -29.42
N GLN C 391 5.79 -1.41 -29.75
CA GLN C 391 4.96 -2.09 -28.80
C GLN C 391 4.38 -3.35 -29.41
N GLU C 392 4.48 -4.41 -28.63
CA GLU C 392 4.06 -5.72 -29.00
C GLU C 392 2.61 -5.88 -28.67
N LYS C 393 1.82 -6.32 -29.65
CA LYS C 393 0.40 -6.62 -29.46
C LYS C 393 0.15 -8.10 -29.74
N ASP C 394 -0.27 -8.81 -28.69
CA ASP C 394 -0.55 -10.23 -28.67
C ASP C 394 -2.06 -10.41 -28.70
N SER C 395 -2.59 -11.09 -29.70
CA SER C 395 -4.05 -11.17 -29.83
C SER C 395 -4.64 -12.00 -28.69
N GLU C 396 -3.83 -12.93 -28.18
CA GLU C 396 -4.19 -13.80 -27.07
C GLU C 396 -4.47 -13.08 -25.77
N VAL C 397 -3.99 -11.86 -25.63
CA VAL C 397 -4.35 -10.98 -24.54
C VAL C 397 -5.84 -10.61 -24.63
N GLU C 398 -6.30 -10.43 -25.87
CA GLU C 398 -7.68 -9.94 -26.10
C GLU C 398 -8.66 -11.09 -26.38
N LEU C 399 -8.15 -12.10 -27.07
CA LEU C 399 -8.89 -13.31 -27.40
C LEU C 399 -8.13 -14.56 -26.94
N PRO C 400 -8.09 -14.81 -25.62
CA PRO C 400 -7.31 -15.97 -25.13
C PRO C 400 -7.93 -17.30 -25.56
N PRO C 401 -7.12 -18.38 -25.60
CA PRO C 401 -7.63 -19.75 -25.79
C PRO C 401 -8.65 -20.14 -24.68
N GLU C 402 -9.47 -21.17 -24.90
CA GLU C 402 -10.49 -21.52 -23.92
C GLU C 402 -9.95 -22.31 -22.74
N THR C 403 -8.69 -22.70 -22.82
CA THR C 403 -8.03 -23.33 -21.69
C THR C 403 -6.50 -23.10 -21.72
N LEU C 404 -5.83 -23.35 -20.59
CA LEU C 404 -4.34 -23.42 -20.58
C LEU C 404 -3.84 -24.84 -20.28
N ASP C 405 -4.77 -25.78 -20.04
CA ASP C 405 -4.48 -27.22 -19.89
C ASP C 405 -4.09 -27.88 -21.22
N GLN C 406 -4.23 -27.16 -22.33
CA GLN C 406 -3.68 -27.65 -23.58
C GLN C 406 -3.06 -26.56 -24.44
N PRO C 407 -2.28 -26.96 -25.48
CA PRO C 407 -1.57 -25.96 -26.32
C PRO C 407 -2.57 -25.02 -27.06
N ASN C 408 -2.13 -23.79 -27.38
CA ASN C 408 -3.06 -22.79 -27.91
C ASN C 408 -3.53 -23.15 -29.30
N TYR C 409 -2.71 -23.87 -30.05
CA TYR C 409 -3.12 -24.40 -31.37
C TYR C 409 -4.24 -25.46 -31.31
N GLU C 410 -4.54 -26.01 -30.13
CA GLU C 410 -5.76 -26.79 -30.06
C GLU C 410 -6.95 -26.14 -29.32
N ALA C 411 -6.65 -25.31 -28.34
CA ALA C 411 -7.70 -24.73 -27.53
C ALA C 411 -8.08 -23.29 -27.93
N TYR C 412 -7.58 -22.79 -29.07
CA TYR C 412 -7.88 -21.39 -29.49
C TYR C 412 -9.38 -21.14 -29.55
N SER C 413 -9.79 -19.94 -29.14
CA SER C 413 -11.20 -19.60 -29.10
C SER C 413 -11.68 -18.83 -30.33
N HIS C 414 -10.74 -18.29 -31.12
CA HIS C 414 -11.06 -17.41 -32.27
C HIS C 414 -10.08 -17.61 -33.42
N ARG C 415 -10.51 -17.34 -34.65
CA ARG C 415 -9.62 -17.31 -35.82
C ARG C 415 -9.66 -15.91 -36.49
N LEU C 416 -8.57 -15.54 -37.17
CA LEU C 416 -8.58 -14.30 -37.91
C LEU C 416 -9.59 -14.39 -39.08
N ASN C 417 -10.41 -13.35 -39.24
CA ASN C 417 -11.42 -13.28 -40.27
C ASN C 417 -11.09 -12.21 -41.32
N TYR C 418 -10.60 -11.05 -40.91
CA TYR C 418 -10.49 -9.92 -41.80
C TYR C 418 -9.52 -8.90 -41.26
N VAL C 419 -9.10 -8.03 -42.16
CA VAL C 419 -8.21 -6.92 -41.80
C VAL C 419 -8.76 -5.65 -42.47
N THR C 420 -8.96 -4.62 -41.65
CA THR C 420 -9.30 -3.31 -42.18
C THR C 420 -8.13 -2.34 -41.87
N PHE C 421 -8.22 -1.08 -42.28
CA PHE C 421 -7.01 -0.22 -42.30
C PHE C 421 -7.34 1.26 -42.49
N ILE C 422 -6.67 2.13 -41.71
CA ILE C 422 -6.64 3.58 -42.00
C ILE C 422 -5.22 4.03 -42.33
N ARG C 423 -5.09 5.02 -43.19
CA ARG C 423 -3.83 5.60 -43.56
C ARG C 423 -3.53 6.87 -42.78
N ASN C 424 -2.25 7.13 -42.57
CA ASN C 424 -1.74 8.30 -41.87
C ASN C 424 -2.31 9.04 -40.69
N PRO C 425 -2.17 8.46 -39.52
CA PRO C 425 -1.56 7.15 -39.34
C PRO C 425 -1.91 5.72 -39.86
N ASP C 426 -0.89 4.98 -40.26
CA ASP C 426 -1.08 3.67 -40.84
C ASP C 426 -1.39 2.61 -39.82
N VAL C 427 -2.65 2.24 -39.73
CA VAL C 427 -3.13 1.45 -38.59
C VAL C 427 -4.19 0.42 -39.01
N PRO C 428 -3.85 -0.89 -38.93
CA PRO C 428 -4.85 -1.95 -39.16
C PRO C 428 -5.62 -2.38 -37.92
N VAL C 429 -6.77 -2.99 -38.21
CA VAL C 429 -7.60 -3.68 -37.24
C VAL C 429 -7.83 -5.14 -37.73
N PHE C 430 -7.75 -6.08 -36.81
CA PHE C 430 -8.08 -7.47 -37.14
C PHE C 430 -9.45 -7.82 -36.61
N SER C 431 -10.23 -8.51 -37.43
CA SER C 431 -11.50 -9.06 -36.95
C SER C 431 -11.39 -10.59 -36.84
N TRP C 432 -12.25 -11.20 -36.03
CA TRP C 432 -12.10 -12.59 -35.62
C TRP C 432 -13.45 -13.23 -35.53
N THR C 433 -13.50 -14.53 -35.84
CA THR C 433 -14.73 -15.31 -35.66
C THR C 433 -14.51 -16.39 -34.60
N HIS C 434 -15.57 -16.77 -33.93
CA HIS C 434 -15.49 -17.77 -32.88
C HIS C 434 -15.33 -19.17 -33.45
N ARG C 435 -14.58 -19.98 -32.70
CA ARG C 435 -14.30 -21.40 -32.94
C ARG C 435 -15.53 -22.28 -33.19
N SER C 436 -16.63 -22.02 -32.49
CA SER C 436 -17.84 -22.78 -32.60
C SER C 436 -18.53 -22.64 -33.96
N ALA C 437 -18.21 -21.60 -34.73
CA ALA C 437 -18.69 -21.41 -36.11
C ALA C 437 -17.80 -22.14 -37.11
N ASP C 438 -18.25 -23.28 -37.64
CA ASP C 438 -17.39 -24.20 -38.37
C ASP C 438 -17.22 -23.82 -39.84
N ARG C 439 -16.28 -24.48 -40.52
CA ARG C 439 -16.02 -24.18 -41.92
C ARG C 439 -16.83 -24.98 -42.91
N THR C 440 -17.48 -26.05 -42.46
CA THR C 440 -18.09 -27.02 -43.39
C THR C 440 -19.61 -27.08 -43.32
N ASN C 441 -20.25 -26.35 -42.39
CA ASN C 441 -21.64 -26.58 -42.07
C ASN C 441 -21.97 -28.08 -41.97
N THR C 442 -21.43 -28.72 -40.94
CA THR C 442 -21.56 -30.15 -40.74
C THR C 442 -22.92 -30.42 -40.14
N VAL C 443 -23.63 -31.40 -40.70
CA VAL C 443 -24.85 -31.91 -40.11
C VAL C 443 -24.48 -33.22 -39.39
N TYR C 444 -24.81 -33.26 -38.10
CA TYR C 444 -24.59 -34.39 -37.23
C TYR C 444 -25.81 -35.29 -37.18
N SER C 445 -25.59 -36.60 -37.32
CA SER C 445 -26.71 -37.51 -37.30
C SER C 445 -27.11 -37.85 -35.86
N ASP C 446 -26.40 -37.32 -34.88
CA ASP C 446 -26.71 -37.66 -33.49
C ASP C 446 -26.92 -36.46 -32.57
N LYS C 447 -26.95 -35.27 -33.16
CA LYS C 447 -27.09 -34.06 -32.35
C LYS C 447 -28.13 -33.19 -33.00
N ILE C 448 -28.77 -32.35 -32.20
CA ILE C 448 -29.51 -31.25 -32.78
C ILE C 448 -28.50 -30.28 -33.41
N THR C 449 -28.58 -30.04 -34.72
CA THR C 449 -27.62 -29.18 -35.42
C THR C 449 -28.17 -27.77 -35.64
N GLN C 450 -27.44 -26.75 -35.15
CA GLN C 450 -27.86 -25.39 -35.33
C GLN C 450 -27.07 -24.71 -36.47
N ILE C 451 -27.79 -24.15 -37.45
CA ILE C 451 -27.12 -23.55 -38.61
C ILE C 451 -27.67 -22.16 -38.88
N PRO C 452 -26.98 -21.12 -38.38
CA PRO C 452 -27.33 -19.74 -38.72
C PRO C 452 -27.46 -19.53 -40.24
N VAL C 453 -28.49 -18.80 -40.69
CA VAL C 453 -28.74 -18.69 -42.13
C VAL C 453 -27.72 -17.74 -42.77
N VAL C 454 -27.06 -16.96 -41.92
CA VAL C 454 -25.98 -16.10 -42.35
C VAL C 454 -24.77 -16.90 -42.88
N LYS C 455 -24.77 -18.22 -42.61
CA LYS C 455 -23.71 -19.13 -43.12
C LYS C 455 -23.95 -19.64 -44.55
N ALA C 456 -24.71 -18.87 -45.33
CA ALA C 456 -25.02 -19.20 -46.71
C ALA C 456 -23.86 -18.97 -47.61
N SER C 457 -23.90 -19.55 -48.80
CA SER C 457 -22.86 -19.36 -49.79
C SER C 457 -23.12 -18.08 -50.58
N ASP C 458 -24.37 -17.61 -50.54
CA ASP C 458 -24.83 -16.49 -51.38
C ASP C 458 -26.14 -15.97 -50.85
N GLY C 459 -26.82 -15.14 -51.65
CA GLY C 459 -28.14 -14.62 -51.34
C GLY C 459 -28.01 -13.26 -50.66
N PRO C 460 -29.10 -12.81 -50.01
CA PRO C 460 -29.13 -11.47 -49.37
C PRO C 460 -28.22 -11.30 -48.14
N LYS C 461 -27.70 -10.08 -47.94
CA LYS C 461 -26.94 -9.70 -46.74
C LYS C 461 -27.87 -9.46 -45.55
N PRO C 462 -27.35 -9.59 -44.32
CA PRO C 462 -28.18 -9.15 -43.20
C PRO C 462 -28.43 -7.64 -43.30
N SER C 463 -29.54 -7.17 -42.74
CA SER C 463 -29.77 -5.74 -42.81
C SER C 463 -29.05 -5.00 -41.66
N ALA C 464 -28.94 -3.68 -41.82
CA ALA C 464 -28.08 -2.87 -40.96
C ALA C 464 -28.85 -2.51 -39.67
N ASN C 465 -28.97 -3.53 -38.83
CA ASN C 465 -29.48 -3.35 -37.47
C ASN C 465 -28.82 -4.38 -36.56
N GLU C 466 -29.09 -4.30 -35.25
CA GLU C 466 -28.42 -5.16 -34.24
C GLU C 466 -29.39 -6.09 -33.51
N VAL C 467 -30.37 -6.61 -34.24
CA VAL C 467 -31.29 -7.60 -33.70
C VAL C 467 -30.48 -8.85 -33.31
N GLY C 468 -29.33 -9.02 -34.01
CA GLY C 468 -28.37 -10.08 -33.74
C GLY C 468 -27.80 -10.15 -32.33
N HIS C 469 -27.90 -9.05 -31.57
CA HIS C 469 -27.46 -9.02 -30.19
C HIS C 469 -28.02 -10.20 -29.39
N TYR C 470 -29.21 -10.66 -29.78
CA TYR C 470 -29.93 -11.78 -29.09
C TYR C 470 -29.50 -13.17 -29.57
N LEU C 471 -28.81 -13.20 -30.70
CA LEU C 471 -28.67 -14.38 -31.54
C LEU C 471 -27.24 -14.93 -31.76
N GLY C 472 -26.20 -14.13 -31.44
CA GLY C 472 -24.81 -14.55 -31.58
C GLY C 472 -24.25 -14.26 -32.96
N GLY C 473 -24.94 -13.42 -33.71
CA GLY C 473 -24.60 -13.07 -35.08
C GLY C 473 -25.86 -12.58 -35.78
N ASP C 474 -25.73 -12.14 -37.02
CA ASP C 474 -26.81 -11.44 -37.71
C ASP C 474 -27.83 -12.40 -38.32
N PRO C 475 -29.13 -12.07 -38.23
CA PRO C 475 -30.16 -12.81 -38.98
C PRO C 475 -30.33 -12.23 -40.41
N ILE C 476 -31.10 -12.93 -41.25
CA ILE C 476 -31.50 -12.45 -42.55
C ILE C 476 -32.99 -12.06 -42.50
N SER C 477 -33.33 -10.89 -43.02
CA SER C 477 -34.73 -10.48 -42.91
C SER C 477 -35.39 -10.23 -44.28
N PHE C 478 -36.72 -10.21 -44.24
CA PHE C 478 -37.53 -10.06 -45.45
C PHE C 478 -38.67 -9.12 -45.17
N ASN C 479 -38.86 -8.13 -46.05
CA ASN C 479 -40.05 -7.24 -45.99
C ASN C 479 -41.10 -7.67 -46.99
N SER C 480 -40.74 -8.69 -47.78
CA SER C 480 -41.63 -9.37 -48.74
C SER C 480 -41.00 -10.74 -49.14
N SER C 481 -41.69 -11.47 -49.99
CA SER C 481 -41.22 -12.76 -50.52
C SER C 481 -39.75 -12.76 -50.84
N GLY C 482 -39.10 -13.86 -50.50
CA GLY C 482 -37.69 -14.01 -50.78
C GLY C 482 -37.16 -15.29 -50.18
N SER C 483 -35.87 -15.55 -50.40
CA SER C 483 -35.23 -16.75 -49.87
C SER C 483 -33.87 -16.38 -49.31
N THR C 484 -33.44 -17.16 -48.32
CA THR C 484 -32.02 -17.24 -47.93
C THR C 484 -31.22 -17.68 -49.15
N GLY C 485 -29.91 -17.44 -49.12
CA GLY C 485 -29.05 -18.01 -50.14
C GLY C 485 -29.04 -19.53 -49.90
N VAL C 486 -28.38 -20.23 -50.81
CA VAL C 486 -28.18 -21.66 -50.67
C VAL C 486 -27.10 -21.90 -49.60
N ILE C 487 -27.46 -22.68 -48.60
CA ILE C 487 -26.55 -23.07 -47.54
C ILE C 487 -25.93 -24.40 -47.91
N ARG C 488 -24.63 -24.40 -48.17
CA ARG C 488 -23.87 -25.63 -48.47
C ARG C 488 -23.53 -26.38 -47.21
N LEU C 489 -23.87 -27.66 -47.20
CA LEU C 489 -23.83 -28.51 -46.01
C LEU C 489 -22.98 -29.74 -46.23
N ASN C 490 -22.37 -30.26 -45.16
CA ASN C 490 -21.63 -31.54 -45.20
C ASN C 490 -22.27 -32.49 -44.21
N ILE C 491 -22.95 -33.50 -44.75
CA ILE C 491 -23.80 -34.37 -43.97
C ILE C 491 -22.97 -35.58 -43.52
N ASN C 492 -22.87 -35.75 -42.21
CA ASN C 492 -22.23 -36.91 -41.61
C ASN C 492 -23.04 -38.20 -41.90
N SER C 493 -22.36 -39.34 -41.91
CA SER C 493 -23.00 -40.66 -42.02
C SER C 493 -23.92 -40.95 -40.86
N PRO C 494 -24.99 -41.73 -41.11
CA PRO C 494 -25.35 -42.28 -42.43
C PRO C 494 -26.37 -41.43 -43.17
N LEU C 495 -26.28 -41.41 -44.49
CA LEU C 495 -27.18 -40.59 -45.32
C LEU C 495 -28.66 -41.01 -45.31
N SER C 496 -28.93 -42.22 -44.79
CA SER C 496 -30.27 -42.72 -44.61
C SER C 496 -30.95 -42.15 -43.36
N GLN C 497 -30.19 -41.41 -42.54
CA GLN C 497 -30.74 -40.74 -41.36
C GLN C 497 -31.84 -39.71 -41.71
N LYS C 498 -32.96 -39.81 -40.98
CA LYS C 498 -34.08 -38.90 -41.14
C LYS C 498 -33.94 -37.72 -40.20
N TYR C 499 -34.28 -36.54 -40.72
CA TYR C 499 -34.23 -35.28 -39.98
C TYR C 499 -35.53 -34.51 -40.09
N ARG C 500 -35.94 -33.91 -38.98
CA ARG C 500 -36.95 -32.85 -39.01
C ARG C 500 -36.32 -31.47 -38.80
N VAL C 501 -36.94 -30.47 -39.39
CA VAL C 501 -36.44 -29.12 -39.34
C VAL C 501 -37.34 -28.23 -38.46
N ARG C 502 -36.71 -27.36 -37.66
CA ARG C 502 -37.43 -26.21 -37.12
C ARG C 502 -36.63 -24.95 -37.38
N ILE C 503 -37.32 -23.82 -37.57
CA ILE C 503 -36.69 -22.58 -37.99
C ILE C 503 -36.98 -21.54 -36.91
N ARG C 504 -35.90 -20.99 -36.34
CA ARG C 504 -36.06 -19.94 -35.36
C ARG C 504 -36.28 -18.61 -36.07
N TYR C 505 -37.41 -17.97 -35.77
CA TYR C 505 -37.72 -16.72 -36.46
C TYR C 505 -38.26 -15.66 -35.52
N CYS C 506 -38.30 -14.43 -36.03
CA CYS C 506 -39.07 -13.32 -35.48
C CYS C 506 -39.84 -12.60 -36.64
N SER C 507 -41.18 -12.47 -36.51
CA SER C 507 -41.98 -11.73 -37.51
C SER C 507 -43.13 -10.90 -36.97
N SER C 508 -43.40 -9.81 -37.66
CA SER C 508 -44.62 -9.05 -37.36
C SER C 508 -45.76 -9.43 -38.32
N VAL C 509 -45.62 -10.55 -39.06
CA VAL C 509 -46.68 -11.04 -39.97
C VAL C 509 -46.86 -12.56 -39.94
N ASP C 510 -48.05 -13.10 -40.27
CA ASP C 510 -48.10 -14.52 -40.61
C ASP C 510 -47.45 -14.72 -41.99
N PHE C 511 -46.97 -15.93 -42.27
CA PHE C 511 -46.23 -16.17 -43.52
C PHE C 511 -46.20 -17.69 -43.83
N ASP C 512 -45.95 -18.04 -45.10
CA ASP C 512 -45.63 -19.41 -45.48
C ASP C 512 -44.12 -19.54 -45.52
N LEU C 513 -43.66 -20.70 -45.10
CA LEU C 513 -42.25 -21.02 -45.17
C LEU C 513 -42.08 -22.36 -45.86
N ASP C 514 -41.24 -22.42 -46.90
CA ASP C 514 -40.77 -23.72 -47.37
C ASP C 514 -39.29 -23.99 -47.16
N VAL C 515 -38.99 -25.26 -46.89
CA VAL C 515 -37.65 -25.78 -46.72
C VAL C 515 -37.33 -26.48 -48.01
N VAL C 516 -36.27 -26.05 -48.68
CA VAL C 516 -35.85 -26.65 -49.92
C VAL C 516 -34.50 -27.36 -49.70
N ARG C 517 -34.54 -28.69 -49.81
CA ARG C 517 -33.35 -29.51 -49.69
C ARG C 517 -32.88 -30.00 -51.08
N GLY C 518 -31.69 -29.60 -51.49
CA GLY C 518 -31.12 -30.06 -52.77
C GLY C 518 -32.05 -29.70 -53.94
N GLY C 519 -32.39 -28.42 -54.02
CA GLY C 519 -33.30 -27.96 -55.08
C GLY C 519 -34.78 -28.27 -54.93
N THR C 520 -35.15 -29.31 -54.19
CA THR C 520 -36.59 -29.66 -54.07
C THR C 520 -37.18 -29.43 -52.67
N THR C 521 -38.46 -29.06 -52.61
CA THR C 521 -39.12 -28.69 -51.34
C THR C 521 -39.41 -29.94 -50.50
N VAL C 522 -39.11 -29.90 -49.20
CA VAL C 522 -39.38 -31.01 -48.29
C VAL C 522 -40.39 -30.72 -47.18
N ASN C 523 -40.66 -29.43 -46.94
CA ASN C 523 -41.60 -28.99 -45.89
C ASN C 523 -42.18 -27.64 -46.29
N ASN C 524 -43.45 -27.44 -45.95
CA ASN C 524 -44.23 -26.22 -46.31
C ASN C 524 -45.30 -26.03 -45.24
N GLY C 525 -45.41 -24.83 -44.69
CA GLY C 525 -46.41 -24.58 -43.66
C GLY C 525 -46.65 -23.10 -43.53
N ARG C 526 -47.73 -22.74 -42.85
CA ARG C 526 -48.00 -21.35 -42.55
C ARG C 526 -47.76 -21.14 -41.07
N PHE C 527 -47.19 -20.00 -40.70
CA PHE C 527 -46.79 -19.74 -39.30
C PHE C 527 -47.18 -18.37 -38.84
N ASN C 528 -47.38 -18.23 -37.52
CA ASN C 528 -47.92 -17.02 -36.94
C ASN C 528 -46.85 -15.93 -36.61
N LYS C 529 -47.26 -14.69 -36.73
CA LYS C 529 -46.50 -13.58 -36.28
C LYS C 529 -46.18 -13.74 -34.78
N SER C 530 -45.04 -13.17 -34.38
CA SER C 530 -44.51 -13.35 -33.03
C SER C 530 -44.16 -12.01 -32.43
N ALA C 531 -44.34 -10.94 -33.19
CA ALA C 531 -43.90 -9.61 -32.78
C ALA C 531 -44.92 -8.55 -33.18
N PRO C 532 -45.09 -7.50 -32.37
CA PRO C 532 -45.87 -6.36 -32.87
C PRO C 532 -45.06 -5.54 -33.86
N ASN C 533 -45.67 -4.46 -34.36
CA ASN C 533 -45.02 -3.63 -35.37
C ASN C 533 -44.28 -2.49 -34.68
N VAL C 534 -43.02 -2.74 -34.36
CA VAL C 534 -42.15 -1.81 -33.64
C VAL C 534 -40.84 -1.70 -34.38
N GLY C 535 -40.02 -0.72 -34.00
CA GLY C 535 -38.66 -0.58 -34.51
C GLY C 535 -37.79 -1.73 -34.03
N TRP C 536 -36.74 -2.04 -34.80
CA TRP C 536 -35.88 -3.18 -34.51
C TRP C 536 -35.39 -3.23 -33.04
N GLN C 537 -35.15 -2.04 -32.46
CA GLN C 537 -34.56 -1.91 -31.12
C GLN C 537 -35.46 -2.44 -30.05
N SER C 538 -36.74 -2.53 -30.35
CA SER C 538 -37.76 -2.93 -29.38
C SER C 538 -38.08 -4.42 -29.43
N LEU C 539 -37.65 -5.10 -30.50
CA LEU C 539 -37.77 -6.54 -30.57
C LEU C 539 -37.01 -7.15 -29.39
N LYS C 540 -37.61 -8.15 -28.76
CA LYS C 540 -37.03 -8.71 -27.57
C LYS C 540 -37.15 -10.22 -27.53
N TYR C 541 -36.54 -10.82 -26.51
CA TYR C 541 -36.43 -12.27 -26.41
C TYR C 541 -37.72 -13.04 -26.86
N GLU C 542 -38.86 -12.63 -26.36
CA GLU C 542 -40.14 -13.33 -26.48
C GLU C 542 -40.71 -13.34 -27.91
N ASN C 543 -40.18 -12.45 -28.74
CA ASN C 543 -40.58 -12.33 -30.11
C ASN C 543 -39.87 -13.37 -31.00
N PHE C 544 -38.99 -14.20 -30.41
CA PHE C 544 -38.36 -15.28 -31.18
C PHE C 544 -39.11 -16.56 -30.93
N LYS C 545 -39.47 -17.23 -32.02
CA LYS C 545 -40.32 -18.43 -31.95
C LYS C 545 -39.81 -19.50 -32.93
N PHE C 546 -40.26 -20.74 -32.78
CA PHE C 546 -39.93 -21.77 -33.78
C PHE C 546 -41.06 -22.03 -34.76
N ALA C 547 -40.71 -22.12 -36.04
CA ALA C 547 -41.56 -22.75 -37.04
C ALA C 547 -41.07 -24.19 -37.12
N SER C 548 -41.83 -25.10 -36.53
CA SER C 548 -41.37 -26.44 -36.29
C SER C 548 -42.20 -27.50 -37.03
N PHE C 549 -41.57 -28.23 -37.96
CA PHE C 549 -42.27 -29.18 -38.83
C PHE C 549 -42.22 -30.60 -38.28
N SER C 550 -43.23 -31.40 -38.63
CA SER C 550 -43.29 -32.78 -38.14
C SER C 550 -42.90 -33.86 -39.16
N THR C 551 -43.01 -33.56 -40.44
CA THR C 551 -42.73 -34.57 -41.45
C THR C 551 -41.23 -34.57 -41.73
N PRO C 552 -40.57 -35.72 -41.57
CA PRO C 552 -39.10 -35.72 -41.68
C PRO C 552 -38.66 -35.92 -43.14
N PHE C 553 -37.37 -35.80 -43.41
CA PHE C 553 -36.80 -36.08 -44.73
C PHE C 553 -35.36 -36.56 -44.57
N THR C 554 -34.75 -36.96 -45.68
CA THR C 554 -33.37 -37.41 -45.72
C THR C 554 -32.66 -36.50 -46.73
N PHE C 555 -31.35 -36.35 -46.54
CA PHE C 555 -30.51 -35.73 -47.55
C PHE C 555 -30.20 -36.69 -48.66
N ASN C 556 -30.00 -36.15 -49.86
CA ASN C 556 -29.67 -36.95 -51.03
C ASN C 556 -28.23 -37.49 -51.05
N GLN C 557 -27.26 -36.68 -50.64
CA GLN C 557 -25.83 -37.07 -50.60
C GLN C 557 -25.05 -36.25 -49.57
N ALA C 558 -23.75 -36.55 -49.43
CA ALA C 558 -22.90 -35.99 -48.38
C ALA C 558 -22.70 -34.47 -48.50
N GLN C 559 -22.66 -33.97 -49.73
CA GLN C 559 -22.64 -32.52 -50.00
C GLN C 559 -24.00 -32.11 -50.49
N ASP C 560 -24.78 -31.55 -49.60
CA ASP C 560 -26.13 -31.21 -49.94
C ASP C 560 -26.33 -29.71 -49.70
N THR C 561 -27.58 -29.26 -49.87
CA THR C 561 -27.93 -27.86 -49.68
C THR C 561 -29.25 -27.71 -48.97
N LEU C 562 -29.38 -26.58 -48.28
CA LEU C 562 -30.65 -26.21 -47.68
C LEU C 562 -30.96 -24.76 -48.07
N LYS C 563 -32.23 -24.50 -48.33
CA LYS C 563 -32.69 -23.15 -48.58
C LYS C 563 -34.05 -22.92 -47.94
N ILE C 564 -34.23 -21.75 -47.36
CA ILE C 564 -35.54 -21.37 -46.79
C ILE C 564 -36.17 -20.23 -47.61
N SER C 565 -37.43 -20.45 -48.03
CA SER C 565 -38.20 -19.42 -48.74
C SER C 565 -39.36 -18.97 -47.90
N VAL C 566 -39.65 -17.69 -47.94
CA VAL C 566 -40.80 -17.19 -47.19
C VAL C 566 -41.70 -16.48 -48.18
N ARG C 567 -43.01 -16.62 -48.03
CA ARG C 567 -43.95 -15.96 -48.93
C ARG C 567 -45.34 -15.85 -48.35
N ASN C 568 -46.23 -15.21 -49.12
CA ASN C 568 -47.60 -14.96 -48.70
C ASN C 568 -47.67 -14.31 -47.34
N PHE C 569 -46.95 -13.21 -47.16
CA PHE C 569 -47.01 -12.43 -45.91
C PHE C 569 -48.46 -11.96 -45.71
N SER C 570 -49.02 -12.10 -44.51
CA SER C 570 -50.29 -11.48 -44.28
C SER C 570 -50.23 -9.99 -44.67
N SER C 571 -49.04 -9.39 -44.61
CA SER C 571 -48.80 -8.00 -44.99
C SER C 571 -47.35 -7.74 -45.44
N ILE C 572 -47.18 -6.91 -46.47
CA ILE C 572 -45.87 -6.53 -46.95
C ILE C 572 -45.63 -5.00 -46.86
N VAL C 573 -46.28 -4.34 -45.92
CA VAL C 573 -46.32 -2.89 -45.84
C VAL C 573 -46.16 -2.49 -44.39
N GLY C 574 -45.93 -1.20 -44.19
CA GLY C 574 -45.82 -0.60 -42.86
C GLY C 574 -44.59 -1.06 -42.09
N GLY C 575 -43.55 -1.50 -42.78
CA GLY C 575 -42.42 -2.17 -42.13
C GLY C 575 -42.63 -3.61 -41.64
N SER C 576 -43.66 -4.31 -42.12
CA SER C 576 -43.82 -5.75 -41.90
C SER C 576 -42.51 -6.49 -42.21
N VAL C 577 -42.15 -7.49 -41.40
CA VAL C 577 -40.80 -8.05 -41.49
C VAL C 577 -40.74 -9.47 -40.97
N VAL C 578 -40.03 -10.33 -41.68
CA VAL C 578 -39.68 -11.65 -41.15
C VAL C 578 -38.17 -11.73 -41.00
N TYR C 579 -37.73 -12.01 -39.77
CA TYR C 579 -36.34 -12.38 -39.49
C TYR C 579 -36.18 -13.90 -39.39
N ILE C 580 -35.22 -14.42 -40.11
CA ILE C 580 -34.85 -15.82 -39.95
C ILE C 580 -33.48 -15.86 -39.30
N ASP C 581 -33.40 -16.52 -38.14
CA ASP C 581 -32.17 -16.56 -37.37
C ASP C 581 -31.33 -17.78 -37.75
N ARG C 582 -31.91 -18.97 -37.57
CA ARG C 582 -31.21 -20.22 -37.84
C ARG C 582 -32.17 -21.37 -38.15
N ILE C 583 -31.66 -22.34 -38.92
CA ILE C 583 -32.27 -23.65 -39.11
C ILE C 583 -31.78 -24.64 -37.99
N GLU C 584 -32.65 -25.50 -37.48
CA GLU C 584 -32.18 -26.57 -36.59
C GLU C 584 -32.62 -27.88 -37.18
N LEU C 585 -31.67 -28.81 -37.27
CA LEU C 585 -31.95 -30.16 -37.73
C LEU C 585 -31.97 -31.11 -36.54
N ILE C 586 -33.11 -31.80 -36.38
CA ILE C 586 -33.30 -32.77 -35.32
C ILE C 586 -33.36 -34.21 -35.88
N PRO C 587 -32.38 -35.09 -35.52
CA PRO C 587 -32.43 -36.48 -36.03
C PRO C 587 -33.64 -37.24 -35.52
N VAL C 588 -34.31 -37.99 -36.38
CA VAL C 588 -35.56 -38.67 -36.03
C VAL C 588 -35.44 -40.20 -36.14
N ASN C 589 -35.89 -40.92 -35.11
CA ASN C 589 -35.92 -42.41 -35.13
C ASN C 589 -36.99 -42.99 -36.09
#